data_3MDP
# 
_entry.id   3MDP 
# 
_audit_conform.dict_name       mmcif_pdbx.dic 
_audit_conform.dict_version    5.398 
_audit_conform.dict_location   http://mmcif.pdb.org/dictionaries/ascii/mmcif_pdbx.dic 
# 
loop_
_database_2.database_id 
_database_2.database_code 
_database_2.pdbx_database_accession 
_database_2.pdbx_DOI 
PDB   3MDP         pdb_00003mdp 10.2210/pdb3mdp/pdb 
RCSB  RCSB058417   ?            ?                   
WWPDB D_1000058417 ?            ?                   
# 
loop_
_pdbx_audit_revision_history.ordinal 
_pdbx_audit_revision_history.data_content_type 
_pdbx_audit_revision_history.major_revision 
_pdbx_audit_revision_history.minor_revision 
_pdbx_audit_revision_history.revision_date 
1 'Structure model' 1 0 2010-05-19 
2 'Structure model' 1 1 2011-07-13 
3 'Structure model' 1 2 2017-11-08 
4 'Structure model' 1 3 2019-07-17 
5 'Structure model' 1 4 2023-02-01 
6 'Structure model' 1 5 2024-11-06 
# 
_pdbx_audit_revision_details.ordinal             1 
_pdbx_audit_revision_details.revision_ordinal    1 
_pdbx_audit_revision_details.data_content_type   'Structure model' 
_pdbx_audit_revision_details.provider            repository 
_pdbx_audit_revision_details.type                'Initial release' 
_pdbx_audit_revision_details.description         ? 
_pdbx_audit_revision_details.details             ? 
# 
loop_
_pdbx_audit_revision_group.ordinal 
_pdbx_audit_revision_group.revision_ordinal 
_pdbx_audit_revision_group.data_content_type 
_pdbx_audit_revision_group.group 
1  2 'Structure model' Advisory                    
2  2 'Structure model' 'Version format compliance' 
3  3 'Structure model' 'Refinement description'    
4  4 'Structure model' 'Data collection'           
5  4 'Structure model' 'Derived calculations'      
6  4 'Structure model' 'Refinement description'    
7  5 'Structure model' 'Database references'       
8  5 'Structure model' 'Derived calculations'      
9  6 'Structure model' 'Data collection'           
10 6 'Structure model' 'Structure summary'         
# 
loop_
_pdbx_audit_revision_category.ordinal 
_pdbx_audit_revision_category.revision_ordinal 
_pdbx_audit_revision_category.data_content_type 
_pdbx_audit_revision_category.category 
1  3 'Structure model' software                  
2  4 'Structure model' software                  
3  4 'Structure model' struct_conn               
4  5 'Structure model' database_2                
5  5 'Structure model' struct_ref_seq_dif        
6  5 'Structure model' struct_site               
7  6 'Structure model' chem_comp_atom            
8  6 'Structure model' chem_comp_bond            
9  6 'Structure model' pdbx_entry_details        
10 6 'Structure model' pdbx_modification_feature 
# 
loop_
_pdbx_audit_revision_item.ordinal 
_pdbx_audit_revision_item.revision_ordinal 
_pdbx_audit_revision_item.data_content_type 
_pdbx_audit_revision_item.item 
1  3 'Structure model' '_software.classification'                     
2  3 'Structure model' '_software.name'                               
3  4 'Structure model' '_software.classification'                     
4  4 'Structure model' '_software.contact_author'                     
5  4 'Structure model' '_software.contact_author_email'               
6  4 'Structure model' '_software.language'                           
7  4 'Structure model' '_software.location'                           
8  4 'Structure model' '_software.name'                               
9  4 'Structure model' '_software.type'                               
10 4 'Structure model' '_software.version'                            
11 4 'Structure model' '_struct_conn.pdbx_leaving_atom_flag'          
12 5 'Structure model' '_database_2.pdbx_DOI'                         
13 5 'Structure model' '_database_2.pdbx_database_accession'          
14 5 'Structure model' '_struct_ref_seq_dif.details'                  
15 5 'Structure model' '_struct_site.pdbx_auth_asym_id'               
16 5 'Structure model' '_struct_site.pdbx_auth_comp_id'               
17 5 'Structure model' '_struct_site.pdbx_auth_seq_id'                
18 6 'Structure model' '_pdbx_entry_details.has_protein_modification' 
# 
_pdbx_database_status.SG_entry                        Y 
_pdbx_database_status.entry_id                        3MDP 
_pdbx_database_status.deposit_site                    RCSB 
_pdbx_database_status.process_site                    RCSB 
_pdbx_database_status.recvd_initial_deposition_date   2010-03-30 
_pdbx_database_status.status_code                     REL 
_pdbx_database_status.status_code_sf                  REL 
_pdbx_database_status.status_code_mr                  ? 
_pdbx_database_status.pdb_format_compatible           Y 
_pdbx_database_status.status_code_cs                  ? 
_pdbx_database_status.methods_development_category    ? 
_pdbx_database_status.status_code_nmr_data            ? 
# 
_pdbx_database_related.db_name        TargetDB 
_pdbx_database_related.db_id          402929 
_pdbx_database_related.details        . 
_pdbx_database_related.content_type   unspecified 
# 
_audit_author.name           'Joint Center for Structural Genomics (JCSG)' 
_audit_author.pdbx_ordinal   1 
# 
_citation.id                        primary 
_citation.title                     
;Crystal structure of a Putative Cyclic nucleotide-binding protein (Gmet_1532) from Geobacter metallireducens GS-15 at 1.90 A resolution
;
_citation.journal_abbrev            'To be published' 
_citation.journal_volume            ? 
_citation.page_first                ? 
_citation.page_last                 ? 
_citation.year                      ? 
_citation.journal_id_ASTM           ? 
_citation.country                   ? 
_citation.journal_id_ISSN           ? 
_citation.journal_id_CSD            0353 
_citation.book_publisher            ? 
_citation.pdbx_database_id_PubMed   ? 
_citation.pdbx_database_id_DOI      ? 
# 
_citation_author.citation_id        primary 
_citation_author.name               'Joint Center for Structural Genomics (JCSG)' 
_citation_author.ordinal            1 
_citation_author.identifier_ORCID   ? 
# 
loop_
_entity.id 
_entity.type 
_entity.src_method 
_entity.pdbx_description 
_entity.formula_weight 
_entity.pdbx_number_of_molecules 
_entity.pdbx_ec 
_entity.pdbx_mutation 
_entity.pdbx_fragment 
_entity.details 
1 polymer     man 'Cyclic nucleotide-binding domain (CNMP-BD) protein' 15481.044 1   ? ? ? ? 
2 non-polymer syn 'SUCCINIC ACID'                                      118.088   1   ? ? ? ? 
3 non-polymer syn 1,2-ETHANEDIOL                                       62.068    1   ? ? ? ? 
4 water       nat water                                                18.015    127 ? ? ? ? 
# 
_entity_poly.entity_id                      1 
_entity_poly.type                           'polypeptide(L)' 
_entity_poly.nstd_linkage                   no 
_entity_poly.nstd_monomer                   yes 
_entity_poly.pdbx_seq_one_letter_code       
;G(MSE)ISPERLRVYRFFASLTDEQLKDIALISEEKSFPTGSVIFKENSKADNL(MSE)LLLEGGVELFYSNGGAGSAAN
STVCSVVPGAIFGVSSLIKPYHYTSSARATKPVRVVDINGARLRE(MSE)SENNQALGQVL(MSE)NNVAAAVLARLH
;
_entity_poly.pdbx_seq_one_letter_code_can   
;GMISPERLRVYRFFASLTDEQLKDIALISEEKSFPTGSVIFKENSKADNLMLLLEGGVELFYSNGGAGSAANSTVCSVVP
GAIFGVSSLIKPYHYTSSARATKPVRVVDINGARLREMSENNQALGQVLMNNVAAAVLARLH
;
_entity_poly.pdbx_strand_id                 A 
_entity_poly.pdbx_target_identifier         402929 
# 
loop_
_pdbx_entity_nonpoly.entity_id 
_pdbx_entity_nonpoly.name 
_pdbx_entity_nonpoly.comp_id 
2 'SUCCINIC ACID' SIN 
3 1,2-ETHANEDIOL  EDO 
4 water           HOH 
# 
loop_
_entity_poly_seq.entity_id 
_entity_poly_seq.num 
_entity_poly_seq.mon_id 
_entity_poly_seq.hetero 
1 1   GLY n 
1 2   MSE n 
1 3   ILE n 
1 4   SER n 
1 5   PRO n 
1 6   GLU n 
1 7   ARG n 
1 8   LEU n 
1 9   ARG n 
1 10  VAL n 
1 11  TYR n 
1 12  ARG n 
1 13  PHE n 
1 14  PHE n 
1 15  ALA n 
1 16  SER n 
1 17  LEU n 
1 18  THR n 
1 19  ASP n 
1 20  GLU n 
1 21  GLN n 
1 22  LEU n 
1 23  LYS n 
1 24  ASP n 
1 25  ILE n 
1 26  ALA n 
1 27  LEU n 
1 28  ILE n 
1 29  SER n 
1 30  GLU n 
1 31  GLU n 
1 32  LYS n 
1 33  SER n 
1 34  PHE n 
1 35  PRO n 
1 36  THR n 
1 37  GLY n 
1 38  SER n 
1 39  VAL n 
1 40  ILE n 
1 41  PHE n 
1 42  LYS n 
1 43  GLU n 
1 44  ASN n 
1 45  SER n 
1 46  LYS n 
1 47  ALA n 
1 48  ASP n 
1 49  ASN n 
1 50  LEU n 
1 51  MSE n 
1 52  LEU n 
1 53  LEU n 
1 54  LEU n 
1 55  GLU n 
1 56  GLY n 
1 57  GLY n 
1 58  VAL n 
1 59  GLU n 
1 60  LEU n 
1 61  PHE n 
1 62  TYR n 
1 63  SER n 
1 64  ASN n 
1 65  GLY n 
1 66  GLY n 
1 67  ALA n 
1 68  GLY n 
1 69  SER n 
1 70  ALA n 
1 71  ALA n 
1 72  ASN n 
1 73  SER n 
1 74  THR n 
1 75  VAL n 
1 76  CYS n 
1 77  SER n 
1 78  VAL n 
1 79  VAL n 
1 80  PRO n 
1 81  GLY n 
1 82  ALA n 
1 83  ILE n 
1 84  PHE n 
1 85  GLY n 
1 86  VAL n 
1 87  SER n 
1 88  SER n 
1 89  LEU n 
1 90  ILE n 
1 91  LYS n 
1 92  PRO n 
1 93  TYR n 
1 94  HIS n 
1 95  TYR n 
1 96  THR n 
1 97  SER n 
1 98  SER n 
1 99  ALA n 
1 100 ARG n 
1 101 ALA n 
1 102 THR n 
1 103 LYS n 
1 104 PRO n 
1 105 VAL n 
1 106 ARG n 
1 107 VAL n 
1 108 VAL n 
1 109 ASP n 
1 110 ILE n 
1 111 ASN n 
1 112 GLY n 
1 113 ALA n 
1 114 ARG n 
1 115 LEU n 
1 116 ARG n 
1 117 GLU n 
1 118 MSE n 
1 119 SER n 
1 120 GLU n 
1 121 ASN n 
1 122 ASN n 
1 123 GLN n 
1 124 ALA n 
1 125 LEU n 
1 126 GLY n 
1 127 GLN n 
1 128 VAL n 
1 129 LEU n 
1 130 MSE n 
1 131 ASN n 
1 132 ASN n 
1 133 VAL n 
1 134 ALA n 
1 135 ALA n 
1 136 ALA n 
1 137 VAL n 
1 138 LEU n 
1 139 ALA n 
1 140 ARG n 
1 141 LEU n 
1 142 HIS n 
# 
_entity_src_gen.entity_id                          1 
_entity_src_gen.pdbx_src_id                        1 
_entity_src_gen.pdbx_alt_source_flag               sample 
_entity_src_gen.pdbx_seq_type                      ? 
_entity_src_gen.pdbx_beg_seq_num                   ? 
_entity_src_gen.pdbx_end_seq_num                   ? 
_entity_src_gen.gene_src_common_name               ? 
_entity_src_gen.gene_src_genus                     ? 
_entity_src_gen.pdbx_gene_src_gene                 Gmet_1532 
_entity_src_gen.gene_src_species                   ? 
_entity_src_gen.gene_src_strain                    'GS-15 / ATCC 53774 / DSM 7210' 
_entity_src_gen.gene_src_tissue                    ? 
_entity_src_gen.gene_src_tissue_fraction           ? 
_entity_src_gen.gene_src_details                   ? 
_entity_src_gen.pdbx_gene_src_fragment             ? 
_entity_src_gen.pdbx_gene_src_scientific_name      'Geobacter metallireducens' 
_entity_src_gen.pdbx_gene_src_ncbi_taxonomy_id     269799 
_entity_src_gen.pdbx_gene_src_variant              ? 
_entity_src_gen.pdbx_gene_src_cell_line            ? 
_entity_src_gen.pdbx_gene_src_atcc                 ? 
_entity_src_gen.pdbx_gene_src_organ                ? 
_entity_src_gen.pdbx_gene_src_organelle            ? 
_entity_src_gen.pdbx_gene_src_cell                 ? 
_entity_src_gen.pdbx_gene_src_cellular_location    ? 
_entity_src_gen.host_org_common_name               ? 
_entity_src_gen.pdbx_host_org_scientific_name      'Escherichia coli' 
_entity_src_gen.pdbx_host_org_ncbi_taxonomy_id     562 
_entity_src_gen.host_org_genus                     ? 
_entity_src_gen.pdbx_host_org_gene                 ? 
_entity_src_gen.pdbx_host_org_organ                ? 
_entity_src_gen.host_org_species                   ? 
_entity_src_gen.pdbx_host_org_tissue               ? 
_entity_src_gen.pdbx_host_org_tissue_fraction      ? 
_entity_src_gen.pdbx_host_org_strain               HK100 
_entity_src_gen.pdbx_host_org_variant              ? 
_entity_src_gen.pdbx_host_org_cell_line            ? 
_entity_src_gen.pdbx_host_org_atcc                 ? 
_entity_src_gen.pdbx_host_org_culture_collection   ? 
_entity_src_gen.pdbx_host_org_cell                 ? 
_entity_src_gen.pdbx_host_org_organelle            ? 
_entity_src_gen.pdbx_host_org_cellular_location    ? 
_entity_src_gen.pdbx_host_org_vector_type          Plasmid 
_entity_src_gen.pdbx_host_org_vector               ? 
_entity_src_gen.host_org_details                   ? 
_entity_src_gen.expression_system_id               ? 
_entity_src_gen.plasmid_name                       SpeedET 
_entity_src_gen.plasmid_details                    ? 
_entity_src_gen.pdbx_description                   ? 
# 
loop_
_chem_comp.id 
_chem_comp.type 
_chem_comp.mon_nstd_flag 
_chem_comp.name 
_chem_comp.pdbx_synonyms 
_chem_comp.formula 
_chem_comp.formula_weight 
ALA 'L-peptide linking' y ALANINE          ?                 'C3 H7 N O2'     89.093  
ARG 'L-peptide linking' y ARGININE         ?                 'C6 H15 N4 O2 1' 175.209 
ASN 'L-peptide linking' y ASPARAGINE       ?                 'C4 H8 N2 O3'    132.118 
ASP 'L-peptide linking' y 'ASPARTIC ACID'  ?                 'C4 H7 N O4'     133.103 
CYS 'L-peptide linking' y CYSTEINE         ?                 'C3 H7 N O2 S'   121.158 
EDO non-polymer         . 1,2-ETHANEDIOL   'ETHYLENE GLYCOL' 'C2 H6 O2'       62.068  
GLN 'L-peptide linking' y GLUTAMINE        ?                 'C5 H10 N2 O3'   146.144 
GLU 'L-peptide linking' y 'GLUTAMIC ACID'  ?                 'C5 H9 N O4'     147.129 
GLY 'peptide linking'   y GLYCINE          ?                 'C2 H5 N O2'     75.067  
HIS 'L-peptide linking' y HISTIDINE        ?                 'C6 H10 N3 O2 1' 156.162 
HOH non-polymer         . WATER            ?                 'H2 O'           18.015  
ILE 'L-peptide linking' y ISOLEUCINE       ?                 'C6 H13 N O2'    131.173 
LEU 'L-peptide linking' y LEUCINE          ?                 'C6 H13 N O2'    131.173 
LYS 'L-peptide linking' y LYSINE           ?                 'C6 H15 N2 O2 1' 147.195 
MSE 'L-peptide linking' n SELENOMETHIONINE ?                 'C5 H11 N O2 Se' 196.106 
PHE 'L-peptide linking' y PHENYLALANINE    ?                 'C9 H11 N O2'    165.189 
PRO 'L-peptide linking' y PROLINE          ?                 'C5 H9 N O2'     115.130 
SER 'L-peptide linking' y SERINE           ?                 'C3 H7 N O3'     105.093 
SIN non-polymer         . 'SUCCINIC ACID'  ?                 'C4 H6 O4'       118.088 
THR 'L-peptide linking' y THREONINE        ?                 'C4 H9 N O3'     119.119 
TYR 'L-peptide linking' y TYROSINE         ?                 'C9 H11 N O3'    181.189 
VAL 'L-peptide linking' y VALINE           ?                 'C5 H11 N O2'    117.146 
# 
loop_
_pdbx_poly_seq_scheme.asym_id 
_pdbx_poly_seq_scheme.entity_id 
_pdbx_poly_seq_scheme.seq_id 
_pdbx_poly_seq_scheme.mon_id 
_pdbx_poly_seq_scheme.ndb_seq_num 
_pdbx_poly_seq_scheme.pdb_seq_num 
_pdbx_poly_seq_scheme.auth_seq_num 
_pdbx_poly_seq_scheme.pdb_mon_id 
_pdbx_poly_seq_scheme.auth_mon_id 
_pdbx_poly_seq_scheme.pdb_strand_id 
_pdbx_poly_seq_scheme.pdb_ins_code 
_pdbx_poly_seq_scheme.hetero 
A 1 1   GLY 1   0   ?   ?   ?   A . n 
A 1 2   MSE 2   1   1   MSE MSE A . n 
A 1 3   ILE 3   2   2   ILE ILE A . n 
A 1 4   SER 4   3   3   SER SER A . n 
A 1 5   PRO 5   4   4   PRO PRO A . n 
A 1 6   GLU 6   5   5   GLU GLU A . n 
A 1 7   ARG 7   6   6   ARG ARG A . n 
A 1 8   LEU 8   7   7   LEU LEU A . n 
A 1 9   ARG 9   8   8   ARG ARG A . n 
A 1 10  VAL 10  9   9   VAL VAL A . n 
A 1 11  TYR 11  10  10  TYR TYR A . n 
A 1 12  ARG 12  11  11  ARG ARG A . n 
A 1 13  PHE 13  12  12  PHE PHE A . n 
A 1 14  PHE 14  13  13  PHE PHE A . n 
A 1 15  ALA 15  14  14  ALA ALA A . n 
A 1 16  SER 16  15  15  SER SER A . n 
A 1 17  LEU 17  16  16  LEU LEU A . n 
A 1 18  THR 18  17  17  THR THR A . n 
A 1 19  ASP 19  18  18  ASP ASP A . n 
A 1 20  GLU 20  19  19  GLU GLU A . n 
A 1 21  GLN 21  20  20  GLN GLN A . n 
A 1 22  LEU 22  21  21  LEU LEU A . n 
A 1 23  LYS 23  22  22  LYS LYS A . n 
A 1 24  ASP 24  23  23  ASP ASP A . n 
A 1 25  ILE 25  24  24  ILE ILE A . n 
A 1 26  ALA 26  25  25  ALA ALA A . n 
A 1 27  LEU 27  26  26  LEU LEU A . n 
A 1 28  ILE 28  27  27  ILE ILE A . n 
A 1 29  SER 29  28  28  SER SER A . n 
A 1 30  GLU 30  29  29  GLU GLU A . n 
A 1 31  GLU 31  30  30  GLU GLU A . n 
A 1 32  LYS 32  31  31  LYS LYS A . n 
A 1 33  SER 33  32  32  SER SER A . n 
A 1 34  PHE 34  33  33  PHE PHE A . n 
A 1 35  PRO 35  34  34  PRO PRO A . n 
A 1 36  THR 36  35  35  THR THR A . n 
A 1 37  GLY 37  36  36  GLY GLY A . n 
A 1 38  SER 38  37  37  SER SER A . n 
A 1 39  VAL 39  38  38  VAL VAL A . n 
A 1 40  ILE 40  39  39  ILE ILE A . n 
A 1 41  PHE 41  40  40  PHE PHE A . n 
A 1 42  LYS 42  41  41  LYS LYS A . n 
A 1 43  GLU 43  42  42  GLU GLU A . n 
A 1 44  ASN 44  43  43  ASN ASN A . n 
A 1 45  SER 45  44  44  SER SER A . n 
A 1 46  LYS 46  45  45  LYS LYS A . n 
A 1 47  ALA 47  46  46  ALA ALA A . n 
A 1 48  ASP 48  47  47  ASP ASP A . n 
A 1 49  ASN 49  48  48  ASN ASN A . n 
A 1 50  LEU 50  49  49  LEU LEU A . n 
A 1 51  MSE 51  50  50  MSE MSE A . n 
A 1 52  LEU 52  51  51  LEU LEU A . n 
A 1 53  LEU 53  52  52  LEU LEU A . n 
A 1 54  LEU 54  53  53  LEU LEU A . n 
A 1 55  GLU 55  54  54  GLU GLU A . n 
A 1 56  GLY 56  55  55  GLY GLY A . n 
A 1 57  GLY 57  56  56  GLY GLY A . n 
A 1 58  VAL 58  57  57  VAL VAL A . n 
A 1 59  GLU 59  58  58  GLU GLU A . n 
A 1 60  LEU 60  59  59  LEU LEU A . n 
A 1 61  PHE 61  60  60  PHE PHE A . n 
A 1 62  TYR 62  61  61  TYR TYR A . n 
A 1 63  SER 63  62  62  SER SER A . n 
A 1 64  ASN 64  63  ?   ?   ?   A . n 
A 1 65  GLY 65  64  ?   ?   ?   A . n 
A 1 66  GLY 66  65  ?   ?   ?   A . n 
A 1 67  ALA 67  66  ?   ?   ?   A . n 
A 1 68  GLY 68  67  ?   ?   ?   A . n 
A 1 69  SER 69  68  ?   ?   ?   A . n 
A 1 70  ALA 70  69  ?   ?   ?   A . n 
A 1 71  ALA 71  70  ?   ?   ?   A . n 
A 1 72  ASN 72  71  ?   ?   ?   A . n 
A 1 73  SER 73  72  72  SER SER A . n 
A 1 74  THR 74  73  73  THR THR A . n 
A 1 75  VAL 75  74  74  VAL VAL A . n 
A 1 76  CYS 76  75  75  CYS CYS A . n 
A 1 77  SER 77  76  76  SER SER A . n 
A 1 78  VAL 78  77  77  VAL VAL A . n 
A 1 79  VAL 79  78  78  VAL VAL A . n 
A 1 80  PRO 80  79  79  PRO PRO A . n 
A 1 81  GLY 81  80  80  GLY GLY A . n 
A 1 82  ALA 82  81  81  ALA ALA A . n 
A 1 83  ILE 83  82  82  ILE ILE A . n 
A 1 84  PHE 84  83  83  PHE PHE A . n 
A 1 85  GLY 85  84  84  GLY GLY A . n 
A 1 86  VAL 86  85  85  VAL VAL A . n 
A 1 87  SER 87  86  86  SER SER A . n 
A 1 88  SER 88  87  87  SER SER A . n 
A 1 89  LEU 89  88  88  LEU LEU A . n 
A 1 90  ILE 90  89  89  ILE ILE A . n 
A 1 91  LYS 91  90  90  LYS LYS A . n 
A 1 92  PRO 92  91  91  PRO PRO A . n 
A 1 93  TYR 93  92  92  TYR TYR A . n 
A 1 94  HIS 94  93  93  HIS HIS A . n 
A 1 95  TYR 95  94  94  TYR TYR A . n 
A 1 96  THR 96  95  95  THR THR A . n 
A 1 97  SER 97  96  96  SER SER A . n 
A 1 98  SER 98  97  97  SER SER A . n 
A 1 99  ALA 99  98  98  ALA ALA A . n 
A 1 100 ARG 100 99  99  ARG ARG A . n 
A 1 101 ALA 101 100 100 ALA ALA A . n 
A 1 102 THR 102 101 101 THR THR A . n 
A 1 103 LYS 103 102 102 LYS LYS A . n 
A 1 104 PRO 104 103 103 PRO PRO A . n 
A 1 105 VAL 105 104 104 VAL VAL A . n 
A 1 106 ARG 106 105 105 ARG ARG A . n 
A 1 107 VAL 107 106 106 VAL VAL A . n 
A 1 108 VAL 108 107 107 VAL VAL A . n 
A 1 109 ASP 109 108 108 ASP ASP A . n 
A 1 110 ILE 110 109 109 ILE ILE A . n 
A 1 111 ASN 111 110 110 ASN ASN A . n 
A 1 112 GLY 112 111 111 GLY GLY A . n 
A 1 113 ALA 113 112 112 ALA ALA A . n 
A 1 114 ARG 114 113 113 ARG ARG A . n 
A 1 115 LEU 115 114 114 LEU LEU A . n 
A 1 116 ARG 116 115 115 ARG ARG A . n 
A 1 117 GLU 117 116 116 GLU GLU A . n 
A 1 118 MSE 118 117 117 MSE MSE A . n 
A 1 119 SER 119 118 118 SER SER A . n 
A 1 120 GLU 120 119 119 GLU GLU A . n 
A 1 121 ASN 121 120 120 ASN ASN A . n 
A 1 122 ASN 122 121 121 ASN ASN A . n 
A 1 123 GLN 123 122 122 GLN GLN A . n 
A 1 124 ALA 124 123 123 ALA ALA A . n 
A 1 125 LEU 125 124 124 LEU LEU A . n 
A 1 126 GLY 126 125 125 GLY GLY A . n 
A 1 127 GLN 127 126 126 GLN GLN A . n 
A 1 128 VAL 128 127 127 VAL VAL A . n 
A 1 129 LEU 129 128 128 LEU LEU A . n 
A 1 130 MSE 130 129 129 MSE MSE A . n 
A 1 131 ASN 131 130 130 ASN ASN A . n 
A 1 132 ASN 132 131 131 ASN ASN A . n 
A 1 133 VAL 133 132 132 VAL VAL A . n 
A 1 134 ALA 134 133 133 ALA ALA A . n 
A 1 135 ALA 135 134 134 ALA ALA A . n 
A 1 136 ALA 136 135 135 ALA ALA A . n 
A 1 137 VAL 137 136 136 VAL VAL A . n 
A 1 138 LEU 138 137 137 LEU LEU A . n 
A 1 139 ALA 139 138 138 ALA ALA A . n 
A 1 140 ARG 140 139 139 ARG ARG A . n 
A 1 141 LEU 141 140 140 LEU LEU A . n 
A 1 142 HIS 142 141 141 HIS HIS A . n 
# 
loop_
_pdbx_nonpoly_scheme.asym_id 
_pdbx_nonpoly_scheme.entity_id 
_pdbx_nonpoly_scheme.mon_id 
_pdbx_nonpoly_scheme.ndb_seq_num 
_pdbx_nonpoly_scheme.pdb_seq_num 
_pdbx_nonpoly_scheme.auth_seq_num 
_pdbx_nonpoly_scheme.pdb_mon_id 
_pdbx_nonpoly_scheme.auth_mon_id 
_pdbx_nonpoly_scheme.pdb_strand_id 
_pdbx_nonpoly_scheme.pdb_ins_code 
B 2 SIN 1   142 1   SIN SIN A . 
C 3 EDO 1   143 2   EDO EDO A . 
D 4 HOH 1   144 3   HOH HOH A . 
D 4 HOH 2   145 4   HOH HOH A . 
D 4 HOH 3   146 5   HOH HOH A . 
D 4 HOH 4   147 6   HOH HOH A . 
D 4 HOH 5   148 7   HOH HOH A . 
D 4 HOH 6   149 8   HOH HOH A . 
D 4 HOH 7   150 9   HOH HOH A . 
D 4 HOH 8   151 10  HOH HOH A . 
D 4 HOH 9   152 11  HOH HOH A . 
D 4 HOH 10  153 12  HOH HOH A . 
D 4 HOH 11  154 13  HOH HOH A . 
D 4 HOH 12  155 14  HOH HOH A . 
D 4 HOH 13  156 15  HOH HOH A . 
D 4 HOH 14  157 16  HOH HOH A . 
D 4 HOH 15  158 17  HOH HOH A . 
D 4 HOH 16  159 18  HOH HOH A . 
D 4 HOH 17  160 19  HOH HOH A . 
D 4 HOH 18  161 20  HOH HOH A . 
D 4 HOH 19  162 21  HOH HOH A . 
D 4 HOH 20  163 22  HOH HOH A . 
D 4 HOH 21  164 23  HOH HOH A . 
D 4 HOH 22  165 24  HOH HOH A . 
D 4 HOH 23  166 25  HOH HOH A . 
D 4 HOH 24  167 26  HOH HOH A . 
D 4 HOH 25  168 27  HOH HOH A . 
D 4 HOH 26  169 28  HOH HOH A . 
D 4 HOH 27  170 29  HOH HOH A . 
D 4 HOH 28  171 30  HOH HOH A . 
D 4 HOH 29  172 31  HOH HOH A . 
D 4 HOH 30  173 32  HOH HOH A . 
D 4 HOH 31  174 33  HOH HOH A . 
D 4 HOH 32  175 34  HOH HOH A . 
D 4 HOH 33  176 35  HOH HOH A . 
D 4 HOH 34  177 36  HOH HOH A . 
D 4 HOH 35  178 37  HOH HOH A . 
D 4 HOH 36  179 38  HOH HOH A . 
D 4 HOH 37  180 39  HOH HOH A . 
D 4 HOH 38  181 40  HOH HOH A . 
D 4 HOH 39  182 41  HOH HOH A . 
D 4 HOH 40  183 42  HOH HOH A . 
D 4 HOH 41  184 43  HOH HOH A . 
D 4 HOH 42  185 44  HOH HOH A . 
D 4 HOH 43  186 45  HOH HOH A . 
D 4 HOH 44  187 46  HOH HOH A . 
D 4 HOH 45  188 47  HOH HOH A . 
D 4 HOH 46  189 48  HOH HOH A . 
D 4 HOH 47  190 49  HOH HOH A . 
D 4 HOH 48  191 50  HOH HOH A . 
D 4 HOH 49  192 51  HOH HOH A . 
D 4 HOH 50  193 52  HOH HOH A . 
D 4 HOH 51  194 53  HOH HOH A . 
D 4 HOH 52  195 54  HOH HOH A . 
D 4 HOH 53  196 55  HOH HOH A . 
D 4 HOH 54  197 56  HOH HOH A . 
D 4 HOH 55  198 57  HOH HOH A . 
D 4 HOH 56  199 58  HOH HOH A . 
D 4 HOH 57  200 59  HOH HOH A . 
D 4 HOH 58  201 60  HOH HOH A . 
D 4 HOH 59  202 61  HOH HOH A . 
D 4 HOH 60  203 62  HOH HOH A . 
D 4 HOH 61  204 63  HOH HOH A . 
D 4 HOH 62  205 64  HOH HOH A . 
D 4 HOH 63  206 65  HOH HOH A . 
D 4 HOH 64  207 66  HOH HOH A . 
D 4 HOH 65  208 67  HOH HOH A . 
D 4 HOH 66  209 68  HOH HOH A . 
D 4 HOH 67  210 69  HOH HOH A . 
D 4 HOH 68  211 70  HOH HOH A . 
D 4 HOH 69  212 71  HOH HOH A . 
D 4 HOH 70  213 72  HOH HOH A . 
D 4 HOH 71  214 73  HOH HOH A . 
D 4 HOH 72  215 74  HOH HOH A . 
D 4 HOH 73  216 75  HOH HOH A . 
D 4 HOH 74  217 76  HOH HOH A . 
D 4 HOH 75  218 77  HOH HOH A . 
D 4 HOH 76  219 78  HOH HOH A . 
D 4 HOH 77  220 79  HOH HOH A . 
D 4 HOH 78  221 80  HOH HOH A . 
D 4 HOH 79  222 81  HOH HOH A . 
D 4 HOH 80  223 82  HOH HOH A . 
D 4 HOH 81  224 83  HOH HOH A . 
D 4 HOH 82  225 84  HOH HOH A . 
D 4 HOH 83  226 85  HOH HOH A . 
D 4 HOH 84  227 86  HOH HOH A . 
D 4 HOH 85  228 87  HOH HOH A . 
D 4 HOH 86  229 88  HOH HOH A . 
D 4 HOH 87  230 89  HOH HOH A . 
D 4 HOH 88  231 90  HOH HOH A . 
D 4 HOH 89  232 91  HOH HOH A . 
D 4 HOH 90  233 92  HOH HOH A . 
D 4 HOH 91  234 93  HOH HOH A . 
D 4 HOH 92  235 94  HOH HOH A . 
D 4 HOH 93  236 95  HOH HOH A . 
D 4 HOH 94  237 96  HOH HOH A . 
D 4 HOH 95  238 97  HOH HOH A . 
D 4 HOH 96  239 98  HOH HOH A . 
D 4 HOH 97  240 99  HOH HOH A . 
D 4 HOH 98  241 100 HOH HOH A . 
D 4 HOH 99  242 101 HOH HOH A . 
D 4 HOH 100 243 102 HOH HOH A . 
D 4 HOH 101 244 103 HOH HOH A . 
D 4 HOH 102 245 104 HOH HOH A . 
D 4 HOH 103 246 105 HOH HOH A . 
D 4 HOH 104 247 106 HOH HOH A . 
D 4 HOH 105 248 107 HOH HOH A . 
D 4 HOH 106 249 108 HOH HOH A . 
D 4 HOH 107 250 109 HOH HOH A . 
D 4 HOH 108 251 110 HOH HOH A . 
D 4 HOH 109 252 111 HOH HOH A . 
D 4 HOH 110 253 112 HOH HOH A . 
D 4 HOH 111 254 113 HOH HOH A . 
D 4 HOH 112 255 114 HOH HOH A . 
D 4 HOH 113 256 115 HOH HOH A . 
D 4 HOH 114 257 116 HOH HOH A . 
D 4 HOH 115 258 117 HOH HOH A . 
D 4 HOH 116 259 118 HOH HOH A . 
D 4 HOH 117 260 119 HOH HOH A . 
D 4 HOH 118 261 120 HOH HOH A . 
D 4 HOH 119 262 121 HOH HOH A . 
D 4 HOH 120 263 122 HOH HOH A . 
D 4 HOH 121 264 123 HOH HOH A . 
D 4 HOH 122 265 124 HOH HOH A . 
D 4 HOH 123 266 125 HOH HOH A . 
D 4 HOH 124 267 126 HOH HOH A . 
D 4 HOH 125 268 127 HOH HOH A . 
D 4 HOH 126 269 128 HOH HOH A . 
D 4 HOH 127 270 129 HOH HOH A . 
# 
loop_
_pdbx_unobs_or_zero_occ_atoms.id 
_pdbx_unobs_or_zero_occ_atoms.PDB_model_num 
_pdbx_unobs_or_zero_occ_atoms.polymer_flag 
_pdbx_unobs_or_zero_occ_atoms.occupancy_flag 
_pdbx_unobs_or_zero_occ_atoms.auth_asym_id 
_pdbx_unobs_or_zero_occ_atoms.auth_comp_id 
_pdbx_unobs_or_zero_occ_atoms.auth_seq_id 
_pdbx_unobs_or_zero_occ_atoms.PDB_ins_code 
_pdbx_unobs_or_zero_occ_atoms.auth_atom_id 
_pdbx_unobs_or_zero_occ_atoms.label_alt_id 
_pdbx_unobs_or_zero_occ_atoms.label_asym_id 
_pdbx_unobs_or_zero_occ_atoms.label_comp_id 
_pdbx_unobs_or_zero_occ_atoms.label_seq_id 
_pdbx_unobs_or_zero_occ_atoms.label_atom_id 
1  1 Y 1 A MSE 1   ? CG  ? A MSE 2   CG  
2  1 Y 1 A MSE 1   ? SE  ? A MSE 2   SE  
3  1 Y 1 A MSE 1   ? CE  ? A MSE 2   CE  
4  1 Y 1 A SER 3   ? OG  ? A SER 4   OG  
5  1 Y 1 A LYS 22  ? CG  ? A LYS 23  CG  
6  1 Y 1 A LYS 22  ? CD  ? A LYS 23  CD  
7  1 Y 1 A LYS 22  ? CE  ? A LYS 23  CE  
8  1 Y 1 A LYS 22  ? NZ  ? A LYS 23  NZ  
9  1 Y 1 A SER 72  ? OG  ? A SER 73  OG  
10 1 Y 1 A GLU 119 ? CD  ? A GLU 120 CD  
11 1 Y 1 A GLU 119 ? OE1 ? A GLU 120 OE1 
12 1 Y 1 A GLU 119 ? OE2 ? A GLU 120 OE2 
13 1 Y 1 A GLN 126 ? CD  ? A GLN 127 CD  
14 1 Y 1 A GLN 126 ? OE1 ? A GLN 127 OE1 
15 1 Y 1 A GLN 126 ? NE2 ? A GLN 127 NE2 
# 
loop_
_software.name 
_software.version 
_software.date 
_software.type 
_software.contact_author 
_software.contact_author_email 
_software.classification 
_software.location 
_software.language 
_software.citation_id 
_software.pdbx_ordinal 
REFMAC      5.5.0102 ?               program 'Garib N. Murshudov'         garib@ysbl.york.ac.uk                refinement        
http://www.ccp4.ac.uk/dist/html/refmac5.html                                Fortran_77 ? 1 
PHENIX      .        ?               package 'P.D. Adams'                 PDAdams@lbl.gov                      refinement        
http://www.phenix-online.org/                                               C++        ? 2 
SHELX       .        ?               package 'George M. Sheldrick'        gsheldr@shelx.uni-ac.gwdg.de         phasing           
http://shelx.uni-ac.gwdg.de/SHELX/                                          Fortran_77 ? 3 
MolProbity  3beta29  ?               package 'D.C. & J.S. Richardson lab' molprobity@kinemage.biochem.duke.edu 'model building'  
http://kinemage.biochem.duke.edu/molprobity/                                ?          ? 4 
XSCALE      .        ?               package 'Wolfgang Kabsch'            ?                                    'data scaling'    
http://www.mpimf-heidelberg.mpg.de/~kabsch/xds/html_doc/xscale_program.html ?          ? 5 
PDB_EXTRACT 3.006    'June 11, 2008' package PDB                          help@deposit.rcsb.org                'data extraction' 
http://sw-tools.pdb.org/apps/PDB_EXTRACT/                                   C++        ? 6 
XDS         .        ?               ?       ?                            ?                                    'data reduction'  ? 
?          ? 7 
SHELXD      .        ?               ?       ?                            ?                                    phasing           ? 
?          ? 8 
autoSHARP   .        ?               ?       ?                            ?                                    phasing           ? 
?          ? 9 
# 
_cell.entry_id           3MDP 
_cell.length_a           95.862 
_cell.length_b           95.862 
_cell.length_c           35.485 
_cell.angle_alpha        90.000 
_cell.angle_beta         90.000 
_cell.angle_gamma        90.000 
_cell.pdbx_unique_axis   ? 
_cell.Z_PDB              8 
_cell.length_a_esd       ? 
_cell.length_b_esd       ? 
_cell.length_c_esd       ? 
_cell.angle_alpha_esd    ? 
_cell.angle_beta_esd     ? 
_cell.angle_gamma_esd    ? 
# 
_symmetry.entry_id                         3MDP 
_symmetry.Int_Tables_number                90 
_symmetry.space_group_name_H-M             'P 4 21 2' 
_symmetry.pdbx_full_space_group_name_H-M   ? 
_symmetry.cell_setting                     ? 
_symmetry.space_group_name_Hall            ? 
# 
_exptl.crystals_number   1 
_exptl.method            'X-RAY DIFFRACTION' 
_exptl.entry_id          3MDP 
# 
_exptl_crystal.id                    1 
_exptl_crystal.density_Matthews      2.63 
_exptl_crystal.density_meas          ? 
_exptl_crystal.density_percent_sol   53.28 
_exptl_crystal.description           ? 
_exptl_crystal.F_000                 ? 
_exptl_crystal.preparation           ? 
# 
_exptl_crystal_grow.crystal_id      1 
_exptl_crystal_grow.method          'VAPOR DIFFUSION, SITTING DROP' 
_exptl_crystal_grow.pH              9.0 
_exptl_crystal_grow.temp            277 
_exptl_crystal_grow.pdbx_details    
'10.0000% PEG-6000, 0.1M Bicine pH 9.0, NANODROP, VAPOR DIFFUSION, SITTING DROP, temperature 277K' 
_exptl_crystal_grow.temp_details    ? 
_exptl_crystal_grow.pdbx_pH_range   ? 
# 
_diffrn.id                     1 
_diffrn.ambient_temp           100 
_diffrn.ambient_temp_details   ? 
_diffrn.crystal_id             1 
# 
_diffrn_detector.diffrn_id              1 
_diffrn_detector.detector               CCD 
_diffrn_detector.type                   'MARMOSAIC 325 mm CCD' 
_diffrn_detector.details                'Flat collimating mirror, toroid focusing mirror' 
_diffrn_detector.pdbx_collection_date   2010-01-24 
# 
_diffrn_radiation.diffrn_id                        1 
_diffrn_radiation.pdbx_monochromatic_or_laue_m_l   M 
_diffrn_radiation.monochromator                    'Double crystal monochromator' 
_diffrn_radiation.pdbx_diffrn_protocol             MAD 
_diffrn_radiation.wavelength_id                    1 
_diffrn_radiation.pdbx_scattering_type             x-ray 
# 
loop_
_diffrn_radiation_wavelength.id 
_diffrn_radiation_wavelength.wavelength 
_diffrn_radiation_wavelength.wt 
1 0.91162 1.0 
2 0.97922 1.0 
3 0.97898 1.0 
# 
_diffrn_source.diffrn_id                   1 
_diffrn_source.source                      SYNCHROTRON 
_diffrn_source.pdbx_synchrotron_beamline   BL9-2 
_diffrn_source.type                        'SSRL BEAMLINE BL9-2' 
_diffrn_source.pdbx_wavelength_list        0.91162,0.97922,0.97898 
_diffrn_source.pdbx_wavelength             ? 
_diffrn_source.pdbx_synchrotron_site       SSRL 
# 
_reflns.entry_id                     3MDP 
_reflns.d_resolution_high            1.90 
_reflns.d_resolution_low             28.520 
_reflns.number_obs                   13586 
_reflns.pdbx_Rmerge_I_obs            0.082 
_reflns.pdbx_netI_over_sigmaI        13.290 
_reflns.percent_possible_obs         99.800 
_reflns.B_iso_Wilson_estimate        25.266 
_reflns.observed_criterion_sigma_I   -3.00 
_reflns.observed_criterion_sigma_F   ? 
_reflns.number_all                   ? 
_reflns.pdbx_Rsym_value              ? 
_reflns.pdbx_redundancy              ? 
_reflns.R_free_details               ? 
_reflns.limit_h_max                  ? 
_reflns.limit_h_min                  ? 
_reflns.limit_k_max                  ? 
_reflns.limit_k_min                  ? 
_reflns.limit_l_max                  ? 
_reflns.limit_l_min                  ? 
_reflns.observed_criterion_F_max     ? 
_reflns.observed_criterion_F_min     ? 
_reflns.pdbx_chi_squared             ? 
_reflns.pdbx_scaling_rejects         ? 
_reflns.pdbx_ordinal                 1 
_reflns.pdbx_diffrn_id               1 
# 
loop_
_reflns_shell.d_res_high 
_reflns_shell.d_res_low 
_reflns_shell.number_measured_obs 
_reflns_shell.number_measured_all 
_reflns_shell.number_unique_obs 
_reflns_shell.Rmerge_I_obs 
_reflns_shell.meanI_over_sigI_obs 
_reflns_shell.pdbx_Rsym_value 
_reflns_shell.pdbx_chi_squared 
_reflns_shell.pdbx_redundancy 
_reflns_shell.percent_possible_obs 
_reflns_shell.number_unique_all 
_reflns_shell.percent_possible_all 
_reflns_shell.pdbx_ordinal 
_reflns_shell.pdbx_diffrn_id 
1.90 1.97   9654 ? 2567 0.814 1.7  ? ? ? ? ? 99.10  1  1 
1.97 2.05   9547 ? 2500 0.592 2.3  ? ? ? ? ? 99.80  2  1 
2.05 2.14   9176 ? 2392 0.405 3.4  ? ? ? ? ? 99.90  3  1 
2.14 2.25   9384 ? 2432 0.316 4.4  ? ? ? ? ? 99.90  4  1 
2.25 2.39   9541 ? 2490 0.218 6.4  ? ? ? ? ? 100.00 5  1 
2.39 2.58   9892 ? 2550 0.170 8.0  ? ? ? ? ? 100.00 6  1 
2.58 2.84   9645 ? 2498 0.121 10.9 ? ? ? ? ? 99.90  7  1 
2.84 3.25   9679 ? 2500 0.070 18.3 ? ? ? ? ? 99.90  8  1 
3.25 4.08   9503 ? 2450 0.035 32.9 ? ? ? ? ? 99.90  9  1 
4.08 28.520 9802 ? 2527 0.025 44.3 ? ? ? ? ? 99.50  10 1 
# 
_refine.entry_id                                 3MDP 
_refine.ls_d_res_high                            1.900 
_refine.ls_d_res_low                             28.520 
_refine.pdbx_ls_sigma_F                          0.00 
_refine.pdbx_data_cutoff_high_absF               ? 
_refine.pdbx_data_cutoff_low_absF                ? 
_refine.ls_percent_reflns_obs                    99.870 
_refine.ls_number_reflns_obs                     13563 
_refine.ls_number_reflns_all                     ? 
_refine.pdbx_ls_cross_valid_method               THROUGHOUT 
_refine.pdbx_R_Free_selection_details            RANDOM 
_refine.details                                  
;1. HYDROGENS HAVE BEEN ADDED IN THE RIDING POSITIONS.  2. ATOM RECORDS CONTAIN RESIDUAL B FACTORS ONLY.  3. A MET-INHIBITION PROTOCOL WAS USED FOR SELENOMETHIONINE INCORPORATION DURING PROTEIN EXPRESSION. THE OCCUPANCY OF THE SE ATOMS IN THE MSE RESIDUES WAS REDUCED TO 0.75 FOR THE REDUCED SCATTERING POWER DUE TO PARTIAL S-MET INCORPORATION. 4. ONE SUCCINIC ACID (SIN) WAS MODELED IN THE PUTATIVE ACTIVE SITE BASED ON THE PRESENCE OF CLEAR AND CONCLUSIVE ELECTRON DENSITY. 5. ONE ETHYLENE GLYCOL (EDO) MOLECULE FROM CRYSTALLIZATION IS MODELED INTO THE STRUCTURE.
;
_refine.ls_R_factor_all                          ? 
_refine.ls_R_factor_obs                          0.183 
_refine.ls_R_factor_R_work                       0.181 
_refine.ls_wR_factor_R_work                      ? 
_refine.ls_R_factor_R_free                       0.227 
_refine.ls_wR_factor_R_free                      ? 
_refine.ls_percent_reflns_R_free                 4.900 
_refine.ls_number_reflns_R_free                  668 
_refine.ls_R_factor_R_free_error                 ? 
_refine.B_iso_mean                               19.268 
_refine.solvent_model_param_bsol                 ? 
_refine.solvent_model_param_ksol                 ? 
_refine.pdbx_isotropic_thermal_model             ? 
_refine.aniso_B[1][1]                            0.050 
_refine.aniso_B[2][2]                            0.050 
_refine.aniso_B[3][3]                            -0.090 
_refine.aniso_B[1][2]                            0.000 
_refine.aniso_B[1][3]                            0.000 
_refine.aniso_B[2][3]                            0.000 
_refine.correlation_coeff_Fo_to_Fc               0.956 
_refine.correlation_coeff_Fo_to_Fc_free          0.939 
_refine.overall_SU_R_Cruickshank_DPI             ? 
_refine.overall_SU_R_free                        ? 
_refine.pdbx_overall_ESU_R                       0.136 
_refine.pdbx_overall_ESU_R_Free                  0.135 
_refine.overall_SU_ML                            0.085 
_refine.overall_SU_B                             6.211 
_refine.solvent_model_details                    MASK 
_refine.pdbx_solvent_vdw_probe_radii             1.200 
_refine.pdbx_solvent_ion_probe_radii             0.800 
_refine.pdbx_solvent_shrinkage_radii             0.800 
_refine.ls_number_parameters                     ? 
_refine.ls_number_restraints                     ? 
_refine.pdbx_method_to_determine_struct          MAD 
_refine.pdbx_stereochemistry_target_values       'MAXIMUM LIKELIHOOD WITH PHASES' 
_refine.pdbx_stereochem_target_val_spec_case     ? 
_refine.overall_FOM_work_R_set                   ? 
_refine.B_iso_max                                58.14 
_refine.B_iso_min                                6.56 
_refine.occupancy_max                            1.00 
_refine.occupancy_min                            0.22 
_refine.pdbx_ls_sigma_I                          ? 
_refine.ls_redundancy_reflns_obs                 ? 
_refine.ls_R_factor_R_free_error_details         ? 
_refine.pdbx_starting_model                      ? 
_refine.pdbx_data_cutoff_high_rms_absF           ? 
_refine.overall_FOM_free_R_set                   ? 
_refine.pdbx_overall_phase_error                 ? 
_refine.pdbx_refine_id                           'X-RAY DIFFRACTION' 
_refine.pdbx_TLS_residual_ADP_flag               'LIKELY RESIDUAL' 
_refine.pdbx_diffrn_id                           1 
_refine.pdbx_overall_SU_R_free_Cruickshank_DPI   ? 
_refine.pdbx_overall_SU_R_Blow_DPI               ? 
_refine.pdbx_overall_SU_R_free_Blow_DPI          ? 
# 
_refine_hist.pdbx_refine_id                   'X-RAY DIFFRACTION' 
_refine_hist.cycle_id                         LAST 
_refine_hist.pdbx_number_atoms_protein        1005 
_refine_hist.pdbx_number_atoms_nucleic_acid   0 
_refine_hist.pdbx_number_atoms_ligand         12 
_refine_hist.number_atoms_solvent             127 
_refine_hist.number_atoms_total               1144 
_refine_hist.d_res_high                       1.900 
_refine_hist.d_res_low                        28.520 
# 
loop_
_refine_ls_restr.type 
_refine_ls_restr.pdbx_refine_id 
_refine_ls_restr.number 
_refine_ls_restr.dev_ideal 
_refine_ls_restr.dev_ideal_target 
_refine_ls_restr.weight 
_refine_ls_restr.pdbx_restraint_function 
r_bond_refined_d       'X-RAY DIFFRACTION' 1101 0.015  0.022  ? ? 
r_bond_other_d         'X-RAY DIFFRACTION' 742  0.001  0.020  ? ? 
r_angle_refined_deg    'X-RAY DIFFRACTION' 1497 1.511  1.982  ? ? 
r_angle_other_deg      'X-RAY DIFFRACTION' 1815 0.899  3.000  ? ? 
r_dihedral_angle_1_deg 'X-RAY DIFFRACTION' 145  7.160  5.000  ? ? 
r_dihedral_angle_2_deg 'X-RAY DIFFRACTION' 43   31.624 23.023 ? ? 
r_dihedral_angle_3_deg 'X-RAY DIFFRACTION' 189  13.983 15.000 ? ? 
r_dihedral_angle_4_deg 'X-RAY DIFFRACTION' 9    16.884 15.000 ? ? 
r_chiral_restr         'X-RAY DIFFRACTION' 176  0.078  0.200  ? ? 
r_gen_planes_refined   'X-RAY DIFFRACTION' 1251 0.007  0.020  ? ? 
r_gen_planes_other     'X-RAY DIFFRACTION' 226  0.002  0.020  ? ? 
r_mcbond_it            'X-RAY DIFFRACTION' 704  1.760  3.000  ? ? 
r_mcbond_other         'X-RAY DIFFRACTION' 281  0.450  3.000  ? ? 
r_mcangle_it           'X-RAY DIFFRACTION' 1143 2.931  5.000  ? ? 
r_scbond_it            'X-RAY DIFFRACTION' 397  3.690  5.000  ? ? 
r_scangle_it           'X-RAY DIFFRACTION' 354  5.445  8.000  ? ? 
# 
_refine_ls_shell.d_res_high                       1.900 
_refine_ls_shell.d_res_low                        1.950 
_refine_ls_shell.pdbx_total_number_of_bins_used   20 
_refine_ls_shell.percent_reflns_obs               99.590 
_refine_ls_shell.number_reflns_R_work             924 
_refine_ls_shell.R_factor_all                     ? 
_refine_ls_shell.R_factor_R_work                  0.276 
_refine_ls_shell.R_factor_R_free                  0.320 
_refine_ls_shell.percent_reflns_R_free            ? 
_refine_ls_shell.number_reflns_R_free             46 
_refine_ls_shell.R_factor_R_free_error            ? 
_refine_ls_shell.number_reflns_all                970 
_refine_ls_shell.number_reflns_obs                ? 
_refine_ls_shell.redundancy_reflns_obs            ? 
_refine_ls_shell.pdbx_refine_id                   'X-RAY DIFFRACTION' 
# 
_struct.entry_id                  3MDP 
_struct.title                     
;Crystal structure of a Putative Cyclic nucleotide-binding protein (Gmet_1532) from Geobacter metallireducens GS-15 at 1.90 A resolution
;
_struct.pdbx_model_details        ? 
_struct.pdbx_CASP_flag            ? 
_struct.pdbx_model_type_details   ? 
# 
_struct_keywords.text            
;Structural Genomics, Joint Center for Structural Genomics, JCSG, Protein Structure Initiative, PSI-2, Cyclic nucleotide-binding domain, double-stranded beta-helix fold, Nucleotide Binding Protein
;
_struct_keywords.pdbx_keywords   'Nucleotide Binding Protein' 
_struct_keywords.entry_id        3MDP 
# 
loop_
_struct_asym.id 
_struct_asym.pdbx_blank_PDB_chainid_flag 
_struct_asym.pdbx_modified 
_struct_asym.entity_id 
_struct_asym.details 
A N N 1 ? 
B N N 2 ? 
C N N 3 ? 
D N N 4 ? 
# 
_struct_ref.id                         1 
_struct_ref.db_name                    UNP 
_struct_ref.db_code                    Q39VF8_GEOMG 
_struct_ref.pdbx_db_accession          Q39VF8 
_struct_ref.entity_id                  1 
_struct_ref.pdbx_seq_one_letter_code   
;MISPERLRVYRFFASLTDEQLKDIALISEEKSFPTGSVIFKENSKADNLMLLLEGGVELFYSNGGAGSAANSTVCSVVPG
AIFGVSSLIKPYHYTSSARATKPVRVVDINGARLREMSENNQALGQVLMNNVAAAVLARLH
;
_struct_ref.pdbx_align_begin           1 
_struct_ref.pdbx_db_isoform            ? 
# 
_struct_ref_seq.align_id                      1 
_struct_ref_seq.ref_id                        1 
_struct_ref_seq.pdbx_PDB_id_code              3MDP 
_struct_ref_seq.pdbx_strand_id                A 
_struct_ref_seq.seq_align_beg                 2 
_struct_ref_seq.pdbx_seq_align_beg_ins_code   ? 
_struct_ref_seq.seq_align_end                 142 
_struct_ref_seq.pdbx_seq_align_end_ins_code   ? 
_struct_ref_seq.pdbx_db_accession             Q39VF8 
_struct_ref_seq.db_align_beg                  1 
_struct_ref_seq.pdbx_db_align_beg_ins_code    ? 
_struct_ref_seq.db_align_end                  141 
_struct_ref_seq.pdbx_db_align_end_ins_code    ? 
_struct_ref_seq.pdbx_auth_seq_align_beg       1 
_struct_ref_seq.pdbx_auth_seq_align_end       141 
# 
_struct_ref_seq_dif.align_id                     1 
_struct_ref_seq_dif.pdbx_pdb_id_code             3MDP 
_struct_ref_seq_dif.mon_id                       GLY 
_struct_ref_seq_dif.pdbx_pdb_strand_id           A 
_struct_ref_seq_dif.seq_num                      1 
_struct_ref_seq_dif.pdbx_pdb_ins_code            ? 
_struct_ref_seq_dif.pdbx_seq_db_name             UNP 
_struct_ref_seq_dif.pdbx_seq_db_accession_code   Q39VF8 
_struct_ref_seq_dif.db_mon_id                    ? 
_struct_ref_seq_dif.pdbx_seq_db_seq_num          ? 
_struct_ref_seq_dif.details                      'expression tag' 
_struct_ref_seq_dif.pdbx_auth_seq_num            0 
_struct_ref_seq_dif.pdbx_ordinal                 1 
# 
_pdbx_struct_assembly.id                   1 
_pdbx_struct_assembly.details              software_defined_assembly 
_pdbx_struct_assembly.method_details       PISA 
_pdbx_struct_assembly.oligomeric_details   dimeric 
_pdbx_struct_assembly.oligomeric_count     2 
# 
loop_
_pdbx_struct_assembly_prop.biol_id 
_pdbx_struct_assembly_prop.type 
_pdbx_struct_assembly_prop.value 
_pdbx_struct_assembly_prop.details 
1 'ABSA (A^2)' 2980  ? 
1 MORE         -2    ? 
1 'SSA (A^2)'  12430 ? 
# 
_pdbx_struct_assembly_gen.assembly_id       1 
_pdbx_struct_assembly_gen.oper_expression   1,2 
_pdbx_struct_assembly_gen.asym_id_list      A,B,C,D 
# 
loop_
_pdbx_struct_oper_list.id 
_pdbx_struct_oper_list.type 
_pdbx_struct_oper_list.name 
_pdbx_struct_oper_list.symmetry_operation 
_pdbx_struct_oper_list.matrix[1][1] 
_pdbx_struct_oper_list.matrix[1][2] 
_pdbx_struct_oper_list.matrix[1][3] 
_pdbx_struct_oper_list.vector[1] 
_pdbx_struct_oper_list.matrix[2][1] 
_pdbx_struct_oper_list.matrix[2][2] 
_pdbx_struct_oper_list.matrix[2][3] 
_pdbx_struct_oper_list.vector[2] 
_pdbx_struct_oper_list.matrix[3][1] 
_pdbx_struct_oper_list.matrix[3][2] 
_pdbx_struct_oper_list.matrix[3][3] 
_pdbx_struct_oper_list.vector[3] 
1 'identity operation'         1_555 x,y,z          1.0000000000 0.0000000000  0.0000000000  0.0000000000  0.0000000000  1.0000000000  0.0000000000 0.0000000000   0.0000000000  0.0000000000 1.0000000000  0.0000000000 
2 'crystal symmetry operation' 8_666 -y+1,-x+1,-z+1 0.2378646749 -0.5443225406 -0.8044460008 -5.0135745306 -0.5443225406 -0.7606466731 0.3537366401 -23.5685375528 -0.8044460008 0.3537366401 -0.4772180018 8.2326960747 
# 
_struct_biol.id        1 
_struct_biol.details   ? 
# 
loop_
_struct_conf.conf_type_id 
_struct_conf.id 
_struct_conf.pdbx_PDB_helix_id 
_struct_conf.beg_label_comp_id 
_struct_conf.beg_label_asym_id 
_struct_conf.beg_label_seq_id 
_struct_conf.pdbx_beg_PDB_ins_code 
_struct_conf.end_label_comp_id 
_struct_conf.end_label_asym_id 
_struct_conf.end_label_seq_id 
_struct_conf.pdbx_end_PDB_ins_code 
_struct_conf.beg_auth_comp_id 
_struct_conf.beg_auth_asym_id 
_struct_conf.beg_auth_seq_id 
_struct_conf.end_auth_comp_id 
_struct_conf.end_auth_asym_id 
_struct_conf.end_auth_seq_id 
_struct_conf.pdbx_PDB_helix_class 
_struct_conf.details 
_struct_conf.pdbx_PDB_helix_length 
HELX_P HELX_P1 1 GLU A 6   ? VAL A 10  ? GLU A 5   VAL A 9   5 ? 5  
HELX_P HELX_P2 2 TYR A 11  ? SER A 16  ? TYR A 10  SER A 15  1 ? 6  
HELX_P HELX_P3 3 THR A 18  ? ILE A 28  ? THR A 17  ILE A 27  1 ? 11 
HELX_P HELX_P4 4 GLY A 85  ? LEU A 89  ? GLY A 84  LEU A 88  5 ? 5  
HELX_P HELX_P5 5 GLY A 112 ? ASN A 122 ? GLY A 111 ASN A 121 1 ? 11 
HELX_P HELX_P6 6 ASN A 122 ? ARG A 140 ? ASN A 121 ARG A 139 1 ? 19 
# 
_struct_conf_type.id          HELX_P 
_struct_conf_type.criteria    ? 
_struct_conf_type.reference   ? 
# 
loop_
_struct_conn.id 
_struct_conn.conn_type_id 
_struct_conn.pdbx_leaving_atom_flag 
_struct_conn.pdbx_PDB_id 
_struct_conn.ptnr1_label_asym_id 
_struct_conn.ptnr1_label_comp_id 
_struct_conn.ptnr1_label_seq_id 
_struct_conn.ptnr1_label_atom_id 
_struct_conn.pdbx_ptnr1_label_alt_id 
_struct_conn.pdbx_ptnr1_PDB_ins_code 
_struct_conn.pdbx_ptnr1_standard_comp_id 
_struct_conn.ptnr1_symmetry 
_struct_conn.ptnr2_label_asym_id 
_struct_conn.ptnr2_label_comp_id 
_struct_conn.ptnr2_label_seq_id 
_struct_conn.ptnr2_label_atom_id 
_struct_conn.pdbx_ptnr2_label_alt_id 
_struct_conn.pdbx_ptnr2_PDB_ins_code 
_struct_conn.ptnr1_auth_asym_id 
_struct_conn.ptnr1_auth_comp_id 
_struct_conn.ptnr1_auth_seq_id 
_struct_conn.ptnr2_auth_asym_id 
_struct_conn.ptnr2_auth_comp_id 
_struct_conn.ptnr2_auth_seq_id 
_struct_conn.ptnr2_symmetry 
_struct_conn.pdbx_ptnr3_label_atom_id 
_struct_conn.pdbx_ptnr3_label_seq_id 
_struct_conn.pdbx_ptnr3_label_comp_id 
_struct_conn.pdbx_ptnr3_label_asym_id 
_struct_conn.pdbx_ptnr3_label_alt_id 
_struct_conn.pdbx_ptnr3_PDB_ins_code 
_struct_conn.details 
_struct_conn.pdbx_dist_value 
_struct_conn.pdbx_value_order 
_struct_conn.pdbx_role 
covale1 covale both ? A MSE 2   C ? ? ? 1_555 A ILE 3   N ? ? A MSE 1   A ILE 2   1_555 ? ? ? ? ? ? ? 1.341 ? ? 
covale2 covale both ? A LEU 50  C ? ? ? 1_555 A MSE 51  N A ? A LEU 49  A MSE 50  1_555 ? ? ? ? ? ? ? 1.321 ? ? 
covale3 covale both ? A LEU 50  C ? ? ? 1_555 A MSE 51  N B ? A LEU 49  A MSE 50  1_555 ? ? ? ? ? ? ? 1.335 ? ? 
covale4 covale both ? A MSE 51  C A ? ? 1_555 A LEU 52  N ? ? A MSE 50  A LEU 51  1_555 ? ? ? ? ? ? ? 1.324 ? ? 
covale5 covale both ? A MSE 51  C B ? ? 1_555 A LEU 52  N ? ? A MSE 50  A LEU 51  1_555 ? ? ? ? ? ? ? 1.338 ? ? 
covale6 covale both ? A GLU 117 C ? ? ? 1_555 A MSE 118 N ? ? A GLU 116 A MSE 117 1_555 ? ? ? ? ? ? ? 1.327 ? ? 
covale7 covale both ? A MSE 118 C ? ? ? 1_555 A SER 119 N ? ? A MSE 117 A SER 118 1_555 ? ? ? ? ? ? ? 1.332 ? ? 
covale8 covale both ? A LEU 129 C ? ? ? 1_555 A MSE 130 N ? ? A LEU 128 A MSE 129 1_555 ? ? ? ? ? ? ? 1.323 ? ? 
covale9 covale both ? A MSE 130 C ? ? ? 1_555 A ASN 131 N ? ? A MSE 129 A ASN 130 1_555 ? ? ? ? ? ? ? 1.332 ? ? 
# 
_struct_conn_type.id          covale 
_struct_conn_type.criteria    ? 
_struct_conn_type.reference   ? 
# 
loop_
_pdbx_modification_feature.ordinal 
_pdbx_modification_feature.label_comp_id 
_pdbx_modification_feature.label_asym_id 
_pdbx_modification_feature.label_seq_id 
_pdbx_modification_feature.label_alt_id 
_pdbx_modification_feature.modified_residue_label_comp_id 
_pdbx_modification_feature.modified_residue_label_asym_id 
_pdbx_modification_feature.modified_residue_label_seq_id 
_pdbx_modification_feature.modified_residue_label_alt_id 
_pdbx_modification_feature.auth_comp_id 
_pdbx_modification_feature.auth_asym_id 
_pdbx_modification_feature.auth_seq_id 
_pdbx_modification_feature.PDB_ins_code 
_pdbx_modification_feature.symmetry 
_pdbx_modification_feature.modified_residue_auth_comp_id 
_pdbx_modification_feature.modified_residue_auth_asym_id 
_pdbx_modification_feature.modified_residue_auth_seq_id 
_pdbx_modification_feature.modified_residue_PDB_ins_code 
_pdbx_modification_feature.modified_residue_symmetry 
_pdbx_modification_feature.comp_id_linking_atom 
_pdbx_modification_feature.modified_residue_id_linking_atom 
_pdbx_modification_feature.modified_residue_id 
_pdbx_modification_feature.ref_pcm_id 
_pdbx_modification_feature.ref_comp_id 
_pdbx_modification_feature.type 
_pdbx_modification_feature.category 
1 MSE A 2   ? . . . . MSE A 1   ? 1_555 . . . . . . . MET 1 MSE Selenomethionine 'Named protein modification' 
2 MSE A 51  A . . . . MSE A 50  ? 1_555 . . . . . . . MET 1 MSE Selenomethionine 'Named protein modification' 
3 MSE A 51  B . . . . MSE A 50  ? 1_555 . . . . . . . MET 1 MSE Selenomethionine 'Named protein modification' 
4 MSE A 118 ? . . . . MSE A 117 ? 1_555 . . . . . . . MET 1 MSE Selenomethionine 'Named protein modification' 
5 MSE A 130 ? . . . . MSE A 129 ? 1_555 . . . . . . . MET 1 MSE Selenomethionine 'Named protein modification' 
# 
_struct_mon_prot_cis.pdbx_id                1 
_struct_mon_prot_cis.label_comp_id          LYS 
_struct_mon_prot_cis.label_seq_id           91 
_struct_mon_prot_cis.label_asym_id          A 
_struct_mon_prot_cis.label_alt_id           . 
_struct_mon_prot_cis.pdbx_PDB_ins_code      ? 
_struct_mon_prot_cis.auth_comp_id           LYS 
_struct_mon_prot_cis.auth_seq_id            90 
_struct_mon_prot_cis.auth_asym_id           A 
_struct_mon_prot_cis.pdbx_label_comp_id_2   PRO 
_struct_mon_prot_cis.pdbx_label_seq_id_2    92 
_struct_mon_prot_cis.pdbx_label_asym_id_2   A 
_struct_mon_prot_cis.pdbx_PDB_ins_code_2    ? 
_struct_mon_prot_cis.pdbx_auth_comp_id_2    PRO 
_struct_mon_prot_cis.pdbx_auth_seq_id_2     91 
_struct_mon_prot_cis.pdbx_auth_asym_id_2    A 
_struct_mon_prot_cis.pdbx_PDB_model_num     1 
_struct_mon_prot_cis.pdbx_omega_angle       5.39 
# 
loop_
_struct_sheet.id 
_struct_sheet.type 
_struct_sheet.number_strands 
_struct_sheet.details 
A ? 4 ? 
B ? 4 ? 
# 
loop_
_struct_sheet_order.sheet_id 
_struct_sheet_order.range_id_1 
_struct_sheet_order.range_id_2 
_struct_sheet_order.offset 
_struct_sheet_order.sense 
A 1 2 ? anti-parallel 
A 2 3 ? anti-parallel 
A 3 4 ? anti-parallel 
B 1 2 ? anti-parallel 
B 2 3 ? anti-parallel 
B 3 4 ? anti-parallel 
# 
loop_
_struct_sheet_range.sheet_id 
_struct_sheet_range.id 
_struct_sheet_range.beg_label_comp_id 
_struct_sheet_range.beg_label_asym_id 
_struct_sheet_range.beg_label_seq_id 
_struct_sheet_range.pdbx_beg_PDB_ins_code 
_struct_sheet_range.end_label_comp_id 
_struct_sheet_range.end_label_asym_id 
_struct_sheet_range.end_label_seq_id 
_struct_sheet_range.pdbx_end_PDB_ins_code 
_struct_sheet_range.beg_auth_comp_id 
_struct_sheet_range.beg_auth_asym_id 
_struct_sheet_range.beg_auth_seq_id 
_struct_sheet_range.end_auth_comp_id 
_struct_sheet_range.end_auth_asym_id 
_struct_sheet_range.end_auth_seq_id 
A 1 SER A 29  ? PHE A 34  ? SER A 28  PHE A 33  
A 2 VAL A 105 ? ASN A 111 ? VAL A 104 ASN A 110 
A 3 ASN A 49  ? GLU A 55  ? ASN A 48  GLU A 54  
A 4 ILE A 83  ? PHE A 84  ? ILE A 82  PHE A 83  
B 1 VAL A 39  ? PHE A 41  ? VAL A 38  PHE A 40  
B 2 SER A 98  ? ALA A 101 ? SER A 97  ALA A 100 
B 3 VAL A 58  ? PHE A 61  ? VAL A 57  PHE A 60  
B 4 THR A 74  ? VAL A 78  ? THR A 73  VAL A 77  
# 
loop_
_pdbx_struct_sheet_hbond.sheet_id 
_pdbx_struct_sheet_hbond.range_id_1 
_pdbx_struct_sheet_hbond.range_id_2 
_pdbx_struct_sheet_hbond.range_1_label_atom_id 
_pdbx_struct_sheet_hbond.range_1_label_comp_id 
_pdbx_struct_sheet_hbond.range_1_label_asym_id 
_pdbx_struct_sheet_hbond.range_1_label_seq_id 
_pdbx_struct_sheet_hbond.range_1_PDB_ins_code 
_pdbx_struct_sheet_hbond.range_1_auth_atom_id 
_pdbx_struct_sheet_hbond.range_1_auth_comp_id 
_pdbx_struct_sheet_hbond.range_1_auth_asym_id 
_pdbx_struct_sheet_hbond.range_1_auth_seq_id 
_pdbx_struct_sheet_hbond.range_2_label_atom_id 
_pdbx_struct_sheet_hbond.range_2_label_comp_id 
_pdbx_struct_sheet_hbond.range_2_label_asym_id 
_pdbx_struct_sheet_hbond.range_2_label_seq_id 
_pdbx_struct_sheet_hbond.range_2_PDB_ins_code 
_pdbx_struct_sheet_hbond.range_2_auth_atom_id 
_pdbx_struct_sheet_hbond.range_2_auth_comp_id 
_pdbx_struct_sheet_hbond.range_2_auth_asym_id 
_pdbx_struct_sheet_hbond.range_2_auth_seq_id 
A 1 2 N GLU A 30  ? N GLU A 29  O ASP A 109 ? O ASP A 108 
A 2 3 O ILE A 110 ? O ILE A 109 N LEU A 50  ? N LEU A 49  
A 3 4 N MSE A 51  ? N MSE A 50  O PHE A 84  ? O PHE A 83  
B 1 2 N PHE A 41  ? N PHE A 40  O ALA A 99  ? O ALA A 98  
B 2 3 O SER A 98  ? O SER A 97  N PHE A 61  ? N PHE A 60  
B 3 4 N LEU A 60  ? N LEU A 59  O VAL A 75  ? O VAL A 74  
# 
loop_
_struct_site.id 
_struct_site.pdbx_evidence_code 
_struct_site.pdbx_auth_asym_id 
_struct_site.pdbx_auth_comp_id 
_struct_site.pdbx_auth_seq_id 
_struct_site.pdbx_auth_ins_code 
_struct_site.pdbx_num_residues 
_struct_site.details 
AC1 Software A SIN 142 ? 11 'BINDING SITE FOR RESIDUE SIN A 142' 
AC2 Software A EDO 143 ? 8  'BINDING SITE FOR RESIDUE EDO A 143' 
# 
loop_
_struct_site_gen.id 
_struct_site_gen.site_id 
_struct_site_gen.pdbx_num_res 
_struct_site_gen.label_comp_id 
_struct_site_gen.label_asym_id 
_struct_site_gen.label_seq_id 
_struct_site_gen.pdbx_auth_ins_code 
_struct_site_gen.auth_comp_id 
_struct_site_gen.auth_asym_id 
_struct_site_gen.auth_seq_id 
_struct_site_gen.label_atom_id 
_struct_site_gen.label_alt_id 
_struct_site_gen.symmetry 
_struct_site_gen.details 
1  AC1 11 PHE A 41  ? PHE A 40  . ? 1_555 ? 
2  AC1 11 LEU A 60  ? LEU A 59  . ? 1_555 ? 
3  AC1 11 PHE A 84  ? PHE A 83  . ? 1_555 ? 
4  AC1 11 GLY A 85  ? GLY A 84  . ? 1_555 ? 
5  AC1 11 VAL A 86  ? VAL A 85  . ? 1_555 ? 
6  AC1 11 SER A 87  ? SER A 86  . ? 1_555 ? 
7  AC1 11 THR A 96  ? THR A 95  . ? 1_555 ? 
8  AC1 11 SER A 97  ? SER A 96  . ? 1_555 ? 
9  AC1 11 LEU A 138 ? LEU A 137 . ? 8_666 ? 
10 AC1 11 ARG A 140 ? ARG A 139 . ? 1_555 ? 
11 AC1 11 HOH D .   ? HOH A 161 . ? 1_555 ? 
12 AC2 8  ILE A 28  ? ILE A 27  . ? 1_555 ? 
13 AC2 8  SER A 29  ? SER A 28  . ? 1_555 ? 
14 AC2 8  GLU A 30  ? GLU A 29  . ? 1_555 ? 
15 AC2 8  LYS A 32  ? LYS A 31  . ? 1_555 ? 
16 AC2 8  ASN A 49  ? ASN A 48  . ? 1_555 ? 
17 AC2 8  ASP A 109 ? ASP A 108 . ? 1_555 ? 
18 AC2 8  ASN A 111 ? ASN A 110 . ? 1_555 ? 
19 AC2 8  HOH D .   ? HOH A 199 . ? 1_555 ? 
# 
_pdbx_entry_details.entry_id                   3MDP 
_pdbx_entry_details.compound_details           ? 
_pdbx_entry_details.source_details             ? 
_pdbx_entry_details.nonpolymer_details         ? 
_pdbx_entry_details.sequence_details           
;THE CONSTRUCT WAS EXPRESSED WITH A PURIFICATION TAG MGSDKIHHHHHHENLYFQG. THE TAG WAS REMOVED WITH TEV PROTEASE LEAVING ONLY A GLYCINE (0) FOLLOWED BY THE TARGET SEQUENCE.
;
_pdbx_entry_details.has_ligand_of_interest     ? 
_pdbx_entry_details.has_protein_modification   Y 
# 
_pdbx_validate_rmsd_bond.id                        1 
_pdbx_validate_rmsd_bond.PDB_model_num             1 
_pdbx_validate_rmsd_bond.auth_atom_id_1            CB 
_pdbx_validate_rmsd_bond.auth_asym_id_1            A 
_pdbx_validate_rmsd_bond.auth_comp_id_1            CYS 
_pdbx_validate_rmsd_bond.auth_seq_id_1             75 
_pdbx_validate_rmsd_bond.PDB_ins_code_1            ? 
_pdbx_validate_rmsd_bond.label_alt_id_1            ? 
_pdbx_validate_rmsd_bond.auth_atom_id_2            SG 
_pdbx_validate_rmsd_bond.auth_asym_id_2            A 
_pdbx_validate_rmsd_bond.auth_comp_id_2            CYS 
_pdbx_validate_rmsd_bond.auth_seq_id_2             75 
_pdbx_validate_rmsd_bond.PDB_ins_code_2            ? 
_pdbx_validate_rmsd_bond.label_alt_id_2            ? 
_pdbx_validate_rmsd_bond.bond_value                1.696 
_pdbx_validate_rmsd_bond.bond_target_value         1.812 
_pdbx_validate_rmsd_bond.bond_deviation            -0.116 
_pdbx_validate_rmsd_bond.bond_standard_deviation   0.016 
_pdbx_validate_rmsd_bond.linker_flag               N 
# 
loop_
_pdbx_validate_rmsd_angle.id 
_pdbx_validate_rmsd_angle.PDB_model_num 
_pdbx_validate_rmsd_angle.auth_atom_id_1 
_pdbx_validate_rmsd_angle.auth_asym_id_1 
_pdbx_validate_rmsd_angle.auth_comp_id_1 
_pdbx_validate_rmsd_angle.auth_seq_id_1 
_pdbx_validate_rmsd_angle.PDB_ins_code_1 
_pdbx_validate_rmsd_angle.label_alt_id_1 
_pdbx_validate_rmsd_angle.auth_atom_id_2 
_pdbx_validate_rmsd_angle.auth_asym_id_2 
_pdbx_validate_rmsd_angle.auth_comp_id_2 
_pdbx_validate_rmsd_angle.auth_seq_id_2 
_pdbx_validate_rmsd_angle.PDB_ins_code_2 
_pdbx_validate_rmsd_angle.label_alt_id_2 
_pdbx_validate_rmsd_angle.auth_atom_id_3 
_pdbx_validate_rmsd_angle.auth_asym_id_3 
_pdbx_validate_rmsd_angle.auth_comp_id_3 
_pdbx_validate_rmsd_angle.auth_seq_id_3 
_pdbx_validate_rmsd_angle.PDB_ins_code_3 
_pdbx_validate_rmsd_angle.label_alt_id_3 
_pdbx_validate_rmsd_angle.angle_value 
_pdbx_validate_rmsd_angle.angle_target_value 
_pdbx_validate_rmsd_angle.angle_deviation 
_pdbx_validate_rmsd_angle.angle_standard_deviation 
_pdbx_validate_rmsd_angle.linker_flag 
1 1 C A SER 3 ? ? N A PRO 4 ? ? CA A PRO 4 ? ? 140.68 119.30 21.38  1.50 Y 
2 1 C A SER 3 ? ? N A PRO 4 ? ? CD A PRO 4 ? ? 108.20 128.40 -20.20 2.10 Y 
# 
loop_
_pdbx_validate_torsion.id 
_pdbx_validate_torsion.PDB_model_num 
_pdbx_validate_torsion.auth_comp_id 
_pdbx_validate_torsion.auth_asym_id 
_pdbx_validate_torsion.auth_seq_id 
_pdbx_validate_torsion.PDB_ins_code 
_pdbx_validate_torsion.label_alt_id 
_pdbx_validate_torsion.phi 
_pdbx_validate_torsion.psi 
1 1 SER A 3  ? ? -114.30 70.02  
2 1 ASN A 43 ? ? 80.60   -7.14  
3 1 CYS A 75 ? ? -171.00 143.54 
# 
_pdbx_validate_peptide_omega.id               1 
_pdbx_validate_peptide_omega.PDB_model_num    1 
_pdbx_validate_peptide_omega.auth_comp_id_1   SER 
_pdbx_validate_peptide_omega.auth_asym_id_1   A 
_pdbx_validate_peptide_omega.auth_seq_id_1    3 
_pdbx_validate_peptide_omega.PDB_ins_code_1   ? 
_pdbx_validate_peptide_omega.label_alt_id_1   ? 
_pdbx_validate_peptide_omega.auth_comp_id_2   PRO 
_pdbx_validate_peptide_omega.auth_asym_id_2   A 
_pdbx_validate_peptide_omega.auth_seq_id_2    4 
_pdbx_validate_peptide_omega.PDB_ins_code_2   ? 
_pdbx_validate_peptide_omega.label_alt_id_2   ? 
_pdbx_validate_peptide_omega.omega            -148.91 
# 
_pdbx_SG_project.project_name          'PSI, Protein Structure Initiative' 
_pdbx_SG_project.full_name_of_center   'Joint Center for Structural Genomics' 
_pdbx_SG_project.id                    1 
_pdbx_SG_project.initial_of_center     JCSG 
# 
loop_
_pdbx_struct_mod_residue.id 
_pdbx_struct_mod_residue.label_asym_id 
_pdbx_struct_mod_residue.label_comp_id 
_pdbx_struct_mod_residue.label_seq_id 
_pdbx_struct_mod_residue.auth_asym_id 
_pdbx_struct_mod_residue.auth_comp_id 
_pdbx_struct_mod_residue.auth_seq_id 
_pdbx_struct_mod_residue.PDB_ins_code 
_pdbx_struct_mod_residue.parent_comp_id 
_pdbx_struct_mod_residue.details 
1 A MSE 2   A MSE 1   ? MET SELENOMETHIONINE 
2 A MSE 51  A MSE 50  ? MET SELENOMETHIONINE 
3 A MSE 118 A MSE 117 ? MET SELENOMETHIONINE 
4 A MSE 130 A MSE 129 ? MET SELENOMETHIONINE 
# 
loop_
_pdbx_refine_tls.pdbx_refine_id 
_pdbx_refine_tls.id 
_pdbx_refine_tls.details 
_pdbx_refine_tls.method 
_pdbx_refine_tls.origin_x 
_pdbx_refine_tls.origin_y 
_pdbx_refine_tls.origin_z 
_pdbx_refine_tls.T[1][1] 
_pdbx_refine_tls.T[2][2] 
_pdbx_refine_tls.T[3][3] 
_pdbx_refine_tls.T[1][2] 
_pdbx_refine_tls.T[1][3] 
_pdbx_refine_tls.T[2][3] 
_pdbx_refine_tls.L[1][1] 
_pdbx_refine_tls.L[2][2] 
_pdbx_refine_tls.L[3][3] 
_pdbx_refine_tls.L[1][2] 
_pdbx_refine_tls.L[1][3] 
_pdbx_refine_tls.L[2][3] 
_pdbx_refine_tls.S[1][1] 
_pdbx_refine_tls.S[2][2] 
_pdbx_refine_tls.S[3][3] 
_pdbx_refine_tls.S[1][2] 
_pdbx_refine_tls.S[1][3] 
_pdbx_refine_tls.S[2][3] 
_pdbx_refine_tls.S[2][1] 
_pdbx_refine_tls.S[3][1] 
_pdbx_refine_tls.S[3][2] 
'X-RAY DIFFRACTION' 1 ? refined 1.6323  3.2443  -0.1546 0.1099 0.0229 0.0251 -0.0242 -0.0015 -0.0040 1.5840 2.1185 2.6226 -0.3806 0.1318 -0.5868 0.0815  0.0046 -0.0861 -0.0334 0.0849  -0.0825 0.0283  -0.1051 0.2066 
'X-RAY DIFFRACTION' 2 ? refined -1.1288 -3.3184 -0.5185 0.0788 0.0148 0.0194 -0.0206 -0.0077 -0.0034 0.9765 2.4541 1.5157 0.2369  0.0353 -0.9666 -0.0266 0.0705 -0.0439 -0.0201 -0.0825 -0.0043 -0.1164 0.0508  0.0375 
# 
loop_
_pdbx_refine_tls_group.pdbx_refine_id 
_pdbx_refine_tls_group.id 
_pdbx_refine_tls_group.refine_tls_id 
_pdbx_refine_tls_group.beg_auth_asym_id 
_pdbx_refine_tls_group.beg_auth_seq_id 
_pdbx_refine_tls_group.end_auth_asym_id 
_pdbx_refine_tls_group.end_auth_seq_id 
_pdbx_refine_tls_group.selection_details 
_pdbx_refine_tls_group.beg_label_asym_id 
_pdbx_refine_tls_group.beg_label_seq_id 
_pdbx_refine_tls_group.end_label_asym_id 
_pdbx_refine_tls_group.end_label_seq_id 
_pdbx_refine_tls_group.selection 
'X-RAY DIFFRACTION' 1 1 A 1  A 62  ? . . . . ? 
'X-RAY DIFFRACTION' 2 2 A 72 A 141 ? . . . . ? 
# 
_phasing.method   MAD 
# 
loop_
_pdbx_unobs_or_zero_occ_residues.id 
_pdbx_unobs_or_zero_occ_residues.PDB_model_num 
_pdbx_unobs_or_zero_occ_residues.polymer_flag 
_pdbx_unobs_or_zero_occ_residues.occupancy_flag 
_pdbx_unobs_or_zero_occ_residues.auth_asym_id 
_pdbx_unobs_or_zero_occ_residues.auth_comp_id 
_pdbx_unobs_or_zero_occ_residues.auth_seq_id 
_pdbx_unobs_or_zero_occ_residues.PDB_ins_code 
_pdbx_unobs_or_zero_occ_residues.label_asym_id 
_pdbx_unobs_or_zero_occ_residues.label_comp_id 
_pdbx_unobs_or_zero_occ_residues.label_seq_id 
1  1 Y 1 A GLY 0  ? A GLY 1  
2  1 Y 1 A ASN 63 ? A ASN 64 
3  1 Y 1 A GLY 64 ? A GLY 65 
4  1 Y 1 A GLY 65 ? A GLY 66 
5  1 Y 1 A ALA 66 ? A ALA 67 
6  1 Y 1 A GLY 67 ? A GLY 68 
7  1 Y 1 A SER 68 ? A SER 69 
8  1 Y 1 A ALA 69 ? A ALA 70 
9  1 Y 1 A ALA 70 ? A ALA 71 
10 1 Y 1 A ASN 71 ? A ASN 72 
# 
loop_
_chem_comp_atom.comp_id 
_chem_comp_atom.atom_id 
_chem_comp_atom.type_symbol 
_chem_comp_atom.pdbx_aromatic_flag 
_chem_comp_atom.pdbx_stereo_config 
_chem_comp_atom.pdbx_ordinal 
ALA N    N  N N 1   
ALA CA   C  N S 2   
ALA C    C  N N 3   
ALA O    O  N N 4   
ALA CB   C  N N 5   
ALA OXT  O  N N 6   
ALA H    H  N N 7   
ALA H2   H  N N 8   
ALA HA   H  N N 9   
ALA HB1  H  N N 10  
ALA HB2  H  N N 11  
ALA HB3  H  N N 12  
ALA HXT  H  N N 13  
ARG N    N  N N 14  
ARG CA   C  N S 15  
ARG C    C  N N 16  
ARG O    O  N N 17  
ARG CB   C  N N 18  
ARG CG   C  N N 19  
ARG CD   C  N N 20  
ARG NE   N  N N 21  
ARG CZ   C  N N 22  
ARG NH1  N  N N 23  
ARG NH2  N  N N 24  
ARG OXT  O  N N 25  
ARG H    H  N N 26  
ARG H2   H  N N 27  
ARG HA   H  N N 28  
ARG HB2  H  N N 29  
ARG HB3  H  N N 30  
ARG HG2  H  N N 31  
ARG HG3  H  N N 32  
ARG HD2  H  N N 33  
ARG HD3  H  N N 34  
ARG HE   H  N N 35  
ARG HH11 H  N N 36  
ARG HH12 H  N N 37  
ARG HH21 H  N N 38  
ARG HH22 H  N N 39  
ARG HXT  H  N N 40  
ASN N    N  N N 41  
ASN CA   C  N S 42  
ASN C    C  N N 43  
ASN O    O  N N 44  
ASN CB   C  N N 45  
ASN CG   C  N N 46  
ASN OD1  O  N N 47  
ASN ND2  N  N N 48  
ASN OXT  O  N N 49  
ASN H    H  N N 50  
ASN H2   H  N N 51  
ASN HA   H  N N 52  
ASN HB2  H  N N 53  
ASN HB3  H  N N 54  
ASN HD21 H  N N 55  
ASN HD22 H  N N 56  
ASN HXT  H  N N 57  
ASP N    N  N N 58  
ASP CA   C  N S 59  
ASP C    C  N N 60  
ASP O    O  N N 61  
ASP CB   C  N N 62  
ASP CG   C  N N 63  
ASP OD1  O  N N 64  
ASP OD2  O  N N 65  
ASP OXT  O  N N 66  
ASP H    H  N N 67  
ASP H2   H  N N 68  
ASP HA   H  N N 69  
ASP HB2  H  N N 70  
ASP HB3  H  N N 71  
ASP HD2  H  N N 72  
ASP HXT  H  N N 73  
CYS N    N  N N 74  
CYS CA   C  N R 75  
CYS C    C  N N 76  
CYS O    O  N N 77  
CYS CB   C  N N 78  
CYS SG   S  N N 79  
CYS OXT  O  N N 80  
CYS H    H  N N 81  
CYS H2   H  N N 82  
CYS HA   H  N N 83  
CYS HB2  H  N N 84  
CYS HB3  H  N N 85  
CYS HG   H  N N 86  
CYS HXT  H  N N 87  
EDO C1   C  N N 88  
EDO O1   O  N N 89  
EDO C2   C  N N 90  
EDO O2   O  N N 91  
EDO H11  H  N N 92  
EDO H12  H  N N 93  
EDO HO1  H  N N 94  
EDO H21  H  N N 95  
EDO H22  H  N N 96  
EDO HO2  H  N N 97  
GLN N    N  N N 98  
GLN CA   C  N S 99  
GLN C    C  N N 100 
GLN O    O  N N 101 
GLN CB   C  N N 102 
GLN CG   C  N N 103 
GLN CD   C  N N 104 
GLN OE1  O  N N 105 
GLN NE2  N  N N 106 
GLN OXT  O  N N 107 
GLN H    H  N N 108 
GLN H2   H  N N 109 
GLN HA   H  N N 110 
GLN HB2  H  N N 111 
GLN HB3  H  N N 112 
GLN HG2  H  N N 113 
GLN HG3  H  N N 114 
GLN HE21 H  N N 115 
GLN HE22 H  N N 116 
GLN HXT  H  N N 117 
GLU N    N  N N 118 
GLU CA   C  N S 119 
GLU C    C  N N 120 
GLU O    O  N N 121 
GLU CB   C  N N 122 
GLU CG   C  N N 123 
GLU CD   C  N N 124 
GLU OE1  O  N N 125 
GLU OE2  O  N N 126 
GLU OXT  O  N N 127 
GLU H    H  N N 128 
GLU H2   H  N N 129 
GLU HA   H  N N 130 
GLU HB2  H  N N 131 
GLU HB3  H  N N 132 
GLU HG2  H  N N 133 
GLU HG3  H  N N 134 
GLU HE2  H  N N 135 
GLU HXT  H  N N 136 
GLY N    N  N N 137 
GLY CA   C  N N 138 
GLY C    C  N N 139 
GLY O    O  N N 140 
GLY OXT  O  N N 141 
GLY H    H  N N 142 
GLY H2   H  N N 143 
GLY HA2  H  N N 144 
GLY HA3  H  N N 145 
GLY HXT  H  N N 146 
HIS N    N  N N 147 
HIS CA   C  N S 148 
HIS C    C  N N 149 
HIS O    O  N N 150 
HIS CB   C  N N 151 
HIS CG   C  Y N 152 
HIS ND1  N  Y N 153 
HIS CD2  C  Y N 154 
HIS CE1  C  Y N 155 
HIS NE2  N  Y N 156 
HIS OXT  O  N N 157 
HIS H    H  N N 158 
HIS H2   H  N N 159 
HIS HA   H  N N 160 
HIS HB2  H  N N 161 
HIS HB3  H  N N 162 
HIS HD1  H  N N 163 
HIS HD2  H  N N 164 
HIS HE1  H  N N 165 
HIS HE2  H  N N 166 
HIS HXT  H  N N 167 
HOH O    O  N N 168 
HOH H1   H  N N 169 
HOH H2   H  N N 170 
ILE N    N  N N 171 
ILE CA   C  N S 172 
ILE C    C  N N 173 
ILE O    O  N N 174 
ILE CB   C  N S 175 
ILE CG1  C  N N 176 
ILE CG2  C  N N 177 
ILE CD1  C  N N 178 
ILE OXT  O  N N 179 
ILE H    H  N N 180 
ILE H2   H  N N 181 
ILE HA   H  N N 182 
ILE HB   H  N N 183 
ILE HG12 H  N N 184 
ILE HG13 H  N N 185 
ILE HG21 H  N N 186 
ILE HG22 H  N N 187 
ILE HG23 H  N N 188 
ILE HD11 H  N N 189 
ILE HD12 H  N N 190 
ILE HD13 H  N N 191 
ILE HXT  H  N N 192 
LEU N    N  N N 193 
LEU CA   C  N S 194 
LEU C    C  N N 195 
LEU O    O  N N 196 
LEU CB   C  N N 197 
LEU CG   C  N N 198 
LEU CD1  C  N N 199 
LEU CD2  C  N N 200 
LEU OXT  O  N N 201 
LEU H    H  N N 202 
LEU H2   H  N N 203 
LEU HA   H  N N 204 
LEU HB2  H  N N 205 
LEU HB3  H  N N 206 
LEU HG   H  N N 207 
LEU HD11 H  N N 208 
LEU HD12 H  N N 209 
LEU HD13 H  N N 210 
LEU HD21 H  N N 211 
LEU HD22 H  N N 212 
LEU HD23 H  N N 213 
LEU HXT  H  N N 214 
LYS N    N  N N 215 
LYS CA   C  N S 216 
LYS C    C  N N 217 
LYS O    O  N N 218 
LYS CB   C  N N 219 
LYS CG   C  N N 220 
LYS CD   C  N N 221 
LYS CE   C  N N 222 
LYS NZ   N  N N 223 
LYS OXT  O  N N 224 
LYS H    H  N N 225 
LYS H2   H  N N 226 
LYS HA   H  N N 227 
LYS HB2  H  N N 228 
LYS HB3  H  N N 229 
LYS HG2  H  N N 230 
LYS HG3  H  N N 231 
LYS HD2  H  N N 232 
LYS HD3  H  N N 233 
LYS HE2  H  N N 234 
LYS HE3  H  N N 235 
LYS HZ1  H  N N 236 
LYS HZ2  H  N N 237 
LYS HZ3  H  N N 238 
LYS HXT  H  N N 239 
MSE N    N  N N 240 
MSE CA   C  N S 241 
MSE C    C  N N 242 
MSE O    O  N N 243 
MSE OXT  O  N N 244 
MSE CB   C  N N 245 
MSE CG   C  N N 246 
MSE SE   SE N N 247 
MSE CE   C  N N 248 
MSE H    H  N N 249 
MSE H2   H  N N 250 
MSE HA   H  N N 251 
MSE HXT  H  N N 252 
MSE HB2  H  N N 253 
MSE HB3  H  N N 254 
MSE HG2  H  N N 255 
MSE HG3  H  N N 256 
MSE HE1  H  N N 257 
MSE HE2  H  N N 258 
MSE HE3  H  N N 259 
PHE N    N  N N 260 
PHE CA   C  N S 261 
PHE C    C  N N 262 
PHE O    O  N N 263 
PHE CB   C  N N 264 
PHE CG   C  Y N 265 
PHE CD1  C  Y N 266 
PHE CD2  C  Y N 267 
PHE CE1  C  Y N 268 
PHE CE2  C  Y N 269 
PHE CZ   C  Y N 270 
PHE OXT  O  N N 271 
PHE H    H  N N 272 
PHE H2   H  N N 273 
PHE HA   H  N N 274 
PHE HB2  H  N N 275 
PHE HB3  H  N N 276 
PHE HD1  H  N N 277 
PHE HD2  H  N N 278 
PHE HE1  H  N N 279 
PHE HE2  H  N N 280 
PHE HZ   H  N N 281 
PHE HXT  H  N N 282 
PRO N    N  N N 283 
PRO CA   C  N S 284 
PRO C    C  N N 285 
PRO O    O  N N 286 
PRO CB   C  N N 287 
PRO CG   C  N N 288 
PRO CD   C  N N 289 
PRO OXT  O  N N 290 
PRO H    H  N N 291 
PRO HA   H  N N 292 
PRO HB2  H  N N 293 
PRO HB3  H  N N 294 
PRO HG2  H  N N 295 
PRO HG3  H  N N 296 
PRO HD2  H  N N 297 
PRO HD3  H  N N 298 
PRO HXT  H  N N 299 
SER N    N  N N 300 
SER CA   C  N S 301 
SER C    C  N N 302 
SER O    O  N N 303 
SER CB   C  N N 304 
SER OG   O  N N 305 
SER OXT  O  N N 306 
SER H    H  N N 307 
SER H2   H  N N 308 
SER HA   H  N N 309 
SER HB2  H  N N 310 
SER HB3  H  N N 311 
SER HG   H  N N 312 
SER HXT  H  N N 313 
SIN C1   C  N N 314 
SIN O1   O  N N 315 
SIN O2   O  N N 316 
SIN C2   C  N N 317 
SIN C3   C  N N 318 
SIN C4   C  N N 319 
SIN O3   O  N N 320 
SIN O4   O  N N 321 
SIN HO2  H  N N 322 
SIN H21  H  N N 323 
SIN H22  H  N N 324 
SIN H31  H  N N 325 
SIN H32  H  N N 326 
SIN HO4  H  N N 327 
THR N    N  N N 328 
THR CA   C  N S 329 
THR C    C  N N 330 
THR O    O  N N 331 
THR CB   C  N R 332 
THR OG1  O  N N 333 
THR CG2  C  N N 334 
THR OXT  O  N N 335 
THR H    H  N N 336 
THR H2   H  N N 337 
THR HA   H  N N 338 
THR HB   H  N N 339 
THR HG1  H  N N 340 
THR HG21 H  N N 341 
THR HG22 H  N N 342 
THR HG23 H  N N 343 
THR HXT  H  N N 344 
TYR N    N  N N 345 
TYR CA   C  N S 346 
TYR C    C  N N 347 
TYR O    O  N N 348 
TYR CB   C  N N 349 
TYR CG   C  Y N 350 
TYR CD1  C  Y N 351 
TYR CD2  C  Y N 352 
TYR CE1  C  Y N 353 
TYR CE2  C  Y N 354 
TYR CZ   C  Y N 355 
TYR OH   O  N N 356 
TYR OXT  O  N N 357 
TYR H    H  N N 358 
TYR H2   H  N N 359 
TYR HA   H  N N 360 
TYR HB2  H  N N 361 
TYR HB3  H  N N 362 
TYR HD1  H  N N 363 
TYR HD2  H  N N 364 
TYR HE1  H  N N 365 
TYR HE2  H  N N 366 
TYR HH   H  N N 367 
TYR HXT  H  N N 368 
VAL N    N  N N 369 
VAL CA   C  N S 370 
VAL C    C  N N 371 
VAL O    O  N N 372 
VAL CB   C  N N 373 
VAL CG1  C  N N 374 
VAL CG2  C  N N 375 
VAL OXT  O  N N 376 
VAL H    H  N N 377 
VAL H2   H  N N 378 
VAL HA   H  N N 379 
VAL HB   H  N N 380 
VAL HG11 H  N N 381 
VAL HG12 H  N N 382 
VAL HG13 H  N N 383 
VAL HG21 H  N N 384 
VAL HG22 H  N N 385 
VAL HG23 H  N N 386 
VAL HXT  H  N N 387 
# 
loop_
_chem_comp_bond.comp_id 
_chem_comp_bond.atom_id_1 
_chem_comp_bond.atom_id_2 
_chem_comp_bond.value_order 
_chem_comp_bond.pdbx_aromatic_flag 
_chem_comp_bond.pdbx_stereo_config 
_chem_comp_bond.pdbx_ordinal 
ALA N   CA   sing N N 1   
ALA N   H    sing N N 2   
ALA N   H2   sing N N 3   
ALA CA  C    sing N N 4   
ALA CA  CB   sing N N 5   
ALA CA  HA   sing N N 6   
ALA C   O    doub N N 7   
ALA C   OXT  sing N N 8   
ALA CB  HB1  sing N N 9   
ALA CB  HB2  sing N N 10  
ALA CB  HB3  sing N N 11  
ALA OXT HXT  sing N N 12  
ARG N   CA   sing N N 13  
ARG N   H    sing N N 14  
ARG N   H2   sing N N 15  
ARG CA  C    sing N N 16  
ARG CA  CB   sing N N 17  
ARG CA  HA   sing N N 18  
ARG C   O    doub N N 19  
ARG C   OXT  sing N N 20  
ARG CB  CG   sing N N 21  
ARG CB  HB2  sing N N 22  
ARG CB  HB3  sing N N 23  
ARG CG  CD   sing N N 24  
ARG CG  HG2  sing N N 25  
ARG CG  HG3  sing N N 26  
ARG CD  NE   sing N N 27  
ARG CD  HD2  sing N N 28  
ARG CD  HD3  sing N N 29  
ARG NE  CZ   sing N N 30  
ARG NE  HE   sing N N 31  
ARG CZ  NH1  sing N N 32  
ARG CZ  NH2  doub N N 33  
ARG NH1 HH11 sing N N 34  
ARG NH1 HH12 sing N N 35  
ARG NH2 HH21 sing N N 36  
ARG NH2 HH22 sing N N 37  
ARG OXT HXT  sing N N 38  
ASN N   CA   sing N N 39  
ASN N   H    sing N N 40  
ASN N   H2   sing N N 41  
ASN CA  C    sing N N 42  
ASN CA  CB   sing N N 43  
ASN CA  HA   sing N N 44  
ASN C   O    doub N N 45  
ASN C   OXT  sing N N 46  
ASN CB  CG   sing N N 47  
ASN CB  HB2  sing N N 48  
ASN CB  HB3  sing N N 49  
ASN CG  OD1  doub N N 50  
ASN CG  ND2  sing N N 51  
ASN ND2 HD21 sing N N 52  
ASN ND2 HD22 sing N N 53  
ASN OXT HXT  sing N N 54  
ASP N   CA   sing N N 55  
ASP N   H    sing N N 56  
ASP N   H2   sing N N 57  
ASP CA  C    sing N N 58  
ASP CA  CB   sing N N 59  
ASP CA  HA   sing N N 60  
ASP C   O    doub N N 61  
ASP C   OXT  sing N N 62  
ASP CB  CG   sing N N 63  
ASP CB  HB2  sing N N 64  
ASP CB  HB3  sing N N 65  
ASP CG  OD1  doub N N 66  
ASP CG  OD2  sing N N 67  
ASP OD2 HD2  sing N N 68  
ASP OXT HXT  sing N N 69  
CYS N   CA   sing N N 70  
CYS N   H    sing N N 71  
CYS N   H2   sing N N 72  
CYS CA  C    sing N N 73  
CYS CA  CB   sing N N 74  
CYS CA  HA   sing N N 75  
CYS C   O    doub N N 76  
CYS C   OXT  sing N N 77  
CYS CB  SG   sing N N 78  
CYS CB  HB2  sing N N 79  
CYS CB  HB3  sing N N 80  
CYS SG  HG   sing N N 81  
CYS OXT HXT  sing N N 82  
EDO C1  O1   sing N N 83  
EDO C1  C2   sing N N 84  
EDO C1  H11  sing N N 85  
EDO C1  H12  sing N N 86  
EDO O1  HO1  sing N N 87  
EDO C2  O2   sing N N 88  
EDO C2  H21  sing N N 89  
EDO C2  H22  sing N N 90  
EDO O2  HO2  sing N N 91  
GLN N   CA   sing N N 92  
GLN N   H    sing N N 93  
GLN N   H2   sing N N 94  
GLN CA  C    sing N N 95  
GLN CA  CB   sing N N 96  
GLN CA  HA   sing N N 97  
GLN C   O    doub N N 98  
GLN C   OXT  sing N N 99  
GLN CB  CG   sing N N 100 
GLN CB  HB2  sing N N 101 
GLN CB  HB3  sing N N 102 
GLN CG  CD   sing N N 103 
GLN CG  HG2  sing N N 104 
GLN CG  HG3  sing N N 105 
GLN CD  OE1  doub N N 106 
GLN CD  NE2  sing N N 107 
GLN NE2 HE21 sing N N 108 
GLN NE2 HE22 sing N N 109 
GLN OXT HXT  sing N N 110 
GLU N   CA   sing N N 111 
GLU N   H    sing N N 112 
GLU N   H2   sing N N 113 
GLU CA  C    sing N N 114 
GLU CA  CB   sing N N 115 
GLU CA  HA   sing N N 116 
GLU C   O    doub N N 117 
GLU C   OXT  sing N N 118 
GLU CB  CG   sing N N 119 
GLU CB  HB2  sing N N 120 
GLU CB  HB3  sing N N 121 
GLU CG  CD   sing N N 122 
GLU CG  HG2  sing N N 123 
GLU CG  HG3  sing N N 124 
GLU CD  OE1  doub N N 125 
GLU CD  OE2  sing N N 126 
GLU OE2 HE2  sing N N 127 
GLU OXT HXT  sing N N 128 
GLY N   CA   sing N N 129 
GLY N   H    sing N N 130 
GLY N   H2   sing N N 131 
GLY CA  C    sing N N 132 
GLY CA  HA2  sing N N 133 
GLY CA  HA3  sing N N 134 
GLY C   O    doub N N 135 
GLY C   OXT  sing N N 136 
GLY OXT HXT  sing N N 137 
HIS N   CA   sing N N 138 
HIS N   H    sing N N 139 
HIS N   H2   sing N N 140 
HIS CA  C    sing N N 141 
HIS CA  CB   sing N N 142 
HIS CA  HA   sing N N 143 
HIS C   O    doub N N 144 
HIS C   OXT  sing N N 145 
HIS CB  CG   sing N N 146 
HIS CB  HB2  sing N N 147 
HIS CB  HB3  sing N N 148 
HIS CG  ND1  sing Y N 149 
HIS CG  CD2  doub Y N 150 
HIS ND1 CE1  doub Y N 151 
HIS ND1 HD1  sing N N 152 
HIS CD2 NE2  sing Y N 153 
HIS CD2 HD2  sing N N 154 
HIS CE1 NE2  sing Y N 155 
HIS CE1 HE1  sing N N 156 
HIS NE2 HE2  sing N N 157 
HIS OXT HXT  sing N N 158 
HOH O   H1   sing N N 159 
HOH O   H2   sing N N 160 
ILE N   CA   sing N N 161 
ILE N   H    sing N N 162 
ILE N   H2   sing N N 163 
ILE CA  C    sing N N 164 
ILE CA  CB   sing N N 165 
ILE CA  HA   sing N N 166 
ILE C   O    doub N N 167 
ILE C   OXT  sing N N 168 
ILE CB  CG1  sing N N 169 
ILE CB  CG2  sing N N 170 
ILE CB  HB   sing N N 171 
ILE CG1 CD1  sing N N 172 
ILE CG1 HG12 sing N N 173 
ILE CG1 HG13 sing N N 174 
ILE CG2 HG21 sing N N 175 
ILE CG2 HG22 sing N N 176 
ILE CG2 HG23 sing N N 177 
ILE CD1 HD11 sing N N 178 
ILE CD1 HD12 sing N N 179 
ILE CD1 HD13 sing N N 180 
ILE OXT HXT  sing N N 181 
LEU N   CA   sing N N 182 
LEU N   H    sing N N 183 
LEU N   H2   sing N N 184 
LEU CA  C    sing N N 185 
LEU CA  CB   sing N N 186 
LEU CA  HA   sing N N 187 
LEU C   O    doub N N 188 
LEU C   OXT  sing N N 189 
LEU CB  CG   sing N N 190 
LEU CB  HB2  sing N N 191 
LEU CB  HB3  sing N N 192 
LEU CG  CD1  sing N N 193 
LEU CG  CD2  sing N N 194 
LEU CG  HG   sing N N 195 
LEU CD1 HD11 sing N N 196 
LEU CD1 HD12 sing N N 197 
LEU CD1 HD13 sing N N 198 
LEU CD2 HD21 sing N N 199 
LEU CD2 HD22 sing N N 200 
LEU CD2 HD23 sing N N 201 
LEU OXT HXT  sing N N 202 
LYS N   CA   sing N N 203 
LYS N   H    sing N N 204 
LYS N   H2   sing N N 205 
LYS CA  C    sing N N 206 
LYS CA  CB   sing N N 207 
LYS CA  HA   sing N N 208 
LYS C   O    doub N N 209 
LYS C   OXT  sing N N 210 
LYS CB  CG   sing N N 211 
LYS CB  HB2  sing N N 212 
LYS CB  HB3  sing N N 213 
LYS CG  CD   sing N N 214 
LYS CG  HG2  sing N N 215 
LYS CG  HG3  sing N N 216 
LYS CD  CE   sing N N 217 
LYS CD  HD2  sing N N 218 
LYS CD  HD3  sing N N 219 
LYS CE  NZ   sing N N 220 
LYS CE  HE2  sing N N 221 
LYS CE  HE3  sing N N 222 
LYS NZ  HZ1  sing N N 223 
LYS NZ  HZ2  sing N N 224 
LYS NZ  HZ3  sing N N 225 
LYS OXT HXT  sing N N 226 
MSE N   CA   sing N N 227 
MSE N   H    sing N N 228 
MSE N   H2   sing N N 229 
MSE CA  C    sing N N 230 
MSE CA  CB   sing N N 231 
MSE CA  HA   sing N N 232 
MSE C   O    doub N N 233 
MSE C   OXT  sing N N 234 
MSE OXT HXT  sing N N 235 
MSE CB  CG   sing N N 236 
MSE CB  HB2  sing N N 237 
MSE CB  HB3  sing N N 238 
MSE CG  SE   sing N N 239 
MSE CG  HG2  sing N N 240 
MSE CG  HG3  sing N N 241 
MSE SE  CE   sing N N 242 
MSE CE  HE1  sing N N 243 
MSE CE  HE2  sing N N 244 
MSE CE  HE3  sing N N 245 
PHE N   CA   sing N N 246 
PHE N   H    sing N N 247 
PHE N   H2   sing N N 248 
PHE CA  C    sing N N 249 
PHE CA  CB   sing N N 250 
PHE CA  HA   sing N N 251 
PHE C   O    doub N N 252 
PHE C   OXT  sing N N 253 
PHE CB  CG   sing N N 254 
PHE CB  HB2  sing N N 255 
PHE CB  HB3  sing N N 256 
PHE CG  CD1  doub Y N 257 
PHE CG  CD2  sing Y N 258 
PHE CD1 CE1  sing Y N 259 
PHE CD1 HD1  sing N N 260 
PHE CD2 CE2  doub Y N 261 
PHE CD2 HD2  sing N N 262 
PHE CE1 CZ   doub Y N 263 
PHE CE1 HE1  sing N N 264 
PHE CE2 CZ   sing Y N 265 
PHE CE2 HE2  sing N N 266 
PHE CZ  HZ   sing N N 267 
PHE OXT HXT  sing N N 268 
PRO N   CA   sing N N 269 
PRO N   CD   sing N N 270 
PRO N   H    sing N N 271 
PRO CA  C    sing N N 272 
PRO CA  CB   sing N N 273 
PRO CA  HA   sing N N 274 
PRO C   O    doub N N 275 
PRO C   OXT  sing N N 276 
PRO CB  CG   sing N N 277 
PRO CB  HB2  sing N N 278 
PRO CB  HB3  sing N N 279 
PRO CG  CD   sing N N 280 
PRO CG  HG2  sing N N 281 
PRO CG  HG3  sing N N 282 
PRO CD  HD2  sing N N 283 
PRO CD  HD3  sing N N 284 
PRO OXT HXT  sing N N 285 
SER N   CA   sing N N 286 
SER N   H    sing N N 287 
SER N   H2   sing N N 288 
SER CA  C    sing N N 289 
SER CA  CB   sing N N 290 
SER CA  HA   sing N N 291 
SER C   O    doub N N 292 
SER C   OXT  sing N N 293 
SER CB  OG   sing N N 294 
SER CB  HB2  sing N N 295 
SER CB  HB3  sing N N 296 
SER OG  HG   sing N N 297 
SER OXT HXT  sing N N 298 
SIN C1  O1   doub N N 299 
SIN C1  O2   sing N N 300 
SIN C1  C2   sing N N 301 
SIN O2  HO2  sing N N 302 
SIN C2  C3   sing N N 303 
SIN C2  H21  sing N N 304 
SIN C2  H22  sing N N 305 
SIN C3  C4   sing N N 306 
SIN C3  H31  sing N N 307 
SIN C3  H32  sing N N 308 
SIN C4  O3   doub N N 309 
SIN C4  O4   sing N N 310 
SIN O4  HO4  sing N N 311 
THR N   CA   sing N N 312 
THR N   H    sing N N 313 
THR N   H2   sing N N 314 
THR CA  C    sing N N 315 
THR CA  CB   sing N N 316 
THR CA  HA   sing N N 317 
THR C   O    doub N N 318 
THR C   OXT  sing N N 319 
THR CB  OG1  sing N N 320 
THR CB  CG2  sing N N 321 
THR CB  HB   sing N N 322 
THR OG1 HG1  sing N N 323 
THR CG2 HG21 sing N N 324 
THR CG2 HG22 sing N N 325 
THR CG2 HG23 sing N N 326 
THR OXT HXT  sing N N 327 
TYR N   CA   sing N N 328 
TYR N   H    sing N N 329 
TYR N   H2   sing N N 330 
TYR CA  C    sing N N 331 
TYR CA  CB   sing N N 332 
TYR CA  HA   sing N N 333 
TYR C   O    doub N N 334 
TYR C   OXT  sing N N 335 
TYR CB  CG   sing N N 336 
TYR CB  HB2  sing N N 337 
TYR CB  HB3  sing N N 338 
TYR CG  CD1  doub Y N 339 
TYR CG  CD2  sing Y N 340 
TYR CD1 CE1  sing Y N 341 
TYR CD1 HD1  sing N N 342 
TYR CD2 CE2  doub Y N 343 
TYR CD2 HD2  sing N N 344 
TYR CE1 CZ   doub Y N 345 
TYR CE1 HE1  sing N N 346 
TYR CE2 CZ   sing Y N 347 
TYR CE2 HE2  sing N N 348 
TYR CZ  OH   sing N N 349 
TYR OH  HH   sing N N 350 
TYR OXT HXT  sing N N 351 
VAL N   CA   sing N N 352 
VAL N   H    sing N N 353 
VAL N   H2   sing N N 354 
VAL CA  C    sing N N 355 
VAL CA  CB   sing N N 356 
VAL CA  HA   sing N N 357 
VAL C   O    doub N N 358 
VAL C   OXT  sing N N 359 
VAL CB  CG1  sing N N 360 
VAL CB  CG2  sing N N 361 
VAL CB  HB   sing N N 362 
VAL CG1 HG11 sing N N 363 
VAL CG1 HG12 sing N N 364 
VAL CG1 HG13 sing N N 365 
VAL CG2 HG21 sing N N 366 
VAL CG2 HG22 sing N N 367 
VAL CG2 HG23 sing N N 368 
VAL OXT HXT  sing N N 369 
# 
_atom_sites.entry_id                    3MDP 
_atom_sites.fract_transf_matrix[1][1]   0.00669994 
_atom_sites.fract_transf_matrix[1][2]   -0.00790124 
_atom_sites.fract_transf_matrix[1][3]   0.00122800 
_atom_sites.fract_transf_matrix[2][1]   -0.00490664 
_atom_sites.fract_transf_matrix[2][2]   -0.00279751 
_atom_sites.fract_transf_matrix[2][3]   0.00877071 
_atom_sites.fract_transf_matrix[3][1]   -0.01705573 
_atom_sites.fract_transf_matrix[3][2]   -0.01677720 
_atom_sites.fract_transf_matrix[3][3]   -0.01489283 
_atom_sites.fract_transf_vector[1]      0.617434 
_atom_sites.fract_transf_vector[2]      0.219859 
_atom_sites.fract_transf_vector[3]      0.320843 
# 
loop_
_atom_type.symbol 
C  
N  
O  
S  
SE 
# 
loop_
_atom_site.group_PDB 
_atom_site.id 
_atom_site.type_symbol 
_atom_site.label_atom_id 
_atom_site.label_alt_id 
_atom_site.label_comp_id 
_atom_site.label_asym_id 
_atom_site.label_entity_id 
_atom_site.label_seq_id 
_atom_site.pdbx_PDB_ins_code 
_atom_site.Cartn_x 
_atom_site.Cartn_y 
_atom_site.Cartn_z 
_atom_site.occupancy 
_atom_site.B_iso_or_equiv 
_atom_site.pdbx_formal_charge 
_atom_site.auth_seq_id 
_atom_site.auth_comp_id 
_atom_site.auth_asym_id 
_atom_site.auth_atom_id 
_atom_site.pdbx_PDB_model_num 
HETATM 1    N  N   . MSE A 1 2   ? 10.443  12.016  -4.692  1.00 38.41 ? 1   MSE A N   1 
HETATM 2    C  CA  . MSE A 1 2   ? 9.482   12.262  -3.577  1.00 37.02 ? 1   MSE A CA  1 
HETATM 3    C  C   . MSE A 1 2   ? 9.978   11.504  -2.328  1.00 36.61 ? 1   MSE A C   1 
HETATM 4    O  O   . MSE A 1 2   ? 10.173  12.107  -1.274  1.00 36.81 ? 1   MSE A O   1 
HETATM 5    C  CB  . MSE A 1 2   ? 8.033   11.844  -3.976  1.00 33.15 ? 1   MSE A CB  1 
ATOM   6    N  N   . ILE A 1 3   ? 10.215  10.191  -2.460  1.00 35.67 ? 2   ILE A N   1 
ATOM   7    C  CA  . ILE A 1 3   ? 10.306  9.313   -1.281  1.00 32.08 ? 2   ILE A CA  1 
ATOM   8    C  C   . ILE A 1 3   ? 11.766  9.143   -0.838  1.00 35.33 ? 2   ILE A C   1 
ATOM   9    O  O   . ILE A 1 3   ? 12.624  8.683   -1.631  1.00 36.40 ? 2   ILE A O   1 
ATOM   10   C  CB  . ILE A 1 3   ? 9.601   7.960   -1.511  1.00 29.85 ? 2   ILE A CB  1 
ATOM   11   C  CG1 . ILE A 1 3   ? 8.204   8.187   -2.070  1.00 26.42 ? 2   ILE A CG1 1 
ATOM   12   C  CG2 . ILE A 1 3   ? 9.368   7.231   -0.170  1.00 14.01 ? 2   ILE A CG2 1 
ATOM   13   C  CD1 . ILE A 1 3   ? 7.284   8.768   -1.056  1.00 23.98 ? 2   ILE A CD1 1 
ATOM   14   N  N   . SER A 1 4   ? 12.030  9.555   0.414   1.00 33.31 ? 3   SER A N   1 
ATOM   15   C  CA  . SER A 1 4   ? 13.393  9.795   0.929   1.00 32.29 ? 3   SER A CA  1 
ATOM   16   C  C   . SER A 1 4   ? 13.630  8.756   2.012   1.00 28.45 ? 3   SER A C   1 
ATOM   17   O  O   . SER A 1 4   ? 13.783  9.131   3.193   1.00 24.66 ? 3   SER A O   1 
ATOM   18   C  CB  . SER A 1 4   ? 13.565  11.219  1.494   1.00 32.75 ? 3   SER A CB  1 
ATOM   19   N  N   . PRO A 1 5   ? 13.761  7.475   1.571   1.00 23.38 ? 4   PRO A N   1 
ATOM   20   C  CA  . PRO A 1 5   ? 13.498  6.098   1.995   1.00 23.53 ? 4   PRO A CA  1 
ATOM   21   C  C   . PRO A 1 5   ? 14.054  5.533   3.304   1.00 22.21 ? 4   PRO A C   1 
ATOM   22   O  O   . PRO A 1 5   ? 13.628  4.448   3.747   1.00 23.35 ? 4   PRO A O   1 
ATOM   23   C  CB  . PRO A 1 5   ? 14.148  5.287   0.869   1.00 26.11 ? 4   PRO A CB  1 
ATOM   24   C  CG  . PRO A 1 5   ? 15.285  6.082   0.472   1.00 24.19 ? 4   PRO A CG  1 
ATOM   25   C  CD  . PRO A 1 5   ? 14.749  7.465   0.462   1.00 24.62 ? 4   PRO A CD  1 
ATOM   26   N  N   . GLU A 1 6   ? 15.011  6.211   3.904   1.00 13.13 ? 5   GLU A N   1 
ATOM   27   C  CA  . GLU A 1 6   ? 15.235  6.004   5.323   1.00 13.78 ? 5   GLU A CA  1 
ATOM   28   C  C   . GLU A 1 6   ? 13.918  6.305   6.082   1.00 9.23  ? 5   GLU A C   1 
ATOM   29   O  O   . GLU A 1 6   ? 13.652  5.691   7.101   1.00 7.01  ? 5   GLU A O   1 
ATOM   30   C  CB  . GLU A 1 6   ? 16.417  6.834   5.836   1.00 15.92 ? 5   GLU A CB  1 
ATOM   31   C  CG  . GLU A 1 6   ? 17.804  6.201   5.546   1.00 26.23 ? 5   GLU A CG  1 
ATOM   32   C  CD  . GLU A 1 6   ? 18.222  5.061   6.532   1.00 34.61 ? 5   GLU A CD  1 
ATOM   33   O  OE1 . GLU A 1 6   ? 17.365  4.488   7.263   1.00 35.61 ? 5   GLU A OE1 1 
ATOM   34   O  OE2 . GLU A 1 6   ? 19.439  4.739   6.562   1.00 39.13 ? 5   GLU A OE2 1 
ATOM   35   N  N   A ARG A 1 7   ? 13.104  7.229   5.574   0.40 8.79  ? 6   ARG A N   1 
ATOM   36   N  N   B ARG A 1 7   ? 13.097  7.225   5.569   0.60 8.35  ? 6   ARG A N   1 
ATOM   37   C  CA  A ARG A 1 7   ? 11.824  7.534   6.211   0.40 10.26 ? 6   ARG A CA  1 
ATOM   38   C  CA  B ARG A 1 7   ? 11.815  7.533   6.217   0.60 10.80 ? 6   ARG A CA  1 
ATOM   39   C  C   A ARG A 1 7   ? 10.857  6.346   6.154   0.40 10.44 ? 6   ARG A C   1 
ATOM   40   C  C   B ARG A 1 7   ? 10.857  6.340   6.156   0.60 10.61 ? 6   ARG A C   1 
ATOM   41   O  O   A ARG A 1 7   ? 10.052  6.170   7.056   0.40 13.14 ? 6   ARG A O   1 
ATOM   42   O  O   B ARG A 1 7   ? 10.054  6.163   7.052   0.60 14.33 ? 6   ARG A O   1 
ATOM   43   C  CB  A ARG A 1 7   ? 11.182  8.780   5.590   0.40 11.35 ? 6   ARG A CB  1 
ATOM   44   C  CB  B ARG A 1 7   ? 11.145  8.779   5.615   0.60 12.75 ? 6   ARG A CB  1 
ATOM   45   C  CG  A ARG A 1 7   ? 11.966  10.080  5.827   0.40 11.82 ? 6   ARG A CG  1 
ATOM   46   C  CG  B ARG A 1 7   ? 11.911  10.101  5.820   0.60 15.12 ? 6   ARG A CG  1 
ATOM   47   C  CD  A ARG A 1 7   ? 11.171  11.291  5.331   0.40 13.64 ? 6   ARG A CD  1 
ATOM   48   C  CD  B ARG A 1 7   ? 10.978  11.318  5.632   0.60 19.25 ? 6   ARG A CD  1 
ATOM   49   N  NE  A ARG A 1 7   ? 10.978  11.287  3.887   0.40 17.25 ? 6   ARG A NE  1 
ATOM   50   N  NE  B ARG A 1 7   ? 10.285  11.669  6.881   0.60 24.11 ? 6   ARG A NE  1 
ATOM   51   C  CZ  A ARG A 1 7   ? 10.078  12.037  3.254   0.40 21.05 ? 6   ARG A CZ  1 
ATOM   52   C  CZ  B ARG A 1 7   ? 9.486   12.727  7.047   0.60 21.91 ? 6   ARG A CZ  1 
ATOM   53   N  NH1 A ARG A 1 7   ? 9.285   12.841  3.942   0.40 20.59 ? 6   ARG A NH1 1 
ATOM   54   N  NH1 B ARG A 1 7   ? 9.246   13.561  6.042   0.60 18.41 ? 6   ARG A NH1 1 
ATOM   55   N  NH2 A ARG A 1 7   ? 9.963   11.974  1.936   0.40 22.32 ? 6   ARG A NH2 1 
ATOM   56   N  NH2 B ARG A 1 7   ? 8.918   12.945  8.231   0.60 20.39 ? 6   ARG A NH2 1 
ATOM   57   N  N   . LEU A 1 8   ? 10.947  5.531   5.103   1.00 10.50 ? 7   LEU A N   1 
ATOM   58   C  CA  . LEU A 1 8   ? 10.096  4.317   4.971   1.00 11.35 ? 7   LEU A CA  1 
ATOM   59   C  C   . LEU A 1 8   ? 10.326  3.297   6.107   1.00 14.72 ? 7   LEU A C   1 
ATOM   60   O  O   . LEU A 1 8   ? 9.380   2.603   6.512   1.00 13.13 ? 7   LEU A O   1 
ATOM   61   C  CB  . LEU A 1 8   ? 10.330  3.610   3.630   1.00 11.54 ? 7   LEU A CB  1 
ATOM   62   C  CG  . LEU A 1 8   ? 9.935   4.308   2.325   1.00 14.06 ? 7   LEU A CG  1 
ATOM   63   C  CD1 . LEU A 1 8   ? 10.344  3.420   1.118   1.00 17.85 ? 7   LEU A CD1 1 
ATOM   64   C  CD2 . LEU A 1 8   ? 8.432   4.637   2.285   1.00 13.81 ? 7   LEU A CD2 1 
ATOM   65   N  N   . ARG A 1 9   ? 11.556  3.229   6.629   1.00 15.77 ? 8   ARG A N   1 
ATOM   66   C  CA  . ARG A 1 9   ? 11.919  2.248   7.673   1.00 18.45 ? 8   ARG A CA  1 
ATOM   67   C  C   . ARG A 1 9   ? 11.157  2.329   8.960   1.00 17.24 ? 8   ARG A C   1 
ATOM   68   O  O   . ARG A 1 9   ? 11.109  1.351   9.697   1.00 21.31 ? 8   ARG A O   1 
ATOM   69   C  CB  . ARG A 1 9   ? 13.375  2.381   8.085   1.00 20.83 ? 8   ARG A CB  1 
ATOM   70   C  CG  . ARG A 1 9   ? 14.282  1.656   7.228   1.00 24.95 ? 8   ARG A CG  1 
ATOM   71   C  CD  . ARG A 1 9   ? 15.615  1.353   7.908   1.00 27.52 ? 8   ARG A CD  1 
ATOM   72   N  NE  . ARG A 1 9   ? 16.383  0.657   6.898   1.00 33.05 ? 8   ARG A NE  1 
ATOM   73   C  CZ  . ARG A 1 9   ? 16.210  -0.621  6.579   1.00 37.15 ? 8   ARG A CZ  1 
ATOM   74   N  NH1 . ARG A 1 9   ? 15.342  -1.383  7.248   1.00 34.37 ? 8   ARG A NH1 1 
ATOM   75   N  NH2 . ARG A 1 9   ? 16.933  -1.150  5.597   1.00 41.13 ? 8   ARG A NH2 1 
ATOM   76   N  N   . VAL A 1 10  ? 10.601  3.487   9.272   1.00 15.30 ? 9   VAL A N   1 
ATOM   77   C  CA  . VAL A 1 10  ? 9.863   3.621   10.497  1.00 16.63 ? 9   VAL A CA  1 
ATOM   78   C  C   . VAL A 1 10  ? 8.513   2.909   10.407  1.00 18.17 ? 9   VAL A C   1 
ATOM   79   O  O   . VAL A 1 10  ? 7.850   2.759   11.429  1.00 17.83 ? 9   VAL A O   1 
ATOM   80   C  CB  . VAL A 1 10  ? 9.658   5.095   10.870  1.00 20.10 ? 9   VAL A CB  1 
ATOM   81   C  CG1 . VAL A 1 10  ? 11.030  5.867   10.817  1.00 20.30 ? 9   VAL A CG1 1 
ATOM   82   C  CG2 . VAL A 1 10  ? 8.648   5.725   9.952   1.00 20.55 ? 9   VAL A CG2 1 
ATOM   83   N  N   . TYR A 1 11  ? 8.097   2.477   9.207   1.00 11.98 ? 10  TYR A N   1 
ATOM   84   C  CA  . TYR A 1 11  ? 6.791   1.814   9.061   1.00 13.27 ? 10  TYR A CA  1 
ATOM   85   C  C   . TYR A 1 11  ? 6.945   0.315   8.970   1.00 12.66 ? 10  TYR A C   1 
ATOM   86   O  O   . TYR A 1 11  ? 7.890   -0.182  8.346   1.00 11.56 ? 10  TYR A O   1 
ATOM   87   C  CB  . TYR A 1 11  ? 6.046   2.328   7.830   1.00 13.76 ? 10  TYR A CB  1 
ATOM   88   C  CG  . TYR A 1 11  ? 5.792   3.816   7.891   1.00 10.70 ? 10  TYR A CG  1 
ATOM   89   C  CD1 . TYR A 1 11  ? 4.846   4.342   8.767   1.00 12.12 ? 10  TYR A CD1 1 
ATOM   90   C  CD2 . TYR A 1 11  ? 6.549   4.695   7.125   1.00 14.44 ? 10  TYR A CD2 1 
ATOM   91   C  CE1 . TYR A 1 11  ? 4.609   5.713   8.846   1.00 15.93 ? 10  TYR A CE1 1 
ATOM   92   C  CE2 . TYR A 1 11  ? 6.334   6.077   7.194   1.00 15.04 ? 10  TYR A CE2 1 
ATOM   93   C  CZ  . TYR A 1 11  ? 5.352   6.580   8.049   1.00 18.16 ? 10  TYR A CZ  1 
ATOM   94   O  OH  . TYR A 1 11  ? 5.148   7.949   8.123   1.00 15.90 ? 10  TYR A OH  1 
ATOM   95   N  N   . ARG A 1 12  ? 5.986   -0.397  9.565   1.00 13.89 ? 11  ARG A N   1 
ATOM   96   C  CA  . ARG A 1 12  ? 6.093   -1.858  9.746   1.00 16.17 ? 11  ARG A CA  1 
ATOM   97   C  C   . ARG A 1 12  ? 6.366   -2.596  8.458   1.00 13.48 ? 11  ARG A C   1 
ATOM   98   O  O   . ARG A 1 12  ? 7.206   -3.477  8.416   1.00 14.34 ? 11  ARG A O   1 
ATOM   99   C  CB  . ARG A 1 12  ? 4.796   -2.417  10.357  1.00 19.90 ? 11  ARG A CB  1 
ATOM   100  C  CG  . ARG A 1 12  ? 5.002   -3.558  11.283  1.00 29.69 ? 11  ARG A CG  1 
ATOM   101  C  CD  . ARG A 1 12  ? 4.257   -3.278  12.557  1.00 37.71 ? 11  ARG A CD  1 
ATOM   102  N  NE  . ARG A 1 12  ? 4.855   -3.963  13.692  1.00 44.38 ? 11  ARG A NE  1 
ATOM   103  C  CZ  . ARG A 1 12  ? 4.554   -3.686  14.952  1.00 48.68 ? 11  ARG A CZ  1 
ATOM   104  N  NH1 . ARG A 1 12  ? 3.675   -2.725  15.235  1.00 49.96 ? 11  ARG A NH1 1 
ATOM   105  N  NH2 . ARG A 1 12  ? 5.135   -4.365  15.934  1.00 55.00 ? 11  ARG A NH2 1 
ATOM   106  N  N   . PHE A 1 13  ? 5.643   -2.250  7.409   1.00 12.25 ? 12  PHE A N   1 
ATOM   107  C  CA  . PHE A 1 13  ? 5.754   -2.972  6.146   1.00 13.91 ? 12  PHE A CA  1 
ATOM   108  C  C   . PHE A 1 13  ? 7.188   -2.929  5.593   1.00 15.46 ? 12  PHE A C   1 
ATOM   109  O  O   . PHE A 1 13  ? 7.639   -3.890  4.993   1.00 16.53 ? 12  PHE A O   1 
ATOM   110  C  CB  . PHE A 1 13  ? 4.746   -2.411  5.141   1.00 14.70 ? 12  PHE A CB  1 
ATOM   111  C  CG  . PHE A 1 13  ? 4.709   -3.131  3.845   1.00 14.98 ? 12  PHE A CG  1 
ATOM   112  C  CD1 . PHE A 1 13  ? 3.960   -4.297  3.696   1.00 17.40 ? 12  PHE A CD1 1 
ATOM   113  C  CD2 . PHE A 1 13  ? 5.404   -2.647  2.758   1.00 16.72 ? 12  PHE A CD2 1 
ATOM   114  C  CE1 . PHE A 1 13  ? 3.916   -4.971  2.490   1.00 17.86 ? 12  PHE A CE1 1 
ATOM   115  C  CE2 . PHE A 1 13  ? 5.377   -3.326  1.544   1.00 20.25 ? 12  PHE A CE2 1 
ATOM   116  C  CZ  . PHE A 1 13  ? 4.619   -4.490  1.409   1.00 17.07 ? 12  PHE A CZ  1 
ATOM   117  N  N   . PHE A 1 14  ? 7.896   -1.824  5.844   1.00 15.69 ? 13  PHE A N   1 
ATOM   118  C  CA  . PHE A 1 14  ? 9.192   -1.575  5.267   1.00 14.94 ? 13  PHE A CA  1 
ATOM   119  C  C   . PHE A 1 14  ? 10.385  -1.778  6.209   1.00 17.31 ? 13  PHE A C   1 
ATOM   120  O  O   . PHE A 1 14  ? 11.522  -1.855  5.715   1.00 16.18 ? 13  PHE A O   1 
ATOM   121  C  CB  . PHE A 1 14  ? 9.255   -0.120  4.790   1.00 16.44 ? 13  PHE A CB  1 
ATOM   122  C  CG  . PHE A 1 14  ? 8.303   0.199   3.718   1.00 17.53 ? 13  PHE A CG  1 
ATOM   123  C  CD1 . PHE A 1 14  ? 8.551   -0.210  2.417   1.00 22.78 ? 13  PHE A CD1 1 
ATOM   124  C  CD2 . PHE A 1 14  ? 7.137   0.878   3.994   1.00 21.40 ? 13  PHE A CD2 1 
ATOM   125  C  CE1 . PHE A 1 14  ? 7.665   0.082   1.409   1.00 25.90 ? 13  PHE A CE1 1 
ATOM   126  C  CE2 . PHE A 1 14  ? 6.242   1.165   2.982   1.00 27.25 ? 13  PHE A CE2 1 
ATOM   127  C  CZ  . PHE A 1 14  ? 6.516   0.773   1.691   1.00 27.45 ? 13  PHE A CZ  1 
ATOM   128  N  N   . ALA A 1 15  ? 10.119  -1.849  7.525   1.00 15.86 ? 14  ALA A N   1 
ATOM   129  C  CA  . ALA A 1 15  ? 11.145  -1.840  8.565   1.00 17.62 ? 14  ALA A CA  1 
ATOM   130  C  C   . ALA A 1 15  ? 12.177  -3.002  8.434   1.00 20.56 ? 14  ALA A C   1 
ATOM   131  O  O   . ALA A 1 15  ? 13.327  -2.834  8.830   1.00 23.21 ? 14  ALA A O   1 
ATOM   132  C  CB  . ALA A 1 15  ? 10.483  -1.830  9.972   1.00 14.43 ? 14  ALA A CB  1 
ATOM   133  N  N   . SER A 1 16  ? 11.742  -4.143  7.886   1.00 24.27 ? 15  SER A N   1 
ATOM   134  C  CA  . SER A 1 16  ? 12.558  -5.377  7.712   1.00 26.14 ? 15  SER A CA  1 
ATOM   135  C  C   . SER A 1 16  ? 13.369  -5.450  6.411   1.00 26.49 ? 15  SER A C   1 
ATOM   136  O  O   . SER A 1 16  ? 14.178  -6.360  6.249   1.00 26.95 ? 15  SER A O   1 
ATOM   137  C  CB  . SER A 1 16  ? 11.651  -6.629  7.751   1.00 26.81 ? 15  SER A CB  1 
ATOM   138  O  OG  . SER A 1 16  ? 10.686  -6.673  6.674   1.00 32.57 ? 15  SER A OG  1 
ATOM   139  N  N   . LEU A 1 17  ? 13.133  -4.532  5.473   1.00 23.68 ? 16  LEU A N   1 
ATOM   140  C  CA  . LEU A 1 17  ? 13.816  -4.578  4.161   1.00 20.86 ? 16  LEU A CA  1 
ATOM   141  C  C   . LEU A 1 17  ? 15.284  -4.174  4.245   1.00 19.08 ? 16  LEU A C   1 
ATOM   142  O  O   . LEU A 1 17  ? 15.675  -3.358  5.074   1.00 16.54 ? 16  LEU A O   1 
ATOM   143  C  CB  . LEU A 1 17  ? 13.100  -3.680  3.151   1.00 21.76 ? 16  LEU A CB  1 
ATOM   144  C  CG  . LEU A 1 17  ? 11.636  -4.024  2.844   1.00 26.49 ? 16  LEU A CG  1 
ATOM   145  C  CD1 . LEU A 1 17  ? 11.047  -3.036  1.865   1.00 26.23 ? 16  LEU A CD1 1 
ATOM   146  C  CD2 . LEU A 1 17  ? 11.479  -5.431  2.309   1.00 28.62 ? 16  LEU A CD2 1 
ATOM   147  N  N   . THR A 1 18  ? 16.107  -4.748  3.377   1.00 17.64 ? 17  THR A N   1 
ATOM   148  C  CA  . THR A 1 18  ? 17.492  -4.304  3.260   1.00 17.72 ? 17  THR A CA  1 
ATOM   149  C  C   . THR A 1 18  ? 17.550  -2.892  2.690   1.00 17.76 ? 17  THR A C   1 
ATOM   150  O  O   . THR A 1 18  ? 16.584  -2.387  2.094   1.00 14.37 ? 17  THR A O   1 
ATOM   151  C  CB  . THR A 1 18  ? 18.295  -5.184  2.302   1.00 18.79 ? 17  THR A CB  1 
ATOM   152  O  OG1 . THR A 1 18  ? 17.732  -5.057  0.980   1.00 19.74 ? 17  THR A OG1 1 
ATOM   153  C  CG2 . THR A 1 18  ? 18.265  -6.637  2.755   1.00 17.30 ? 17  THR A CG2 1 
ATOM   154  N  N   . ASP A 1 19  ? 18.713  -2.270  2.835   1.00 18.89 ? 18  ASP A N   1 
ATOM   155  C  CA  . ASP A 1 19  ? 18.912  -0.915  2.335   1.00 20.55 ? 18  ASP A CA  1 
ATOM   156  C  C   . ASP A 1 19  ? 18.722  -0.836  0.825   1.00 18.14 ? 18  ASP A C   1 
ATOM   157  O  O   . ASP A 1 19  ? 18.112  0.117   0.335   1.00 19.19 ? 18  ASP A O   1 
ATOM   158  C  CB  . ASP A 1 19  ? 20.306  -0.407  2.717   1.00 23.22 ? 18  ASP A CB  1 
ATOM   159  C  CG  . ASP A 1 19  ? 20.446  -0.155  4.214   1.00 26.76 ? 18  ASP A CG  1 
ATOM   160  O  OD1 . ASP A 1 19  ? 19.441  0.225   4.876   1.00 31.58 ? 18  ASP A OD1 1 
ATOM   161  O  OD2 . ASP A 1 19  ? 21.573  -0.317  4.719   1.00 33.93 ? 18  ASP A OD2 1 
ATOM   162  N  N   . GLU A 1 20  ? 19.231  -1.831  0.097   1.00 18.31 ? 19  GLU A N   1 
ATOM   163  C  CA  . GLU A 1 20  ? 19.068  -1.873  -1.366  1.00 19.08 ? 19  GLU A CA  1 
ATOM   164  C  C   . GLU A 1 20  ? 17.594  -2.006  -1.724  1.00 17.75 ? 19  GLU A C   1 
ATOM   165  O  O   . GLU A 1 20  ? 17.096  -1.314  -2.611  1.00 17.22 ? 19  GLU A O   1 
ATOM   166  C  CB  . GLU A 1 20  ? 19.889  -3.014  -2.005  1.00 20.40 ? 19  GLU A CB  1 
ATOM   167  C  CG  . GLU A 1 20  ? 19.617  -3.213  -3.522  1.00 22.44 ? 19  GLU A CG  1 
ATOM   168  C  CD  . GLU A 1 20  ? 20.633  -4.111  -4.222  1.00 23.07 ? 19  GLU A CD  1 
ATOM   169  O  OE1 . GLU A 1 20  ? 21.816  -3.740  -4.257  1.00 17.60 ? 19  GLU A OE1 1 
ATOM   170  O  OE2 . GLU A 1 20  ? 20.238  -5.170  -4.768  1.00 25.53 ? 19  GLU A OE2 1 
ATOM   171  N  N   . GLN A 1 21  ? 16.887  -2.888  -1.024  1.00 17.71 ? 20  GLN A N   1 
ATOM   172  C  CA  . GLN A 1 21  ? 15.461  -3.063  -1.261  1.00 15.65 ? 20  GLN A CA  1 
ATOM   173  C  C   . GLN A 1 21  ? 14.687  -1.747  -1.023  1.00 14.41 ? 20  GLN A C   1 
ATOM   174  O  O   . GLN A 1 21  ? 13.802  -1.402  -1.797  1.00 11.06 ? 20  GLN A O   1 
ATOM   175  C  CB  . GLN A 1 21  ? 14.904  -4.216  -0.414  1.00 15.78 ? 20  GLN A CB  1 
ATOM   176  C  CG  . GLN A 1 21  ? 15.368  -5.626  -0.858  1.00 15.54 ? 20  GLN A CG  1 
ATOM   177  C  CD  . GLN A 1 21  ? 15.089  -6.728  0.182   1.00 19.38 ? 20  GLN A CD  1 
ATOM   178  O  OE1 . GLN A 1 21  ? 14.751  -6.449  1.334   1.00 18.67 ? 20  GLN A OE1 1 
ATOM   179  N  NE2 . GLN A 1 21  ? 15.202  -7.984  -0.243  1.00 21.37 ? 20  GLN A NE2 1 
ATOM   180  N  N   . LEU A 1 22  ? 15.037  -0.989  0.013   1.00 16.26 ? 21  LEU A N   1 
ATOM   181  C  CA  . LEU A 1 22  ? 14.324  0.261   0.283   1.00 17.06 ? 21  LEU A CA  1 
ATOM   182  C  C   . LEU A 1 22  ? 14.585  1.307   -0.805  1.00 14.29 ? 21  LEU A C   1 
ATOM   183  O  O   . LEU A 1 22  ? 13.640  1.965   -1.274  1.00 13.68 ? 21  LEU A O   1 
ATOM   184  C  CB  . LEU A 1 22  ? 14.616  0.821   1.691   1.00 19.33 ? 21  LEU A CB  1 
ATOM   185  C  CG  . LEU A 1 22  ? 13.836  0.116   2.820   1.00 23.80 ? 21  LEU A CG  1 
ATOM   186  C  CD1 . LEU A 1 22  ? 14.104  0.789   4.152   1.00 27.58 ? 21  LEU A CD1 1 
ATOM   187  C  CD2 . LEU A 1 22  ? 12.340  0.083   2.576   1.00 26.79 ? 21  LEU A CD2 1 
ATOM   188  N  N   . LYS A 1 23  ? 15.837  1.444   -1.225  1.00 14.36 ? 22  LYS A N   1 
ATOM   189  C  CA  . LYS A 1 23  ? 16.198  2.309   -2.365  1.00 14.13 ? 22  LYS A CA  1 
ATOM   190  C  C   . LYS A 1 23  ? 15.450  1.909   -3.649  1.00 12.89 ? 22  LYS A C   1 
ATOM   191  O  O   . LYS A 1 23  ? 14.944  2.757   -4.393  1.00 12.35 ? 22  LYS A O   1 
ATOM   192  C  CB  . LYS A 1 23  ? 17.712  2.235   -2.647  1.00 13.91 ? 22  LYS A CB  1 
ATOM   193  N  N   . ASP A 1 24  ? 15.393  0.612   -3.910  1.00 11.11 ? 23  ASP A N   1 
ATOM   194  C  CA  . ASP A 1 24  ? 14.663  0.114   -5.074  1.00 11.30 ? 23  ASP A CA  1 
ATOM   195  C  C   . ASP A 1 24  ? 13.183  0.448   -5.007  1.00 11.14 ? 23  ASP A C   1 
ATOM   196  O  O   . ASP A 1 24  ? 12.626  0.953   -5.983  1.00 11.45 ? 23  ASP A O   1 
ATOM   197  C  CB  . ASP A 1 24  ? 14.871  -1.390  -5.263  1.00 12.88 ? 23  ASP A CB  1 
ATOM   198  C  CG  . ASP A 1 24  ? 16.220  -1.711  -5.901  1.00 13.93 ? 23  ASP A CG  1 
ATOM   199  O  OD1 . ASP A 1 24  ? 16.723  -0.893  -6.706  1.00 13.25 ? 23  ASP A OD1 1 
ATOM   200  O  OD2 . ASP A 1 24  ? 16.792  -2.779  -5.602  1.00 17.10 ? 23  ASP A OD2 1 
ATOM   201  N  N   . ILE A 1 25  ? 12.545  0.215   -3.857  1.00 12.81 ? 24  ILE A N   1 
ATOM   202  C  CA  . ILE A 1 25  ? 11.113  0.526   -3.708  1.00 14.38 ? 24  ILE A CA  1 
ATOM   203  C  C   . ILE A 1 25  ? 10.884  2.039   -3.792  1.00 15.12 ? 24  ILE A C   1 
ATOM   204  O  O   . ILE A 1 25  ? 9.934   2.474   -4.440  1.00 12.13 ? 24  ILE A O   1 
ATOM   205  C  CB  . ILE A 1 25  ? 10.497  -0.079  -2.395  1.00 18.18 ? 24  ILE A CB  1 
ATOM   206  C  CG1 . ILE A 1 25  ? 10.454  -1.593  -2.500  1.00 19.90 ? 24  ILE A CG1 1 
ATOM   207  C  CG2 . ILE A 1 25  ? 9.091   0.464   -2.142  1.00 19.40 ? 24  ILE A CG2 1 
ATOM   208  C  CD1 . ILE A 1 25  ? 10.183  -2.317  -1.193  1.00 26.99 ? 24  ILE A CD1 1 
ATOM   209  N  N   . ALA A 1 26  ? 11.762  2.834   -3.176  1.00 14.41 ? 25  ALA A N   1 
ATOM   210  C  CA  . ALA A 1 26  ? 11.675  4.313   -3.260  1.00 16.28 ? 25  ALA A CA  1 
ATOM   211  C  C   . ALA A 1 26  ? 11.647  4.834   -4.698  1.00 15.01 ? 25  ALA A C   1 
ATOM   212  O  O   . ALA A 1 26  ? 10.889  5.762   -5.050  1.00 12.01 ? 25  ALA A O   1 
ATOM   213  C  CB  . ALA A 1 26  ? 12.835  4.968   -2.485  1.00 18.08 ? 25  ALA A CB  1 
ATOM   214  N  N   . LEU A 1 27  ? 12.446  4.199   -5.550  1.00 14.31 ? 26  LEU A N   1 
ATOM   215  C  CA  . LEU A 1 27  ? 12.559  4.599   -6.924  1.00 13.69 ? 26  LEU A CA  1 
ATOM   216  C  C   . LEU A 1 27  ? 11.217  4.493   -7.655  1.00 13.63 ? 26  LEU A C   1 
ATOM   217  O  O   . LEU A 1 27  ? 10.938  5.297   -8.551  1.00 13.77 ? 26  LEU A O   1 
ATOM   218  C  CB  . LEU A 1 27  ? 13.615  3.720   -7.612  1.00 15.43 ? 26  LEU A CB  1 
ATOM   219  C  CG  . LEU A 1 27  ? 14.282  4.212   -8.868  1.00 21.98 ? 26  LEU A CG  1 
ATOM   220  C  CD1 . LEU A 1 27  ? 14.926  5.605   -8.668  1.00 21.63 ? 26  LEU A CD1 1 
ATOM   221  C  CD2 . LEU A 1 27  ? 15.327  3.149   -9.272  1.00 22.45 ? 26  LEU A CD2 1 
ATOM   222  N  N   . ILE A 1 28  ? 10.394  3.509   -7.272  1.00 10.78 ? 27  ILE A N   1 
ATOM   223  C  CA  . ILE A 1 28  ? 9.081   3.299   -7.898  1.00 13.70 ? 27  ILE A CA  1 
ATOM   224  C  C   . ILE A 1 28  ? 7.918   3.833   -7.028  1.00 14.20 ? 27  ILE A C   1 
ATOM   225  O  O   . ILE A 1 28  ? 6.762   3.416   -7.154  1.00 15.43 ? 27  ILE A O   1 
ATOM   226  C  CB  . ILE A 1 28  ? 8.869   1.781   -8.255  1.00 14.55 ? 27  ILE A CB  1 
ATOM   227  C  CG1 . ILE A 1 28  ? 8.952   0.900   -6.975  1.00 17.21 ? 27  ILE A CG1 1 
ATOM   228  C  CG2 . ILE A 1 28  ? 9.839   1.386   -9.348  1.00 16.60 ? 27  ILE A CG2 1 
ATOM   229  C  CD1 . ILE A 1 28  ? 8.173   -0.363  -7.043  1.00 18.87 ? 27  ILE A CD1 1 
ATOM   230  N  N   . SER A 1 29  ? 8.227   4.773   -6.152  1.00 15.25 ? 28  SER A N   1 
ATOM   231  C  CA  . SER A 1 29  ? 7.225   5.308   -5.227  1.00 16.35 ? 28  SER A CA  1 
ATOM   232  C  C   . SER A 1 29  ? 7.149   6.803   -5.378  1.00 15.71 ? 28  SER A C   1 
ATOM   233  O  O   . SER A 1 29  ? 8.130   7.460   -5.732  1.00 11.84 ? 28  SER A O   1 
ATOM   234  C  CB  . SER A 1 29  ? 7.568   4.972   -3.774  1.00 17.17 ? 28  SER A CB  1 
ATOM   235  O  OG  . SER A 1 29  ? 7.605   3.580   -3.535  1.00 18.93 ? 28  SER A OG  1 
ATOM   236  N  N   . GLU A 1 30  ? 6.002   7.360   -5.027  1.00 14.80 ? 29  GLU A N   1 
ATOM   237  C  CA  . GLU A 1 30  ? 5.828   8.787   -5.081  1.00 16.11 ? 29  GLU A CA  1 
ATOM   238  C  C   . GLU A 1 30  ? 4.859   9.190   -3.981  1.00 15.49 ? 29  GLU A C   1 
ATOM   239  O  O   . GLU A 1 30  ? 3.913   8.461   -3.694  1.00 12.46 ? 29  GLU A O   1 
ATOM   240  C  CB  . GLU A 1 30  ? 5.300   9.104   -6.471  1.00 20.47 ? 29  GLU A CB  1 
ATOM   241  C  CG  . GLU A 1 30  ? 4.625   10.389  -6.642  1.00 29.75 ? 29  GLU A CG  1 
ATOM   242  C  CD  . GLU A 1 30  ? 4.258   10.611  -8.107  1.00 36.70 ? 29  GLU A CD  1 
ATOM   243  O  OE1 . GLU A 1 30  ? 3.863   9.631   -8.788  1.00 40.19 ? 29  GLU A OE1 1 
ATOM   244  O  OE2 . GLU A 1 30  ? 4.378   11.760  -8.565  1.00 40.87 ? 29  GLU A OE2 1 
ATOM   245  N  N   . GLU A 1 31  ? 5.128   10.317  -3.339  1.00 13.70 ? 30  GLU A N   1 
ATOM   246  C  CA  . GLU A 1 31  ? 4.247   10.834  -2.320  1.00 17.14 ? 30  GLU A CA  1 
ATOM   247  C  C   . GLU A 1 31  ? 3.071   11.451  -3.069  1.00 18.23 ? 30  GLU A C   1 
ATOM   248  O  O   . GLU A 1 31  ? 3.270   12.114  -4.093  1.00 18.77 ? 30  GLU A O   1 
ATOM   249  C  CB  . GLU A 1 31  ? 4.976   11.832  -1.416  1.00 19.42 ? 30  GLU A CB  1 
ATOM   250  C  CG  . GLU A 1 31  ? 4.179   12.160  -0.154  1.00 26.93 ? 30  GLU A CG  1 
ATOM   251  C  CD  . GLU A 1 31  ? 5.001   12.808  0.966   1.00 33.49 ? 30  GLU A CD  1 
ATOM   252  O  OE1 . GLU A 1 31  ? 6.230   12.532  1.104   1.00 35.52 ? 30  GLU A OE1 1 
ATOM   253  O  OE2 . GLU A 1 31  ? 4.372   13.579  1.724   1.00 35.53 ? 30  GLU A OE2 1 
ATOM   254  N  N   A LYS A 1 32  ? 1.852   11.141  -2.623  0.60 15.92 ? 31  LYS A N   1 
ATOM   255  N  N   B LYS A 1 32  ? 1.852   11.230  -2.587  0.40 17.33 ? 31  LYS A N   1 
ATOM   256  C  CA  A LYS A 1 32  ? 0.638   11.671  -3.248  0.60 17.16 ? 31  LYS A CA  1 
ATOM   257  C  CA  B LYS A 1 32  ? 0.683   11.772  -3.273  0.40 18.25 ? 31  LYS A CA  1 
ATOM   258  C  C   A LYS A 1 32  ? -0.317  12.170  -2.161  0.60 15.93 ? 31  LYS A C   1 
ATOM   259  C  C   B LYS A 1 32  ? -0.470  12.031  -2.296  0.40 16.93 ? 31  LYS A C   1 
ATOM   260  O  O   A LYS A 1 32  ? -0.275  11.679  -1.031  0.60 7.65  ? 31  LYS A O   1 
ATOM   261  O  O   B LYS A 1 32  ? -0.742  11.222  -1.399  0.40 12.46 ? 31  LYS A O   1 
ATOM   262  C  CB  A LYS A 1 32  ? -0.062  10.593  -4.077  0.60 18.13 ? 31  LYS A CB  1 
ATOM   263  C  CB  B LYS A 1 32  ? 0.268   10.835  -4.409  0.40 19.53 ? 31  LYS A CB  1 
ATOM   264  C  CG  A LYS A 1 32  ? 0.627   10.256  -5.396  0.60 19.96 ? 31  LYS A CG  1 
ATOM   265  C  CG  B LYS A 1 32  ? -1.031  11.195  -5.096  0.40 22.51 ? 31  LYS A CG  1 
ATOM   266  C  CD  A LYS A 1 32  ? -0.350  9.639   -6.372  0.60 22.76 ? 31  LYS A CD  1 
ATOM   267  C  CD  B LYS A 1 32  ? -1.030  10.799  -6.569  0.40 23.27 ? 31  LYS A CD  1 
ATOM   268  C  CE  A LYS A 1 32  ? 0.251   9.543   -7.781  0.60 26.09 ? 31  LYS A CE  1 
ATOM   269  C  CE  B LYS A 1 32  ? -2.343  10.138  -6.942  0.40 23.71 ? 31  LYS A CE  1 
ATOM   270  N  NZ  A LYS A 1 32  ? 1.343   8.570   -7.864  0.60 26.21 ? 31  LYS A NZ  1 
ATOM   271  N  NZ  B LYS A 1 32  ? -2.811  10.390  -8.309  0.40 19.85 ? 31  LYS A NZ  1 
ATOM   272  N  N   . SER A 1 33  ? -1.137  13.168  -2.507  1.00 15.13 ? 32  SER A N   1 
ATOM   273  C  CA  . SER A 1 33  ? -2.172  13.688  -1.611  1.00 15.99 ? 32  SER A CA  1 
ATOM   274  C  C   . SER A 1 33  ? -3.553  13.493  -2.247  1.00 16.98 ? 32  SER A C   1 
ATOM   275  O  O   . SER A 1 33  ? -3.692  13.546  -3.477  1.00 16.73 ? 32  SER A O   1 
ATOM   276  C  CB  . SER A 1 33  ? -1.940  15.173  -1.343  1.00 15.42 ? 32  SER A CB  1 
ATOM   277  O  OG  . SER A 1 33  ? -0.896  15.407  -0.423  1.00 18.43 ? 32  SER A OG  1 
ATOM   278  N  N   . PHE A 1 34  ? -4.559  13.251  -1.403  1.00 17.15 ? 33  PHE A N   1 
ATOM   279  C  CA  . PHE A 1 34  ? -5.966  13.127  -1.831  1.00 13.85 ? 33  PHE A CA  1 
ATOM   280  C  C   . PHE A 1 34  ? -6.843  13.922  -0.869  1.00 15.68 ? 33  PHE A C   1 
ATOM   281  O  O   . PHE A 1 34  ? -6.644  13.873  0.350   1.00 14.77 ? 33  PHE A O   1 
ATOM   282  C  CB  . PHE A 1 34  ? -6.446  11.678  -1.856  1.00 13.98 ? 33  PHE A CB  1 
ATOM   283  C  CG  . PHE A 1 34  ? -5.715  10.807  -2.840  1.00 13.36 ? 33  PHE A CG  1 
ATOM   284  C  CD1 . PHE A 1 34  ? -4.558  10.140  -2.453  1.00 14.51 ? 33  PHE A CD1 1 
ATOM   285  C  CD2 . PHE A 1 34  ? -6.161  10.673  -4.157  1.00 15.02 ? 33  PHE A CD2 1 
ATOM   286  C  CE1 . PHE A 1 34  ? -3.847  9.364   -3.353  1.00 14.05 ? 33  PHE A CE1 1 
ATOM   287  C  CE2 . PHE A 1 34  ? -5.465  9.866   -5.088  1.00 14.28 ? 33  PHE A CE2 1 
ATOM   288  C  CZ  . PHE A 1 34  ? -4.312  9.211   -4.680  1.00 15.05 ? 33  PHE A CZ  1 
ATOM   289  N  N   . PRO A 1 35  ? -7.815  14.657  -1.410  1.00 13.53 ? 34  PRO A N   1 
ATOM   290  C  CA  . PRO A 1 35  ? -8.694  15.432  -0.524  1.00 12.24 ? 34  PRO A CA  1 
ATOM   291  C  C   . PRO A 1 35  ? -9.786  14.558  0.084   1.00 12.20 ? 34  PRO A C   1 
ATOM   292  O  O   . PRO A 1 35  ? -10.136 13.502  -0.478  1.00 10.36 ? 34  PRO A O   1 
ATOM   293  C  CB  . PRO A 1 35  ? -9.335  16.444  -1.479  1.00 14.68 ? 34  PRO A CB  1 
ATOM   294  C  CG  . PRO A 1 35  ? -9.382  15.744  -2.801  1.00 15.29 ? 34  PRO A CG  1 
ATOM   295  C  CD  . PRO A 1 35  ? -8.161  14.828  -2.840  1.00 14.27 ? 34  PRO A CD  1 
ATOM   296  N  N   . THR A 1 36  ? -10.347 15.020  1.193   1.00 13.01 ? 35  THR A N   1 
ATOM   297  C  CA  . THR A 1 36  ? -11.509 14.387  1.824   1.00 9.99  ? 35  THR A CA  1 
ATOM   298  C  C   . THR A 1 36  ? -12.607 14.104  0.826   1.00 10.06 ? 35  THR A C   1 
ATOM   299  O  O   . THR A 1 36  ? -13.039 14.991  0.064   1.00 7.84  ? 35  THR A O   1 
ATOM   300  C  CB  . THR A 1 36  ? -12.091 15.309  2.918   1.00 11.30 ? 35  THR A CB  1 
ATOM   301  O  OG1 . THR A 1 36  ? -11.011 15.777  3.712   1.00 13.47 ? 35  THR A OG1 1 
ATOM   302  C  CG2 . THR A 1 36  ? -13.095 14.560  3.811   1.00 9.82  ? 35  THR A CG2 1 
ATOM   303  N  N   . GLY A 1 37  ? -13.051 12.854  0.824   1.00 10.30 ? 36  GLY A N   1 
ATOM   304  C  CA  . GLY A 1 37  ? -14.154 12.423  -0.005  1.00 11.84 ? 36  GLY A CA  1 
ATOM   305  C  C   . GLY A 1 37  ? -13.768 11.922  -1.376  1.00 12.21 ? 36  GLY A C   1 
ATOM   306  O  O   . GLY A 1 37  ? -14.648 11.483  -2.123  1.00 12.67 ? 36  GLY A O   1 
ATOM   307  N  N   . SER A 1 38  ? -12.484 12.024  -1.747  1.00 11.80 ? 37  SER A N   1 
ATOM   308  C  CA  . SER A 1 38  ? -12.054 11.521  -3.045  1.00 12.92 ? 37  SER A CA  1 
ATOM   309  C  C   . SER A 1 38  ? -12.012 9.987   -3.036  1.00 13.77 ? 37  SER A C   1 
ATOM   310  O  O   . SER A 1 38  ? -11.746 9.355   -2.000  1.00 14.29 ? 37  SER A O   1 
ATOM   311  C  CB  . SER A 1 38  ? -10.695 12.100  -3.467  1.00 11.74 ? 37  SER A CB  1 
ATOM   312  O  OG  . SER A 1 38  ? -9.682  11.790  -2.542  1.00 14.66 ? 37  SER A OG  1 
ATOM   313  N  N   . VAL A 1 39  ? -12.350 9.386   -4.176  1.00 13.92 ? 38  VAL A N   1 
ATOM   314  C  CA  . VAL A 1 39  ? -12.211 7.945   -4.336  1.00 12.85 ? 38  VAL A CA  1 
ATOM   315  C  C   . VAL A 1 39  ? -10.813 7.650   -4.871  1.00 11.31 ? 38  VAL A C   1 
ATOM   316  O  O   . VAL A 1 39  ? -10.505 7.929   -6.040  1.00 14.85 ? 38  VAL A O   1 
ATOM   317  C  CB  . VAL A 1 39  ? -13.267 7.332   -5.269  1.00 15.56 ? 38  VAL A CB  1 
ATOM   318  C  CG1 . VAL A 1 39  ? -13.010 5.809   -5.384  1.00 15.24 ? 38  VAL A CG1 1 
ATOM   319  C  CG2 . VAL A 1 39  ? -14.672 7.632   -4.755  1.00 11.50 ? 38  VAL A CG2 1 
ATOM   320  N  N   . ILE A 1 40  ? -9.978  7.087   -4.007  1.00 12.07 ? 39  ILE A N   1 
ATOM   321  C  CA  . ILE A 1 40  ? -8.558  6.854   -4.290  1.00 13.75 ? 39  ILE A CA  1 
ATOM   322  C  C   . ILE A 1 40  ? -8.387  5.730   -5.319  1.00 16.55 ? 39  ILE A C   1 
ATOM   323  O  O   . ILE A 1 40  ? -7.591  5.846   -6.254  1.00 12.84 ? 39  ILE A O   1 
ATOM   324  C  CB  . ILE A 1 40  ? -7.795  6.519   -2.998  1.00 16.61 ? 39  ILE A CB  1 
ATOM   325  C  CG1 . ILE A 1 40  ? -7.887  7.714   -2.025  1.00 15.39 ? 39  ILE A CG1 1 
ATOM   326  C  CG2 . ILE A 1 40  ? -6.298  6.184   -3.279  1.00 13.87 ? 39  ILE A CG2 1 
ATOM   327  C  CD1 . ILE A 1 40  ? -7.316  7.443   -0.648  1.00 14.27 ? 39  ILE A CD1 1 
ATOM   328  N  N   . PHE A 1 41  ? -9.129  4.643   -5.129  1.00 13.59 ? 40  PHE A N   1 
ATOM   329  C  CA  . PHE A 1 41  ? -9.231  3.600   -6.144  1.00 15.05 ? 40  PHE A CA  1 
ATOM   330  C  C   . PHE A 1 41  ? -10.555 2.863   -5.998  1.00 13.67 ? 40  PHE A C   1 
ATOM   331  O  O   . PHE A 1 41  ? -11.188 2.931   -4.953  1.00 14.21 ? 40  PHE A O   1 
ATOM   332  C  CB  . PHE A 1 41  ? -8.019  2.630   -6.137  1.00 15.49 ? 40  PHE A CB  1 
ATOM   333  C  CG  . PHE A 1 41  ? -7.772  1.908   -4.822  1.00 16.94 ? 40  PHE A CG  1 
ATOM   334  C  CD1 . PHE A 1 41  ? -8.617  0.880   -4.390  1.00 18.06 ? 40  PHE A CD1 1 
ATOM   335  C  CD2 . PHE A 1 41  ? -6.661  2.211   -4.051  1.00 18.13 ? 40  PHE A CD2 1 
ATOM   336  C  CE1 . PHE A 1 41  ? -8.396  0.202   -3.206  1.00 16.38 ? 40  PHE A CE1 1 
ATOM   337  C  CE2 . PHE A 1 41  ? -6.416  1.527   -2.882  1.00 16.35 ? 40  PHE A CE2 1 
ATOM   338  C  CZ  . PHE A 1 41  ? -7.284  0.498   -2.457  1.00 17.49 ? 40  PHE A CZ  1 
ATOM   339  N  N   . LYS A 1 42  ? -10.945 2.171   -7.061  1.00 16.31 ? 41  LYS A N   1 
ATOM   340  C  CA  . LYS A 1 42  ? -12.238 1.528   -7.169  1.00 16.88 ? 41  LYS A CA  1 
ATOM   341  C  C   . LYS A 1 42  ? -12.162 -0.003  -7.189  1.00 15.55 ? 41  LYS A C   1 
ATOM   342  O  O   . LYS A 1 42  ? -11.293 -0.609  -7.837  1.00 15.77 ? 41  LYS A O   1 
ATOM   343  C  CB  . LYS A 1 42  ? -12.924 1.985   -8.461  1.00 18.61 ? 41  LYS A CB  1 
ATOM   344  C  CG  . LYS A 1 42  ? -13.119 3.476   -8.562  1.00 23.27 ? 41  LYS A CG  1 
ATOM   345  C  CD  . LYS A 1 42  ? -13.783 3.855   -9.875  1.00 31.91 ? 41  LYS A CD  1 
ATOM   346  C  CE  . LYS A 1 42  ? -13.648 5.353   -10.140 1.00 35.97 ? 41  LYS A CE  1 
ATOM   347  N  NZ  . LYS A 1 42  ? -14.013 5.720   -11.547 1.00 41.52 ? 41  LYS A NZ  1 
ATOM   348  N  N   . GLU A 1 43  ? -13.116 -0.615  -6.497  1.00 15.20 ? 42  GLU A N   1 
ATOM   349  C  CA  . GLU A 1 43  ? -13.343 -2.058  -6.573  1.00 14.36 ? 42  GLU A CA  1 
ATOM   350  C  C   . GLU A 1 43  ? -13.379 -2.522  -8.022  1.00 13.40 ? 42  GLU A C   1 
ATOM   351  O  O   . GLU A 1 43  ? -13.963 -1.868  -8.880  1.00 10.94 ? 42  GLU A O   1 
ATOM   352  C  CB  . GLU A 1 43  ? -14.654 -2.417  -5.893  1.00 12.94 ? 42  GLU A CB  1 
ATOM   353  C  CG  . GLU A 1 43  ? -14.894 -3.923  -5.738  1.00 16.06 ? 42  GLU A CG  1 
ATOM   354  C  CD  . GLU A 1 43  ? -16.181 -4.244  -4.989  1.00 22.20 ? 42  GLU A CD  1 
ATOM   355  O  OE1 . GLU A 1 43  ? -16.788 -3.309  -4.409  1.00 27.43 ? 42  GLU A OE1 1 
ATOM   356  O  OE2 . GLU A 1 43  ? -16.608 -5.429  -5.013  1.00 21.04 ? 42  GLU A OE2 1 
ATOM   357  N  N   . ASN A 1 44  ? -12.728 -3.649  -8.271  1.00 14.56 ? 43  ASN A N   1 
ATOM   358  C  CA  . ASN A 1 44  ? -12.671 -4.318  -9.567  1.00 14.30 ? 43  ASN A CA  1 
ATOM   359  C  C   . ASN A 1 44  ? -11.665 -3.742  -10.545 1.00 14.74 ? 43  ASN A C   1 
ATOM   360  O  O   . ASN A 1 44  ? -11.428 -4.346  -11.578 1.00 15.78 ? 43  ASN A O   1 
ATOM   361  C  CB  . ASN A 1 44  ? -14.060 -4.464  -10.199 1.00 14.80 ? 43  ASN A CB  1 
ATOM   362  C  CG  . ASN A 1 44  ? -14.959 -5.350  -9.370  1.00 18.11 ? 43  ASN A CG  1 
ATOM   363  O  OD1 . ASN A 1 44  ? -14.505 -6.356  -8.805  1.00 19.14 ? 43  ASN A OD1 1 
ATOM   364  N  ND2 . ASN A 1 44  ? -16.215 -4.973  -9.253  1.00 22.86 ? 43  ASN A ND2 1 
ATOM   365  N  N   . SER A 1 45  ? -11.037 -2.619  -10.217 1.00 16.72 ? 44  SER A N   1 
ATOM   366  C  CA  . SER A 1 45  ? -9.981  -2.073  -11.074 1.00 17.50 ? 44  SER A CA  1 
ATOM   367  C  C   . SER A 1 45  ? -8.723  -2.882  -10.881 1.00 16.09 ? 44  SER A C   1 
ATOM   368  O  O   . SER A 1 45  ? -8.481  -3.430  -9.794  1.00 15.09 ? 44  SER A O   1 
ATOM   369  C  CB  . SER A 1 45  ? -9.668  -0.594  -10.769 1.00 17.51 ? 44  SER A CB  1 
ATOM   370  O  OG  . SER A 1 45  ? -10.739 0.254   -11.117 1.00 22.01 ? 44  SER A OG  1 
ATOM   371  N  N   . LYS A 1 46  ? -7.893  -2.909  -11.924 1.00 12.73 ? 45  LYS A N   1 
ATOM   372  C  CA  . LYS A 1 46  ? -6.571  -3.515  -11.843 1.00 11.71 ? 45  LYS A CA  1 
ATOM   373  C  C   . LYS A 1 46  ? -5.789  -2.859  -10.718 1.00 11.69 ? 45  LYS A C   1 
ATOM   374  O  O   . LYS A 1 46  ? -5.707  -1.633  -10.636 1.00 13.08 ? 45  LYS A O   1 
ATOM   375  C  CB  . LYS A 1 46  ? -5.831  -3.374  -13.177 1.00 13.93 ? 45  LYS A CB  1 
ATOM   376  C  CG  . LYS A 1 46  ? -4.495  -4.090  -13.283 1.00 15.28 ? 45  LYS A CG  1 
ATOM   377  C  CD  . LYS A 1 46  ? -4.586  -5.620  -13.154 1.00 21.53 ? 45  LYS A CD  1 
ATOM   378  C  CE  . LYS A 1 46  ? -3.383  -6.276  -13.815 1.00 22.73 ? 45  LYS A CE  1 
ATOM   379  N  NZ  . LYS A 1 46  ? -2.825  -7.312  -12.948 1.00 36.10 ? 45  LYS A NZ  1 
ATOM   380  N  N   . ALA A 1 47  ? -5.223  -3.671  -9.844  1.00 12.82 ? 46  ALA A N   1 
ATOM   381  C  CA  . ALA A 1 47  ? -4.537  -3.166  -8.664  1.00 12.30 ? 46  ALA A CA  1 
ATOM   382  C  C   . ALA A 1 47  ? -3.098  -2.758  -9.022  1.00 12.75 ? 46  ALA A C   1 
ATOM   383  O  O   . ALA A 1 47  ? -2.176  -3.528  -8.853  1.00 17.37 ? 46  ALA A O   1 
ATOM   384  C  CB  . ALA A 1 47  ? -4.556  -4.208  -7.528  1.00 10.72 ? 46  ALA A CB  1 
ATOM   385  N  N   . ASP A 1 48  ? -2.935  -1.551  -9.553  1.00 11.96 ? 47  ASP A N   1 
ATOM   386  C  CA  . ASP A 1 48  ? -1.636  -1.098  -10.005 1.00 13.66 ? 47  ASP A CA  1 
ATOM   387  C  C   . ASP A 1 48  ? -0.919  -0.174  -9.009  1.00 14.52 ? 47  ASP A C   1 
ATOM   388  O  O   . ASP A 1 48  ? 0.177   0.315   -9.314  1.00 13.67 ? 47  ASP A O   1 
ATOM   389  C  CB  . ASP A 1 48  ? -1.782  -0.412  -11.378 1.00 15.76 ? 47  ASP A CB  1 
ATOM   390  C  CG  . ASP A 1 48  ? -1.884  -1.424  -12.524 1.00 18.96 ? 47  ASP A CG  1 
ATOM   391  O  OD1 . ASP A 1 48  ? -1.405  -2.566  -12.379 1.00 19.28 ? 47  ASP A OD1 1 
ATOM   392  O  OD2 . ASP A 1 48  ? -2.436  -1.060  -13.562 1.00 22.89 ? 47  ASP A OD2 1 
ATOM   393  N  N   . ASN A 1 49  ? -1.509  0.031   -7.824  1.00 14.52 ? 48  ASN A N   1 
ATOM   394  C  CA  . ASN A 1 49  ? -0.956  0.928   -6.795  1.00 15.23 ? 48  ASN A CA  1 
ATOM   395  C  C   . ASN A 1 49  ? -1.103  0.346   -5.390  1.00 14.86 ? 48  ASN A C   1 
ATOM   396  O  O   . ASN A 1 49  ? -2.221  0.016   -4.964  1.00 14.14 ? 48  ASN A O   1 
ATOM   397  C  CB  . ASN A 1 49  ? -1.657  2.281   -6.840  1.00 15.97 ? 48  ASN A CB  1 
ATOM   398  C  CG  . ASN A 1 49  ? -1.514  2.966   -8.192  1.00 20.88 ? 48  ASN A CG  1 
ATOM   399  O  OD1 . ASN A 1 49  ? -2.267  2.684   -9.122  1.00 12.48 ? 48  ASN A OD1 1 
ATOM   400  N  ND2 . ASN A 1 49  ? -0.524  3.849   -8.313  1.00 17.01 ? 48  ASN A ND2 1 
ATOM   401  N  N   . LEU A 1 50  ? 0.030   0.183   -4.699  1.00 12.56 ? 49  LEU A N   1 
ATOM   402  C  CA  . LEU A 1 50  ? 0.055   -0.206  -3.305  1.00 11.68 ? 49  LEU A CA  1 
ATOM   403  C  C   . LEU A 1 50  ? 0.331   1.099   -2.539  1.00 11.76 ? 49  LEU A C   1 
ATOM   404  O  O   . LEU A 1 50  ? 1.192   1.886   -2.940  1.00 11.04 ? 49  LEU A O   1 
ATOM   405  C  CB  . LEU A 1 50  ? 1.139   -1.249  -3.067  1.00 13.01 ? 49  LEU A CB  1 
ATOM   406  C  CG  . LEU A 1 50  ? 1.285   -1.710  -1.617  1.00 15.90 ? 49  LEU A CG  1 
ATOM   407  C  CD1 . LEU A 1 50  ? 0.061   -2.518  -1.212  1.00 16.74 ? 49  LEU A CD1 1 
ATOM   408  C  CD2 . LEU A 1 50  ? 2.569   -2.487  -1.421  1.00 17.64 ? 49  LEU A CD2 1 
HETATM 409  N  N   A MSE A 1 51  ? -0.439  1.358   -1.497  0.70 9.49  ? 50  MSE A N   1 
HETATM 410  N  N   B MSE A 1 51  ? -0.407  1.312   -1.447  0.30 11.83 ? 50  MSE A N   1 
HETATM 411  C  CA  A MSE A 1 51  ? -0.287  2.615   -0.764  0.70 9.64  ? 50  MSE A CA  1 
HETATM 412  C  CA  B MSE A 1 51  ? -0.453  2.606   -0.737  0.30 12.45 ? 50  MSE A CA  1 
HETATM 413  C  C   A MSE A 1 51  ? 0.025   2.404   0.705   0.70 8.81  ? 50  MSE A C   1 
HETATM 414  C  C   B MSE A 1 51  ? -0.122  2.507   0.760   0.30 11.50 ? 50  MSE A C   1 
HETATM 415  O  O   A MSE A 1 51  ? -0.411  1.425   1.310   0.70 10.07 ? 50  MSE A O   1 
HETATM 416  O  O   B MSE A 1 51  ? -0.783  1.754   1.478   0.30 11.81 ? 50  MSE A O   1 
HETATM 417  C  CB  A MSE A 1 51  ? -1.525  3.491   -0.939  0.70 10.38 ? 50  MSE A CB  1 
HETATM 418  C  CB  B MSE A 1 51  ? -1.866  3.189   -0.850  0.30 13.89 ? 50  MSE A CB  1 
HETATM 419  C  CG  A MSE A 1 51  ? -1.555  4.090   -2.310  0.70 13.66 ? 50  MSE A CG  1 
HETATM 420  C  CG  B MSE A 1 51  ? -2.489  3.045   -2.225  0.30 16.22 ? 50  MSE A CG  1 
HETATM 421  SE SE  A MSE A 1 51  ? -3.270  4.855   -2.670  0.53 12.35 ? 50  MSE A SE  1 
HETATM 422  SE SE  B MSE A 1 51  ? -1.678  4.315   -3.419  0.22 22.50 ? 50  MSE A SE  1 
HETATM 423  C  CE  A MSE A 1 51  ? -2.978  5.462   -4.520  0.70 10.62 ? 50  MSE A CE  1 
HETATM 424  C  CE  B MSE A 1 51  ? -2.707  5.892   -2.925  0.30 17.96 ? 50  MSE A CE  1 
ATOM   425  N  N   . LEU A 1 52  ? 0.847   3.294   1.240   1.00 11.27 ? 51  LEU A N   1 
ATOM   426  C  CA  . LEU A 1 52  ? 1.131   3.397   2.684   1.00 12.51 ? 51  LEU A CA  1 
ATOM   427  C  C   . LEU A 1 52  ? 0.507   4.729   3.115   1.00 11.28 ? 51  LEU A C   1 
ATOM   428  O  O   . LEU A 1 52  ? 0.780   5.764   2.516   1.00 10.17 ? 51  LEU A O   1 
ATOM   429  C  CB  . LEU A 1 52  ? 2.642   3.423   2.976   1.00 14.14 ? 51  LEU A CB  1 
ATOM   430  C  CG  . LEU A 1 52  ? 3.029   3.847   4.407   1.00 17.43 ? 51  LEU A CG  1 
ATOM   431  C  CD1 . LEU A 1 52  ? 2.735   2.717   5.382   1.00 16.56 ? 51  LEU A CD1 1 
ATOM   432  C  CD2 . LEU A 1 52  ? 4.511   4.269   4.439   1.00 15.39 ? 51  LEU A CD2 1 
ATOM   433  N  N   . LEU A 1 53  ? -0.389  4.680   4.085   1.00 11.02 ? 52  LEU A N   1 
ATOM   434  C  CA  . LEU A 1 53  ? -1.035  5.887   4.584   1.00 12.00 ? 52  LEU A CA  1 
ATOM   435  C  C   . LEU A 1 53  ? -0.104  6.632   5.523   1.00 11.41 ? 52  LEU A C   1 
ATOM   436  O  O   . LEU A 1 53  ? 0.321   6.107   6.541   1.00 12.36 ? 52  LEU A O   1 
ATOM   437  C  CB  . LEU A 1 53  ? -2.347  5.531   5.269   1.00 13.45 ? 52  LEU A CB  1 
ATOM   438  C  CG  . LEU A 1 53  ? -3.239  6.690   5.698   1.00 15.39 ? 52  LEU A CG  1 
ATOM   439  C  CD1 . LEU A 1 53  ? -3.595  7.630   4.524   1.00 10.43 ? 52  LEU A CD1 1 
ATOM   440  C  CD2 . LEU A 1 53  ? -4.472  6.132   6.400   1.00 9.12  ? 52  LEU A CD2 1 
ATOM   441  N  N   . LEU A 1 54  ? 0.229   7.857   5.158   1.00 11.83 ? 53  LEU A N   1 
ATOM   442  C  CA  . LEU A 1 54  ? 1.106   8.698   5.978   1.00 11.39 ? 53  LEU A CA  1 
ATOM   443  C  C   . LEU A 1 54  ? 0.342   9.617   6.910   1.00 12.43 ? 53  LEU A C   1 
ATOM   444  O  O   . LEU A 1 54  ? 0.784   9.869   8.035   1.00 12.17 ? 53  LEU A O   1 
ATOM   445  C  CB  . LEU A 1 54  ? 2.013   9.535   5.103   1.00 9.24  ? 53  LEU A CB  1 
ATOM   446  C  CG  . LEU A 1 54  ? 2.960   8.788   4.162   1.00 9.75  ? 53  LEU A CG  1 
ATOM   447  C  CD1 . LEU A 1 54  ? 3.641   9.769   3.240   1.00 11.06 ? 53  LEU A CD1 1 
ATOM   448  C  CD2 . LEU A 1 54  ? 4.002   7.968   4.978   1.00 12.44 ? 53  LEU A CD2 1 
ATOM   449  N  N   . GLU A 1 55  ? -0.788  10.123  6.437   1.00 12.83 ? 54  GLU A N   1 
ATOM   450  C  CA  . GLU A 1 55  ? -1.566  11.097  7.163   1.00 14.08 ? 54  GLU A CA  1 
ATOM   451  C  C   . GLU A 1 55  ? -3.009  11.008  6.694   1.00 13.22 ? 54  GLU A C   1 
ATOM   452  O  O   . GLU A 1 55  ? -3.266  10.755  5.514   1.00 12.74 ? 54  GLU A O   1 
ATOM   453  C  CB  . GLU A 1 55  ? -1.019  12.509  6.899   1.00 17.84 ? 54  GLU A CB  1 
ATOM   454  C  CG  . GLU A 1 55  ? -1.754  13.609  7.649   1.00 25.34 ? 54  GLU A CG  1 
ATOM   455  C  CD  . GLU A 1 55  ? -1.426  14.984  7.108   1.00 31.59 ? 54  GLU A CD  1 
ATOM   456  O  OE1 . GLU A 1 55  ? -0.333  15.139  6.515   1.00 28.17 ? 54  GLU A OE1 1 
ATOM   457  O  OE2 . GLU A 1 55  ? -2.265  15.897  7.263   1.00 35.31 ? 54  GLU A OE2 1 
ATOM   458  N  N   . GLY A 1 56  ? -3.934  11.193  7.642   1.00 11.84 ? 55  GLY A N   1 
ATOM   459  C  CA  . GLY A 1 56  ? -5.359  11.198  7.381   1.00 9.90  ? 55  GLY A CA  1 
ATOM   460  C  C   . GLY A 1 56  ? -6.047  9.878   7.658   1.00 11.36 ? 55  GLY A C   1 
ATOM   461  O  O   . GLY A 1 56  ? -5.696  9.146   8.596   1.00 10.40 ? 55  GLY A O   1 
ATOM   462  N  N   . GLY A 1 57  ? -7.053  9.575   6.849   1.00 12.39 ? 56  GLY A N   1 
ATOM   463  C  CA  . GLY A 1 57  ? -7.906  8.436   7.125   1.00 11.71 ? 56  GLY A CA  1 
ATOM   464  C  C   . GLY A 1 57  ? -8.450  7.919   5.812   1.00 11.30 ? 56  GLY A C   1 
ATOM   465  O  O   . GLY A 1 57  ? -8.792  8.699   4.926   1.00 11.64 ? 56  GLY A O   1 
ATOM   466  N  N   A VAL A 1 58  ? -8.562  6.600   5.719   0.50 9.74  ? 57  VAL A N   1 
ATOM   467  N  N   B VAL A 1 58  ? -8.469  6.603   5.659   0.50 12.31 ? 57  VAL A N   1 
ATOM   468  C  CA  A VAL A 1 58  ? -9.115  5.943   4.548   0.50 9.32  ? 57  VAL A CA  1 
ATOM   469  C  CA  B VAL A 1 58  ? -8.986  5.984   4.452   0.50 13.56 ? 57  VAL A CA  1 
ATOM   470  C  C   A VAL A 1 58  ? -10.160 4.921   4.957   0.50 10.49 ? 57  VAL A C   1 
ATOM   471  C  C   B VAL A 1 58  ? -9.897  4.850   4.843   0.50 15.40 ? 57  VAL A C   1 
ATOM   472  O  O   A VAL A 1 58  ? -10.001 4.196   5.952   0.50 10.20 ? 57  VAL A O   1 
ATOM   473  O  O   B VAL A 1 58  ? -9.533  4.004   5.665   0.50 17.37 ? 57  VAL A O   1 
ATOM   474  C  CB  A VAL A 1 58  ? -8.016  5.287   3.696   0.50 8.21  ? 57  VAL A CB  1 
ATOM   475  C  CB  B VAL A 1 58  ? -7.874  5.448   3.539   0.50 13.11 ? 57  VAL A CB  1 
ATOM   476  C  CG1 A VAL A 1 58  ? -8.603  4.215   2.745   0.50 6.56  ? 57  VAL A CG1 1 
ATOM   477  C  CG1 B VAL A 1 58  ? -8.483  4.761   2.309   0.50 11.90 ? 57  VAL A CG1 1 
ATOM   478  C  CG2 A VAL A 1 58  ? -7.246  6.356   2.910   0.50 8.47  ? 57  VAL A CG2 1 
ATOM   479  C  CG2 B VAL A 1 58  ? -6.935  6.567   3.112   0.50 12.63 ? 57  VAL A CG2 1 
ATOM   480  N  N   A GLU A 1 59  ? -11.253 4.896   4.205   0.50 12.06 ? 58  GLU A N   1 
ATOM   481  N  N   B GLU A 1 59  ? -11.099 4.846   4.284   0.50 17.05 ? 58  GLU A N   1 
ATOM   482  C  CA  A GLU A 1 59  ? -12.257 3.853   4.355   0.50 12.65 ? 58  GLU A CA  1 
ATOM   483  C  CA  B GLU A 1 59  ? -12.005 3.736   4.512   0.50 17.80 ? 58  GLU A CA  1 
ATOM   484  C  C   A GLU A 1 59  ? -12.222 2.906   3.160   0.50 12.78 ? 58  GLU A C   1 
ATOM   485  C  C   B GLU A 1 59  ? -12.212 2.914   3.241   0.50 16.11 ? 58  GLU A C   1 
ATOM   486  O  O   A GLU A 1 59  ? -12.189 3.341   1.999   0.50 10.57 ? 58  GLU A O   1 
ATOM   487  O  O   B GLU A 1 59  ? -12.374 3.442   2.134   0.50 15.41 ? 58  GLU A O   1 
ATOM   488  C  CB  A GLU A 1 59  ? -13.646 4.466   4.511   0.50 13.86 ? 58  GLU A CB  1 
ATOM   489  C  CB  B GLU A 1 59  ? -13.345 4.214   5.047   0.50 20.24 ? 58  GLU A CB  1 
ATOM   490  C  CG  A GLU A 1 59  ? -13.947 4.877   5.946   0.50 15.58 ? 58  GLU A CG  1 
ATOM   491  C  CG  B GLU A 1 59  ? -14.308 4.625   3.975   0.50 24.44 ? 58  GLU A CG  1 
ATOM   492  C  CD  A GLU A 1 59  ? -15.388 5.279   6.165   0.50 17.69 ? 58  GLU A CD  1 
ATOM   493  C  CD  B GLU A 1 59  ? -15.625 5.088   4.544   0.50 28.19 ? 58  GLU A CD  1 
ATOM   494  O  OE1 A GLU A 1 59  ? -16.198 5.143   5.217   0.50 22.43 ? 58  GLU A OE1 1 
ATOM   495  O  OE1 B GLU A 1 59  ? -16.633 4.368   4.375   0.50 29.84 ? 58  GLU A OE1 1 
ATOM   496  O  OE2 A GLU A 1 59  ? -15.707 5.725   7.285   0.50 11.95 ? 58  GLU A OE2 1 
ATOM   497  O  OE2 B GLU A 1 59  ? -15.649 6.171   5.167   0.50 29.39 ? 58  GLU A OE2 1 
ATOM   498  N  N   . LEU A 1 60  ? -12.202 1.605   3.439   1.00 13.78 ? 59  LEU A N   1 
ATOM   499  C  CA  . LEU A 1 60  ? -12.333 0.632   2.385   1.00 14.08 ? 59  LEU A CA  1 
ATOM   500  C  C   . LEU A 1 60  ? -13.787 0.243   2.417   1.00 14.64 ? 59  LEU A C   1 
ATOM   501  O  O   . LEU A 1 60  ? -14.331 -0.064  3.486   1.00 11.43 ? 59  LEU A O   1 
ATOM   502  C  CB  . LEU A 1 60  ? -11.427 -0.560  2.669   1.00 14.66 ? 59  LEU A CB  1 
ATOM   503  C  CG  . LEU A 1 60  ? -9.950  -0.207  2.803   1.00 17.58 ? 59  LEU A CG  1 
ATOM   504  C  CD1 . LEU A 1 60  ? -9.154  -1.478  2.985   1.00 17.41 ? 59  LEU A CD1 1 
ATOM   505  C  CD2 . LEU A 1 60  ? -9.453  0.639   1.557   1.00 11.78 ? 59  LEU A CD2 1 
ATOM   506  N  N   . PHE A 1 61  ? -14.424 0.252   1.251   1.00 15.57 ? 60  PHE A N   1 
ATOM   507  C  CA  . PHE A 1 61  ? -15.861 0.050   1.175   1.00 16.90 ? 60  PHE A CA  1 
ATOM   508  C  C   . PHE A 1 61  ? -16.309 -0.590  -0.135  1.00 19.07 ? 60  PHE A C   1 
ATOM   509  O  O   . PHE A 1 61  ? -15.547 -0.676  -1.096  1.00 15.13 ? 60  PHE A O   1 
ATOM   510  C  CB  . PHE A 1 61  ? -16.553 1.406   1.339   1.00 16.95 ? 60  PHE A CB  1 
ATOM   511  C  CG  . PHE A 1 61  ? -16.328 2.342   0.182   1.00 18.57 ? 60  PHE A CG  1 
ATOM   512  C  CD1 . PHE A 1 61  ? -15.136 3.058   0.067   1.00 17.24 ? 60  PHE A CD1 1 
ATOM   513  C  CD2 . PHE A 1 61  ? -17.290 2.499   -0.803  1.00 18.43 ? 60  PHE A CD2 1 
ATOM   514  C  CE1 . PHE A 1 61  ? -14.921 3.912   -1.016  1.00 16.94 ? 60  PHE A CE1 1 
ATOM   515  C  CE2 . PHE A 1 61  ? -17.080 3.359   -1.880  1.00 18.97 ? 60  PHE A CE2 1 
ATOM   516  C  CZ  . PHE A 1 61  ? -15.906 4.060   -1.985  1.00 16.64 ? 60  PHE A CZ  1 
ATOM   517  N  N   . TYR A 1 62  ? -17.561 -1.033  -0.143  1.00 25.67 ? 61  TYR A N   1 
ATOM   518  C  CA  . TYR A 1 62  ? -18.288 -1.406  -1.374  1.00 30.82 ? 61  TYR A CA  1 
ATOM   519  C  C   . TYR A 1 62  ? -19.271 -0.306  -1.803  1.00 34.17 ? 61  TYR A C   1 
ATOM   520  O  O   . TYR A 1 62  ? -20.001 0.247   -0.963  1.00 32.78 ? 61  TYR A O   1 
ATOM   521  C  CB  . TYR A 1 62  ? -19.091 -2.676  -1.165  1.00 30.05 ? 61  TYR A CB  1 
ATOM   522  C  CG  . TYR A 1 62  ? -18.310 -3.828  -0.576  1.00 32.95 ? 61  TYR A CG  1 
ATOM   523  C  CD1 . TYR A 1 62  ? -17.035 -4.139  -1.029  1.00 30.58 ? 61  TYR A CD1 1 
ATOM   524  C  CD2 . TYR A 1 62  ? -18.875 -4.634  0.407   1.00 36.75 ? 61  TYR A CD2 1 
ATOM   525  C  CE1 . TYR A 1 62  ? -16.333 -5.200  -0.500  1.00 31.48 ? 61  TYR A CE1 1 
ATOM   526  C  CE2 . TYR A 1 62  ? -18.183 -5.711  0.942   1.00 38.11 ? 61  TYR A CE2 1 
ATOM   527  C  CZ  . TYR A 1 62  ? -16.918 -5.987  0.484   1.00 36.94 ? 61  TYR A CZ  1 
ATOM   528  O  OH  . TYR A 1 62  ? -16.243 -7.054  1.010   1.00 38.57 ? 61  TYR A OH  1 
ATOM   529  N  N   . SER A 1 63  ? -19.305 -0.012  -3.107  1.00 36.79 ? 62  SER A N   1 
ATOM   530  C  CA  . SER A 1 63  ? -20.255 0.956   -3.656  1.00 39.43 ? 62  SER A CA  1 
ATOM   531  C  C   . SER A 1 63  ? -21.390 0.259   -4.400  1.00 40.12 ? 62  SER A C   1 
ATOM   532  O  O   . SER A 1 63  ? -22.568 0.549   -4.168  1.00 42.62 ? 62  SER A O   1 
ATOM   533  C  CB  . SER A 1 63  ? -19.543 1.919   -4.594  1.00 40.45 ? 62  SER A CB  1 
ATOM   534  O  OG  . SER A 1 63  ? -20.367 3.047   -4.833  1.00 43.86 ? 62  SER A OG  1 
ATOM   535  N  N   . SER A 1 73  ? -21.604 -0.395  2.031   1.00 41.23 ? 72  SER A N   1 
ATOM   536  C  CA  . SER A 1 73  ? -21.092 -0.915  3.301   1.00 41.76 ? 72  SER A CA  1 
ATOM   537  C  C   . SER A 1 73  ? -19.563 -0.701  3.441   1.00 41.50 ? 72  SER A C   1 
ATOM   538  O  O   . SER A 1 73  ? -18.806 -1.005  2.522   1.00 39.92 ? 72  SER A O   1 
ATOM   539  C  CB  . SER A 1 73  ? -21.433 -2.412  3.442   1.00 40.53 ? 72  SER A CB  1 
ATOM   540  N  N   . THR A 1 74  ? -19.130 -0.186  4.597   1.00 40.65 ? 73  THR A N   1 
ATOM   541  C  CA  . THR A 1 74  ? -17.707 -0.089  4.927   1.00 39.24 ? 73  THR A CA  1 
ATOM   542  C  C   . THR A 1 74  ? -17.147 -1.467  5.289   1.00 36.27 ? 73  THR A C   1 
ATOM   543  O  O   . THR A 1 74  ? -17.817 -2.284  5.921   1.00 35.94 ? 73  THR A O   1 
ATOM   544  C  CB  . THR A 1 74  ? -17.412 0.933   6.068   1.00 39.48 ? 73  THR A CB  1 
ATOM   545  O  OG1 . THR A 1 74  ? -17.204 2.241   5.504   1.00 41.89 ? 73  THR A OG1 1 
ATOM   546  C  CG2 . THR A 1 74  ? -16.156 0.542   6.847   1.00 39.39 ? 73  THR A CG2 1 
ATOM   547  N  N   . VAL A 1 75  ? -15.920 -1.709  4.840   1.00 33.27 ? 74  VAL A N   1 
ATOM   548  C  CA  . VAL A 1 75  ? -15.194 -2.965  5.058   1.00 32.07 ? 74  VAL A CA  1 
ATOM   549  C  C   . VAL A 1 75  ? -14.182 -2.799  6.200   1.00 29.65 ? 74  VAL A C   1 
ATOM   550  O  O   . VAL A 1 75  ? -14.009 -3.690  7.030   1.00 28.47 ? 74  VAL A O   1 
ATOM   551  C  CB  . VAL A 1 75  ? -14.433 -3.388  3.746   1.00 32.02 ? 74  VAL A CB  1 
ATOM   552  C  CG1 . VAL A 1 75  ? -13.353 -4.464  4.015   1.00 33.84 ? 74  VAL A CG1 1 
ATOM   553  C  CG2 . VAL A 1 75  ? -15.432 -3.845  2.668   1.00 35.46 ? 74  VAL A CG2 1 
ATOM   554  N  N   . CYS A 1 76  ? -13.520 -1.644  6.239   1.00 24.78 ? 75  CYS A N   1 
ATOM   555  C  CA  . CYS A 1 76  ? -12.324 -1.493  7.018   1.00 24.96 ? 75  CYS A CA  1 
ATOM   556  C  C   . CYS A 1 76  ? -11.919 0.015   7.043   1.00 21.27 ? 75  CYS A C   1 
ATOM   557  O  O   . CYS A 1 76  ? -12.158 0.758   6.088   1.00 19.03 ? 75  CYS A O   1 
ATOM   558  C  CB  . CYS A 1 76  ? -11.274 -2.408  6.339   1.00 26.05 ? 75  CYS A CB  1 
ATOM   559  S  SG  . CYS A 1 76  ? -9.681  -2.330  6.917   1.00 39.35 ? 75  CYS A SG  1 
ATOM   560  N  N   . SER A 1 77  ? -11.398 0.478   8.173   1.00 17.76 ? 76  SER A N   1 
ATOM   561  C  CA  . SER A 1 77  ? -10.833 1.823   8.271   1.00 19.44 ? 76  SER A CA  1 
ATOM   562  C  C   . SER A 1 77  ? -9.323  1.741   8.427   1.00 19.34 ? 76  SER A C   1 
ATOM   563  O  O   . SER A 1 77  ? -8.825  0.942   9.236   1.00 19.50 ? 76  SER A O   1 
ATOM   564  C  CB  . SER A 1 77  ? -11.439 2.579   9.458   1.00 21.88 ? 76  SER A CB  1 
ATOM   565  O  OG  . SER A 1 77  ? -12.715 3.080   9.098   1.00 22.03 ? 76  SER A OG  1 
ATOM   566  N  N   . VAL A 1 78  ? -8.608  2.571   7.670   1.00 13.86 ? 77  VAL A N   1 
ATOM   567  C  CA  . VAL A 1 78  ? -7.145  2.582   7.676   1.00 14.88 ? 77  VAL A CA  1 
ATOM   568  C  C   . VAL A 1 78  ? -6.647  3.856   8.364   1.00 14.44 ? 77  VAL A C   1 
ATOM   569  O  O   . VAL A 1 78  ? -7.179  4.960   8.118   1.00 13.82 ? 77  VAL A O   1 
ATOM   570  C  CB  . VAL A 1 78  ? -6.591  2.463   6.211   1.00 13.74 ? 77  VAL A CB  1 
ATOM   571  C  CG1 . VAL A 1 78  ? -5.084  2.304   6.179   1.00 14.50 ? 77  VAL A CG1 1 
ATOM   572  C  CG2 . VAL A 1 78  ? -7.298  1.280   5.444   1.00 15.94 ? 77  VAL A CG2 1 
ATOM   573  N  N   . VAL A 1 79  ? -5.645  3.701   9.232   1.00 14.25 ? 78  VAL A N   1 
ATOM   574  C  CA  . VAL A 1 79  ? -5.000  4.823   9.932   1.00 15.00 ? 78  VAL A CA  1 
ATOM   575  C  C   . VAL A 1 79  ? -3.519  4.917   9.514   1.00 13.49 ? 78  VAL A C   1 
ATOM   576  O  O   . VAL A 1 79  ? -2.951  3.964   8.936   1.00 12.15 ? 78  VAL A O   1 
ATOM   577  C  CB  . VAL A 1 79  ? -5.105  4.694   11.505  1.00 16.56 ? 78  VAL A CB  1 
ATOM   578  C  CG1 . VAL A 1 79  ? -6.586  4.670   11.956  1.00 20.76 ? 78  VAL A CG1 1 
ATOM   579  C  CG2 . VAL A 1 79  ? -4.325  3.468   12.029  1.00 15.65 ? 78  VAL A CG2 1 
ATOM   580  N  N   . PRO A 1 80  ? -2.886  6.065   9.772   1.00 14.94 ? 79  PRO A N   1 
ATOM   581  C  CA  . PRO A 1 80  ? -1.498  6.215   9.338   1.00 13.81 ? 79  PRO A CA  1 
ATOM   582  C  C   . PRO A 1 80  ? -0.581  5.102   9.797   1.00 12.76 ? 79  PRO A C   1 
ATOM   583  O  O   . PRO A 1 80  ? -0.713  4.601   10.920  1.00 13.84 ? 79  PRO A O   1 
ATOM   584  C  CB  . PRO A 1 80  ? -1.090  7.550   9.961   1.00 15.08 ? 79  PRO A CB  1 
ATOM   585  C  CG  . PRO A 1 80  ? -2.359  8.336   9.910   1.00 15.18 ? 79  PRO A CG  1 
ATOM   586  C  CD  . PRO A 1 80  ? -3.410  7.334   10.318  1.00 15.34 ? 79  PRO A CD  1 
ATOM   587  N  N   . GLY A 1 81  ? 0.327   4.703   8.909   1.00 13.40 ? 80  GLY A N   1 
ATOM   588  C  CA  . GLY A 1 81  ? 1.295   3.683   9.200   1.00 13.53 ? 80  GLY A CA  1 
ATOM   589  C  C   . GLY A 1 81  ? 0.927   2.339   8.624   1.00 15.29 ? 80  GLY A C   1 
ATOM   590  O  O   . GLY A 1 81  ? 1.779   1.438   8.604   1.00 16.74 ? 80  GLY A O   1 
ATOM   591  N  N   . ALA A 1 82  ? -0.324  2.215   8.150   1.00 14.74 ? 81  ALA A N   1 
ATOM   592  C  CA  . ALA A 1 82  ? -0.852  0.982   7.573   1.00 14.96 ? 81  ALA A CA  1 
ATOM   593  C  C   . ALA A 1 82  ? -0.950  1.057   6.036   1.00 15.32 ? 81  ALA A C   1 
ATOM   594  O  O   . ALA A 1 82  ? -1.141  2.135   5.453   1.00 14.33 ? 81  ALA A O   1 
ATOM   595  C  CB  . ALA A 1 82  ? -2.222  0.669   8.181   1.00 12.04 ? 81  ALA A CB  1 
ATOM   596  N  N   . ILE A 1 83  ? -0.822  -0.102  5.396   1.00 15.56 ? 82  ILE A N   1 
ATOM   597  C  CA  . ILE A 1 83  ? -0.938  -0.217  3.957   1.00 15.52 ? 82  ILE A CA  1 
ATOM   598  C  C   . ILE A 1 83  ? -2.340  -0.580  3.490   1.00 14.17 ? 82  ILE A C   1 
ATOM   599  O  O   . ILE A 1 83  ? -3.136  -1.241  4.212   1.00 15.20 ? 82  ILE A O   1 
ATOM   600  C  CB  . ILE A 1 83  ? 0.129   -1.212  3.346   1.00 18.77 ? 82  ILE A CB  1 
ATOM   601  C  CG1 . ILE A 1 83  ? -0.112  -2.658  3.773   1.00 17.80 ? 82  ILE A CG1 1 
ATOM   602  C  CG2 . ILE A 1 83  ? 1.570   -0.778  3.743   1.00 17.14 ? 82  ILE A CG2 1 
ATOM   603  C  CD1 . ILE A 1 83  ? 0.593   -3.671  2.857   1.00 20.24 ? 82  ILE A CD1 1 
ATOM   604  N  N   . PHE A 1 84  ? -2.633  -0.185  2.261   1.00 13.06 ? 83  PHE A N   1 
ATOM   605  C  CA  . PHE A 1 84  ? -3.888  -0.547  1.597   1.00 12.33 ? 83  PHE A CA  1 
ATOM   606  C  C   . PHE A 1 84  ? -3.645  -0.615  0.095   1.00 13.64 ? 83  PHE A C   1 
ATOM   607  O  O   . PHE A 1 84  ? -2.580  -0.256  -0.368  1.00 12.94 ? 83  PHE A O   1 
ATOM   608  C  CB  . PHE A 1 84  ? -5.060  0.393   2.018   1.00 13.27 ? 83  PHE A CB  1 
ATOM   609  C  CG  . PHE A 1 84  ? -4.894  1.840   1.589   1.00 11.46 ? 83  PHE A CG  1 
ATOM   610  C  CD1 . PHE A 1 84  ? -4.059  2.693   2.277   1.00 13.39 ? 83  PHE A CD1 1 
ATOM   611  C  CD2 . PHE A 1 84  ? -5.599  2.341   0.504   1.00 15.68 ? 83  PHE A CD2 1 
ATOM   612  C  CE1 . PHE A 1 84  ? -3.892  4.034   1.865   1.00 15.18 ? 83  PHE A CE1 1 
ATOM   613  C  CE2 . PHE A 1 84  ? -5.481  3.663   0.124   1.00 14.55 ? 83  PHE A CE2 1 
ATOM   614  C  CZ  . PHE A 1 84  ? -4.628  4.518   0.810   1.00 11.03 ? 83  PHE A CZ  1 
ATOM   615  N  N   . GLY A 1 85  ? -4.597  -1.159  -0.652  1.00 13.26 ? 84  GLY A N   1 
ATOM   616  C  CA  . GLY A 1 85  ? -4.317  -1.593  -2.025  1.00 14.69 ? 84  GLY A CA  1 
ATOM   617  C  C   . GLY A 1 85  ? -3.517  -2.885  -2.094  1.00 11.66 ? 84  GLY A C   1 
ATOM   618  O  O   . GLY A 1 85  ? -2.766  -3.107  -3.044  1.00 12.56 ? 84  GLY A O   1 
ATOM   619  N  N   . VAL A 1 86  ? -3.704  -3.758  -1.107  1.00 11.98 ? 85  VAL A N   1 
ATOM   620  C  CA  . VAL A 1 86  ? -2.890  -4.973  -0.961  1.00 13.50 ? 85  VAL A CA  1 
ATOM   621  C  C   . VAL A 1 86  ? -3.038  -5.960  -2.127  1.00 12.51 ? 85  VAL A C   1 
ATOM   622  O  O   . VAL A 1 86  ? -2.123  -6.744  -2.407  1.00 12.89 ? 85  VAL A O   1 
ATOM   623  C  CB  . VAL A 1 86  ? -3.165  -5.721  0.384   1.00 12.96 ? 85  VAL A CB  1 
ATOM   624  C  CG1 . VAL A 1 86  ? -2.721  -4.871  1.565   1.00 14.38 ? 85  VAL A CG1 1 
ATOM   625  C  CG2 . VAL A 1 86  ? -4.663  -6.133  0.520   1.00 13.14 ? 85  VAL A CG2 1 
ATOM   626  N  N   . SER A 1 87  ? -4.166  -5.923  -2.828  1.00 11.96 ? 86  SER A N   1 
ATOM   627  C  CA  . SER A 1 87  ? -4.325  -6.787  -4.022  1.00 12.55 ? 86  SER A CA  1 
ATOM   628  C  C   . SER A 1 87  ? -3.337  -6.472  -5.166  1.00 12.62 ? 86  SER A C   1 
ATOM   629  O  O   . SER A 1 87  ? -3.227  -7.250  -6.109  1.00 13.29 ? 86  SER A O   1 
ATOM   630  C  CB  . SER A 1 87  ? -5.767  -6.763  -4.532  1.00 14.15 ? 86  SER A CB  1 
ATOM   631  O  OG  . SER A 1 87  ? -6.613  -7.456  -3.636  1.00 14.57 ? 86  SER A OG  1 
ATOM   632  N  N   A SER A 1 88  ? -2.604  -5.362  -5.074  0.50 14.64 ? 87  SER A N   1 
ATOM   633  N  N   B SER A 1 88  ? -2.624  -5.347  -5.065  0.50 12.74 ? 87  SER A N   1 
ATOM   634  C  CA  A SER A 1 88  ? -1.464  -5.153  -5.979  0.50 14.69 ? 87  SER A CA  1 
ATOM   635  C  CA  B SER A 1 88  ? -1.434  -5.112  -5.901  0.50 11.16 ? 87  SER A CA  1 
ATOM   636  C  C   A SER A 1 88  ? -0.435  -6.293  -5.893  0.50 14.19 ? 87  SER A C   1 
ATOM   637  C  C   B SER A 1 88  ? -0.505  -6.333  -5.914  0.50 12.06 ? 87  SER A C   1 
ATOM   638  O  O   A SER A 1 88  ? 0.335   -6.516  -6.838  0.50 14.43 ? 87  SER A O   1 
ATOM   639  O  O   B SER A 1 88  ? 0.098   -6.664  -6.948  0.50 11.01 ? 87  SER A O   1 
ATOM   640  C  CB  A SER A 1 88  ? -0.812  -3.783  -5.744  0.50 16.07 ? 87  SER A CB  1 
ATOM   641  C  CB  B SER A 1 88  ? -0.688  -3.853  -5.432  0.50 11.52 ? 87  SER A CB  1 
ATOM   642  O  OG  A SER A 1 88  ? -0.547  -3.550  -4.379  0.50 18.98 ? 87  SER A OG  1 
ATOM   643  O  OG  B SER A 1 88  ? -1.495  -2.693  -5.599  0.50 7.26  ? 87  SER A OG  1 
ATOM   644  N  N   . LEU A 1 89  ? -0.442  -7.035  -4.786  1.00 13.58 ? 88  LEU A N   1 
ATOM   645  C  CA  . LEU A 1 89  ? 0.442   -8.190  -4.622  1.00 13.94 ? 88  LEU A CA  1 
ATOM   646  C  C   . LEU A 1 89  ? -0.303  -9.525  -4.382  1.00 14.73 ? 88  LEU A C   1 
ATOM   647  O  O   . LEU A 1 89  ? 0.346   -10.538 -4.109  1.00 14.65 ? 88  LEU A O   1 
ATOM   648  C  CB  . LEU A 1 89  ? 1.412   -7.955  -3.464  1.00 16.06 ? 88  LEU A CB  1 
ATOM   649  C  CG  . LEU A 1 89  ? 2.494   -6.881  -3.651  1.00 18.34 ? 88  LEU A CG  1 
ATOM   650  C  CD1 . LEU A 1 89  ? 3.284   -6.666  -2.356  1.00 18.03 ? 88  LEU A CD1 1 
ATOM   651  C  CD2 . LEU A 1 89  ? 3.390   -7.282  -4.780  1.00 21.33 ? 88  LEU A CD2 1 
ATOM   652  N  N   . ILE A 1 90  ? -1.632  -9.529  -4.472  1.00 14.97 ? 89  ILE A N   1 
ATOM   653  C  CA  . ILE A 1 90  ? -2.419  -10.738 -4.256  1.00 14.39 ? 89  ILE A CA  1 
ATOM   654  C  C   . ILE A 1 90  ? -3.229  -11.072 -5.509  1.00 13.75 ? 89  ILE A C   1 
ATOM   655  O  O   . ILE A 1 90  ? -4.172  -10.372 -5.864  1.00 11.07 ? 89  ILE A O   1 
ATOM   656  C  CB  . ILE A 1 90  ? -3.380  -10.635 -3.027  1.00 12.96 ? 89  ILE A CB  1 
ATOM   657  C  CG1 . ILE A 1 90  ? -2.639  -10.169 -1.749  1.00 14.03 ? 89  ILE A CG1 1 
ATOM   658  C  CG2 . ILE A 1 90  ? -4.065  -12.009 -2.773  1.00 9.89  ? 89  ILE A CG2 1 
ATOM   659  C  CD1 . ILE A 1 90  ? -3.552  -9.739  -0.616  1.00 11.38 ? 89  ILE A CD1 1 
ATOM   660  N  N   . LYS A 1 91  ? -2.859  -12.152 -6.185  1.00 18.17 ? 90  LYS A N   1 
ATOM   661  C  CA  . LYS A 1 91  ? -3.677  -12.672 -7.286  1.00 17.09 ? 90  LYS A CA  1 
ATOM   662  C  C   . LYS A 1 91  ? -5.149  -12.715 -6.935  1.00 18.30 ? 90  LYS A C   1 
ATOM   663  O  O   . LYS A 1 91  ? -5.510  -13.127 -5.832  1.00 21.68 ? 90  LYS A O   1 
ATOM   664  C  CB  . LYS A 1 91  ? -3.257  -14.079 -7.647  1.00 20.63 ? 90  LYS A CB  1 
ATOM   665  C  CG  . LYS A 1 91  ? -1.965  -14.145 -8.346  1.00 19.55 ? 90  LYS A CG  1 
ATOM   666  C  CD  . LYS A 1 91  ? -1.696  -15.551 -8.844  1.00 25.64 ? 90  LYS A CD  1 
ATOM   667  C  CE  . LYS A 1 91  ? -0.352  -15.614 -9.554  1.00 27.19 ? 90  LYS A CE  1 
ATOM   668  N  NZ  . LYS A 1 91  ? -0.175  -16.921 -10.260 1.00 32.56 ? 90  LYS A NZ  1 
ATOM   669  N  N   . PRO A 1 92  ? -6.012  -12.339 -7.882  1.00 15.43 ? 91  PRO A N   1 
ATOM   670  C  CA  . PRO A 1 92  ? -5.704  -11.988 -9.270  1.00 13.72 ? 91  PRO A CA  1 
ATOM   671  C  C   . PRO A 1 92  ? -5.490  -10.491 -9.533  1.00 11.11 ? 91  PRO A C   1 
ATOM   672  O  O   . PRO A 1 92  ? -5.749  -10.031 -10.634 1.00 13.45 ? 91  PRO A O   1 
ATOM   673  C  CB  . PRO A 1 92  ? -6.960  -12.471 -9.994  1.00 16.17 ? 91  PRO A CB  1 
ATOM   674  C  CG  . PRO A 1 92  ? -8.044  -12.102 -9.025  1.00 13.42 ? 91  PRO A CG  1 
ATOM   675  C  CD  . PRO A 1 92  ? -7.466  -12.468 -7.678  1.00 16.87 ? 91  PRO A CD  1 
ATOM   676  N  N   . TYR A 1 93  ? -5.034  -9.752  -8.526  1.00 13.05 ? 92  TYR A N   1 
ATOM   677  C  CA  . TYR A 1 93  ? -4.524  -8.375  -8.714  1.00 12.89 ? 92  TYR A CA  1 
ATOM   678  C  C   . TYR A 1 93  ? -5.580  -7.355  -9.171  1.00 11.12 ? 92  TYR A C   1 
ATOM   679  O  O   . TYR A 1 93  ? -5.302  -6.439  -9.977  1.00 15.10 ? 92  TYR A O   1 
ATOM   680  C  CB  . TYR A 1 93  ? -3.328  -8.372  -9.678  1.00 12.73 ? 92  TYR A CB  1 
ATOM   681  C  CG  . TYR A 1 93  ? -2.268  -9.410  -9.427  1.00 12.29 ? 92  TYR A CG  1 
ATOM   682  C  CD1 . TYR A 1 93  ? -1.560  -9.445  -8.212  1.00 13.73 ? 92  TYR A CD1 1 
ATOM   683  C  CD2 . TYR A 1 93  ? -1.901  -10.301 -10.429 1.00 11.93 ? 92  TYR A CD2 1 
ATOM   684  C  CE1 . TYR A 1 93  ? -0.564  -10.389 -7.992  1.00 16.82 ? 92  TYR A CE1 1 
ATOM   685  C  CE2 . TYR A 1 93  ? -0.903  -11.254 -10.213 1.00 16.85 ? 92  TYR A CE2 1 
ATOM   686  C  CZ  . TYR A 1 93  ? -0.235  -11.275 -8.997  1.00 16.18 ? 92  TYR A CZ  1 
ATOM   687  O  OH  . TYR A 1 93  ? 0.742   -12.187 -8.780  1.00 22.26 ? 92  TYR A OH  1 
ATOM   688  N  N   . HIS A 1 94  ? -6.790  -7.497  -8.644  1.00 11.91 ? 93  HIS A N   1 
ATOM   689  C  CA  . HIS A 1 94  ? -7.854  -6.514  -8.817  1.00 12.48 ? 93  HIS A CA  1 
ATOM   690  C  C   . HIS A 1 94  ? -8.358  -6.112  -7.441  1.00 14.48 ? 93  HIS A C   1 
ATOM   691  O  O   . HIS A 1 94  ? -8.441  -6.937  -6.535  1.00 13.55 ? 93  HIS A O   1 
ATOM   692  C  CB  . HIS A 1 94  ? -8.986  -7.053  -9.716  1.00 14.25 ? 93  HIS A CB  1 
ATOM   693  C  CG  . HIS A 1 94  ? -8.605  -7.111  -11.161 1.00 14.71 ? 93  HIS A CG  1 
ATOM   694  N  ND1 . HIS A 1 94  ? -7.677  -8.010  -11.647 1.00 19.64 ? 93  HIS A ND1 1 
ATOM   695  C  CD2 . HIS A 1 94  ? -9.000  -6.366  -12.222 1.00 16.57 ? 93  HIS A CD2 1 
ATOM   696  C  CE1 . HIS A 1 94  ? -7.519  -7.814  -12.946 1.00 20.27 ? 93  HIS A CE1 1 
ATOM   697  N  NE2 . HIS A 1 94  ? -8.309  -6.824  -13.319 1.00 14.74 ? 93  HIS A NE2 1 
ATOM   698  N  N   . TYR A 1 95  ? -8.617  -4.826  -7.248  1.00 11.99 ? 94  TYR A N   1 
ATOM   699  C  CA  . TYR A 1 95  ? -9.054  -4.356  -5.932  1.00 14.28 ? 94  TYR A CA  1 
ATOM   700  C  C   . TYR A 1 95  ? -10.372 -5.026  -5.513  1.00 15.19 ? 94  TYR A C   1 
ATOM   701  O  O   . TYR A 1 95  ? -11.329 -5.120  -6.294  1.00 15.64 ? 94  TYR A O   1 
ATOM   702  C  CB  . TYR A 1 95  ? -9.186  -2.833  -5.926  1.00 13.42 ? 94  TYR A CB  1 
ATOM   703  C  CG  . TYR A 1 95  ? -7.883  -2.064  -6.138  1.00 13.87 ? 94  TYR A CG  1 
ATOM   704  C  CD1 . TYR A 1 95  ? -6.819  -2.204  -5.262  1.00 16.11 ? 94  TYR A CD1 1 
ATOM   705  C  CD2 . TYR A 1 95  ? -7.744  -1.144  -7.192  1.00 13.69 ? 94  TYR A CD2 1 
ATOM   706  C  CE1 . TYR A 1 95  ? -5.661  -1.495  -5.428  1.00 10.87 ? 94  TYR A CE1 1 
ATOM   707  C  CE2 . TYR A 1 95  ? -6.577  -0.425  -7.368  1.00 14.78 ? 94  TYR A CE2 1 
ATOM   708  C  CZ  . TYR A 1 95  ? -5.544  -0.582  -6.481  1.00 15.51 ? 94  TYR A CZ  1 
ATOM   709  O  OH  . TYR A 1 95  ? -4.371  0.132   -6.665  1.00 13.17 ? 94  TYR A OH  1 
ATOM   710  N  N   . THR A 1 96  ? -10.414 -5.492  -4.268  1.00 14.42 ? 95  THR A N   1 
ATOM   711  C  CA  . THR A 1 96  ? -11.575 -6.212  -3.745  1.00 14.96 ? 95  THR A CA  1 
ATOM   712  C  C   . THR A 1 96  ? -12.513 -5.251  -3.021  1.00 13.96 ? 95  THR A C   1 
ATOM   713  O  O   . THR A 1 96  ? -13.621 -5.618  -2.605  1.00 14.74 ? 95  THR A O   1 
ATOM   714  C  CB  . THR A 1 96  ? -11.136 -7.358  -2.797  1.00 16.47 ? 95  THR A CB  1 
ATOM   715  O  OG1 . THR A 1 96  ? -10.299 -6.825  -1.753  1.00 15.10 ? 95  THR A OG1 1 
ATOM   716  C  CG2 . THR A 1 96  ? -10.372 -8.451  -3.589  1.00 14.25 ? 95  THR A CG2 1 
ATOM   717  N  N   . SER A 1 97  ? -12.072 -4.008  -2.885  1.00 13.29 ? 96  SER A N   1 
ATOM   718  C  CA  . SER A 1 97  ? -12.907 -2.962  -2.323  1.00 13.70 ? 96  SER A CA  1 
ATOM   719  C  C   . SER A 1 97  ? -12.470 -1.643  -2.910  1.00 14.82 ? 96  SER A C   1 
ATOM   720  O  O   . SER A 1 97  ? -11.401 -1.561  -3.501  1.00 16.24 ? 96  SER A O   1 
ATOM   721  C  CB  . SER A 1 97  ? -12.778 -2.975  -0.790  1.00 16.19 ? 96  SER A CB  1 
ATOM   722  O  OG  . SER A 1 97  ? -11.480 -2.591  -0.384  1.00 20.70 ? 96  SER A OG  1 
ATOM   723  N  N   . SER A 1 98  ? -13.303 -0.615  -2.769  1.00 15.31 ? 97  SER A N   1 
ATOM   724  C  CA  . SER A 1 98  ? -12.910 0.729   -3.094  1.00 15.29 ? 97  SER A CA  1 
ATOM   725  C  C   . SER A 1 98  ? -12.285 1.368   -1.859  1.00 16.81 ? 97  SER A C   1 
ATOM   726  O  O   . SER A 1 98  ? -12.454 0.861   -0.747  1.00 15.30 ? 97  SER A O   1 
ATOM   727  C  CB  . SER A 1 98  ? -14.105 1.545   -3.582  1.00 16.70 ? 97  SER A CB  1 
ATOM   728  O  OG  . SER A 1 98  ? -14.692 0.940   -4.729  1.00 13.49 ? 97  SER A OG  1 
ATOM   729  N  N   . ALA A 1 99  ? -11.541 2.461   -2.078  1.00 14.98 ? 98  ALA A N   1 
ATOM   730  C  CA  . ALA A 1 99  ? -10.935 3.260   -1.014  1.00 14.71 ? 98  ALA A CA  1 
ATOM   731  C  C   . ALA A 1 99  ? -11.270 4.745   -1.165  1.00 14.62 ? 98  ALA A C   1 
ATOM   732  O  O   . ALA A 1 99  ? -11.138 5.328   -2.257  1.00 15.17 ? 98  ALA A O   1 
ATOM   733  C  CB  . ALA A 1 99  ? -9.431  3.071   -0.980  1.00 11.20 ? 98  ALA A CB  1 
ATOM   734  N  N   . ARG A 1 100 ? -11.692 5.363   -0.065  1.00 13.21 ? 99  ARG A N   1 
ATOM   735  C  CA  . ARG A 1 100 ? -11.938 6.789   -0.068  1.00 13.67 ? 99  ARG A CA  1 
ATOM   736  C  C   . ARG A 1 100 ? -11.315 7.473   1.137   1.00 13.00 ? 99  ARG A C   1 
ATOM   737  O  O   . ARG A 1 100 ? -11.230 6.893   2.248   1.00 12.07 ? 99  ARG A O   1 
ATOM   738  C  CB  . ARG A 1 100 ? -13.432 7.090   -0.159  1.00 16.23 ? 99  ARG A CB  1 
ATOM   739  C  CG  . ARG A 1 100 ? -14.275 6.632   1.020   1.00 18.42 ? 99  ARG A CG  1 
ATOM   740  C  CD  . ARG A 1 100 ? -15.728 6.968   0.807   1.00 20.71 ? 99  ARG A CD  1 
ATOM   741  N  NE  . ARG A 1 100 ? -16.535 6.200   1.744   1.00 23.96 ? 99  ARG A NE  1 
ATOM   742  C  CZ  . ARG A 1 100 ? -17.740 5.698   1.489   1.00 31.73 ? 99  ARG A CZ  1 
ATOM   743  N  NH1 . ARG A 1 100 ? -18.348 5.900   0.320   1.00 35.61 ? 99  ARG A NH1 1 
ATOM   744  N  NH2 . ARG A 1 100 ? -18.345 4.979   2.426   1.00 33.98 ? 99  ARG A NH2 1 
ATOM   745  N  N   . ALA A 1 101 ? -10.893 8.714   0.903   1.00 13.09 ? 100 ALA A N   1 
ATOM   746  C  CA  . ALA A 1 101 ? -10.324 9.560   1.932   1.00 12.07 ? 100 ALA A CA  1 
ATOM   747  C  C   . ALA A 1 101 ? -11.438 10.060  2.859   1.00 11.82 ? 100 ALA A C   1 
ATOM   748  O  O   . ALA A 1 101 ? -12.464 10.570  2.397   1.00 12.64 ? 100 ALA A O   1 
ATOM   749  C  CB  . ALA A 1 101 ? -9.574  10.731  1.299   1.00 12.34 ? 100 ALA A CB  1 
ATOM   750  N  N   . THR A 1 102 ? -11.246 9.916   4.168   1.00 12.41 ? 101 THR A N   1 
ATOM   751  C  CA  . THR A 1 102 ? -12.221 10.450  5.138   1.00 13.40 ? 101 THR A CA  1 
ATOM   752  C  C   . THR A 1 102 ? -11.715 11.725  5.801   1.00 14.35 ? 101 THR A C   1 
ATOM   753  O  O   . THR A 1 102 ? -12.449 12.369  6.540   1.00 12.96 ? 101 THR A O   1 
ATOM   754  C  CB  . THR A 1 102 ? -12.540 9.414   6.214   1.00 14.08 ? 101 THR A CB  1 
ATOM   755  O  OG1 . THR A 1 102 ? -11.334 9.081   6.893   1.00 13.71 ? 101 THR A OG1 1 
ATOM   756  C  CG2 . THR A 1 102 ? -13.097 8.162   5.574   1.00 15.53 ? 101 THR A CG2 1 
ATOM   757  N  N   . LYS A 1 103 ? -10.455 12.063  5.543   1.00 15.51 ? 102 LYS A N   1 
ATOM   758  C  CA  . LYS A 1 103 ? -9.837  13.314  5.966   1.00 16.90 ? 102 LYS A CA  1 
ATOM   759  C  C   . LYS A 1 103 ? -8.809  13.629  4.895   1.00 11.94 ? 102 LYS A C   1 
ATOM   760  O  O   . LYS A 1 103 ? -8.610  12.833  3.983   1.00 14.87 ? 102 LYS A O   1 
ATOM   761  C  CB  . LYS A 1 103 ? -9.095  13.215  7.322   1.00 19.85 ? 102 LYS A CB  1 
ATOM   762  C  CG  . LYS A 1 103 ? -9.394  12.067  8.202   1.00 26.40 ? 102 LYS A CG  1 
ATOM   763  C  CD  . LYS A 1 103 ? -8.772  12.306  9.590   1.00 30.21 ? 102 LYS A CD  1 
ATOM   764  C  CE  . LYS A 1 103 ? -8.908  11.082  10.483  1.00 37.11 ? 102 LYS A CE  1 
ATOM   765  N  NZ  . LYS A 1 103 ? -8.772  11.412  11.944  1.00 36.10 ? 102 LYS A NZ  1 
ATOM   766  N  N   . PRO A 1 104 ? -8.133  14.772  5.011   1.00 13.05 ? 103 PRO A N   1 
ATOM   767  C  CA  . PRO A 1 104 ? -7.095  15.016  4.006   1.00 13.80 ? 103 PRO A CA  1 
ATOM   768  C  C   . PRO A 1 104 ? -6.015  13.940  4.116   1.00 11.97 ? 103 PRO A C   1 
ATOM   769  O  O   . PRO A 1 104 ? -5.561  13.640  5.212   1.00 13.13 ? 103 PRO A O   1 
ATOM   770  C  CB  . PRO A 1 104 ? -6.599  16.433  4.336   1.00 13.53 ? 103 PRO A CB  1 
ATOM   771  C  CG  . PRO A 1 104 ? -7.809  17.106  5.063   1.00 15.00 ? 103 PRO A CG  1 
ATOM   772  C  CD  . PRO A 1 104 ? -8.449  15.967  5.828   1.00 14.03 ? 103 PRO A CD  1 
ATOM   773  N  N   . VAL A 1 105 ? -5.662  13.323  2.989   1.00 13.82 ? 104 VAL A N   1 
ATOM   774  C  CA  . VAL A 1 105 ? -4.808  12.129  2.979   1.00 13.21 ? 104 VAL A CA  1 
ATOM   775  C  C   . VAL A 1 105 ? -3.480  12.406  2.256   1.00 12.33 ? 104 VAL A C   1 
ATOM   776  O  O   . VAL A 1 105 ? -3.463  13.074  1.218   1.00 13.83 ? 104 VAL A O   1 
ATOM   777  C  CB  . VAL A 1 105 ? -5.554  10.956  2.329   1.00 14.90 ? 104 VAL A CB  1 
ATOM   778  C  CG1 . VAL A 1 105 ? -4.589  9.888   1.739   1.00 13.88 ? 104 VAL A CG1 1 
ATOM   779  C  CG2 . VAL A 1 105 ? -6.525  10.321  3.327   1.00 10.89 ? 104 VAL A CG2 1 
ATOM   780  N  N   . ARG A 1 106 ? -2.383  11.928  2.846   1.00 13.90 ? 105 ARG A N   1 
ATOM   781  C  CA  . ARG A 1 106 ? -1.100  11.739  2.141   1.00 14.84 ? 105 ARG A CA  1 
ATOM   782  C  C   . ARG A 1 106 ? -0.692  10.267  2.220   1.00 12.59 ? 105 ARG A C   1 
ATOM   783  O  O   . ARG A 1 106 ? -0.807  9.613   3.276   1.00 12.04 ? 105 ARG A O   1 
ATOM   784  C  CB  . ARG A 1 106 ? 0.029   12.570  2.744   1.00 16.73 ? 105 ARG A CB  1 
ATOM   785  C  CG  . ARG A 1 106 ? -0.138  14.064  2.619   1.00 24.74 ? 105 ARG A CG  1 
ATOM   786  C  CD  . ARG A 1 106 ? 1.113   14.841  3.100   1.00 26.72 ? 105 ARG A CD  1 
ATOM   787  N  NE  . ARG A 1 106 ? 1.321   14.663  4.541   1.00 24.46 ? 105 ARG A NE  1 
ATOM   788  C  CZ  . ARG A 1 106 ? 2.316   13.978  5.115   1.00 25.80 ? 105 ARG A CZ  1 
ATOM   789  N  NH1 . ARG A 1 106 ? 3.279   13.401  4.406   1.00 26.72 ? 105 ARG A NH1 1 
ATOM   790  N  NH2 . ARG A 1 106 ? 2.363   13.895  6.435   1.00 27.15 ? 105 ARG A NH2 1 
ATOM   791  N  N   . VAL A 1 107 ? -0.189  9.773   1.103   1.00 14.28 ? 106 VAL A N   1 
ATOM   792  C  CA  . VAL A 1 107 ? 0.260   8.394   0.980   1.00 13.29 ? 106 VAL A CA  1 
ATOM   793  C  C   . VAL A 1 107 ? 1.611   8.338   0.269   1.00 14.27 ? 106 VAL A C   1 
ATOM   794  O  O   . VAL A 1 107 ? 2.011   9.289   -0.406  1.00 16.01 ? 106 VAL A O   1 
ATOM   795  C  CB  . VAL A 1 107 ? -0.722  7.526   0.163   1.00 11.44 ? 106 VAL A CB  1 
ATOM   796  C  CG1 . VAL A 1 107 ? -2.123  7.530   0.766   1.00 10.40 ? 106 VAL A CG1 1 
ATOM   797  C  CG2 . VAL A 1 107 ? -0.791  7.985   -1.367  1.00 14.54 ? 106 VAL A CG2 1 
ATOM   798  N  N   . VAL A 1 108 ? 2.320   7.235   0.501   1.00 13.72 ? 107 VAL A N   1 
ATOM   799  C  CA  . VAL A 1 108 ? 3.308   6.740   -0.402  1.00 12.89 ? 107 VAL A CA  1 
ATOM   800  C  C   . VAL A 1 108 ? 2.589   5.821   -1.391  1.00 12.88 ? 107 VAL A C   1 
ATOM   801  O  O   . VAL A 1 108 ? 1.975   4.811   -0.994  1.00 13.21 ? 107 VAL A O   1 
ATOM   802  C  CB  . VAL A 1 108 ? 4.409   5.926   0.290   1.00 12.57 ? 107 VAL A CB  1 
ATOM   803  C  CG1 . VAL A 1 108 ? 5.445   5.558   -0.778  1.00 13.00 ? 107 VAL A CG1 1 
ATOM   804  C  CG2 . VAL A 1 108 ? 5.072   6.777   1.409   1.00 11.96 ? 107 VAL A CG2 1 
ATOM   805  N  N   . ASP A 1 109 ? 2.655   6.197   -2.664  1.00 12.16 ? 108 ASP A N   1 
ATOM   806  C  CA  . ASP A 1 109 ? 2.046   5.446   -3.770  1.00 13.83 ? 108 ASP A CA  1 
ATOM   807  C  C   . ASP A 1 109 ? 3.144   4.656   -4.499  1.00 12.83 ? 108 ASP A C   1 
ATOM   808  O  O   . ASP A 1 109 ? 4.059   5.223   -5.094  1.00 15.46 ? 108 ASP A O   1 
ATOM   809  C  CB  . ASP A 1 109 ? 1.346   6.448   -4.703  1.00 15.08 ? 108 ASP A CB  1 
ATOM   810  C  CG  . ASP A 1 109 ? 0.637   5.804   -5.898  1.00 22.53 ? 108 ASP A CG  1 
ATOM   811  O  OD1 . ASP A 1 109 ? 0.575   4.577   -5.993  1.00 23.74 ? 108 ASP A OD1 1 
ATOM   812  O  OD2 . ASP A 1 109 ? 0.163   6.571   -6.774  1.00 27.25 ? 108 ASP A OD2 1 
ATOM   813  N  N   . ILE A 1 110 ? 3.046   3.343   -4.412  1.00 12.68 ? 109 ILE A N   1 
ATOM   814  C  CA  . ILE A 1 110 ? 4.035   2.423   -4.945  1.00 13.36 ? 109 ILE A CA  1 
ATOM   815  C  C   . ILE A 1 110 ? 3.473   1.751   -6.200  1.00 13.92 ? 109 ILE A C   1 
ATOM   816  O  O   . ILE A 1 110 ? 2.318   1.317   -6.218  1.00 14.43 ? 109 ILE A O   1 
ATOM   817  C  CB  . ILE A 1 110 ? 4.439   1.371   -3.895  1.00 15.17 ? 109 ILE A CB  1 
ATOM   818  C  CG1 . ILE A 1 110 ? 4.733   2.066   -2.565  1.00 16.13 ? 109 ILE A CG1 1 
ATOM   819  C  CG2 . ILE A 1 110 ? 5.643   0.550   -4.414  1.00 16.30 ? 109 ILE A CG2 1 
ATOM   820  C  CD1 . ILE A 1 110 ? 4.889   1.144   -1.383  1.00 20.21 ? 109 ILE A CD1 1 
ATOM   821  N  N   . ASN A 1 111 ? 4.296   1.683   -7.232  1.00 12.73 ? 110 ASN A N   1 
ATOM   822  C  CA  . ASN A 1 111 ? 3.923   1.092   -8.518  1.00 13.71 ? 110 ASN A CA  1 
ATOM   823  C  C   . ASN A 1 111 ? 3.777   -0.416  -8.368  1.00 14.44 ? 110 ASN A C   1 
ATOM   824  O  O   . ASN A 1 111 ? 4.769   -1.132  -8.193  1.00 14.35 ? 110 ASN A O   1 
ATOM   825  C  CB  . ASN A 1 111 ? 4.971   1.452   -9.585  1.00 15.55 ? 110 ASN A CB  1 
ATOM   826  C  CG  . ASN A 1 111 ? 4.562   1.003   -10.997 1.00 18.02 ? 110 ASN A CG  1 
ATOM   827  O  OD1 . ASN A 1 111 ? 4.092   -0.103  -11.181 1.00 16.75 ? 110 ASN A OD1 1 
ATOM   828  N  ND2 . ASN A 1 111 ? 4.751   1.869   -11.981 1.00 18.43 ? 110 ASN A ND2 1 
ATOM   829  N  N   . GLY A 1 112 ? 2.533   -0.889  -8.387  1.00 14.62 ? 111 GLY A N   1 
ATOM   830  C  CA  . GLY A 1 112 ? 2.258   -2.296  -8.160  1.00 13.97 ? 111 GLY A CA  1 
ATOM   831  C  C   . GLY A 1 112 ? 2.752   -3.194  -9.295  1.00 14.04 ? 111 GLY A C   1 
ATOM   832  O  O   . GLY A 1 112 ? 3.230   -4.294  -9.043  1.00 12.60 ? 111 GLY A O   1 
ATOM   833  N  N   . ALA A 1 113 ? 2.659   -2.729  -10.543 1.00 13.98 ? 112 ALA A N   1 
ATOM   834  C  CA  . ALA A 1 113 ? 3.172   -3.512  -11.672 1.00 13.88 ? 112 ALA A CA  1 
ATOM   835  C  C   . ALA A 1 113 ? 4.659   -3.770  -11.502 1.00 14.12 ? 112 ALA A C   1 
ATOM   836  O  O   . ALA A 1 113 ? 5.129   -4.888  -11.709 1.00 15.90 ? 112 ALA A O   1 
ATOM   837  C  CB  . ALA A 1 113 ? 2.890   -2.806  -13.015 1.00 13.95 ? 112 ALA A CB  1 
ATOM   838  N  N   . ARG A 1 114 ? 5.396   -2.743  -11.071 1.00 14.66 ? 113 ARG A N   1 
ATOM   839  C  CA  . ARG A 1 114 ? 6.824   -2.895  -10.780 1.00 14.20 ? 113 ARG A CA  1 
ATOM   840  C  C   . ARG A 1 114 ? 7.071   -3.835  -9.626  1.00 15.75 ? 113 ARG A C   1 
ATOM   841  O  O   . ARG A 1 114 ? 7.986   -4.672  -9.692  1.00 14.74 ? 113 ARG A O   1 
ATOM   842  C  CB  . ARG A 1 114 ? 7.496   -1.545  -10.507 1.00 15.47 ? 113 ARG A CB  1 
ATOM   843  C  CG  . ARG A 1 114 ? 7.645   -0.663  -11.696 1.00 14.76 ? 113 ARG A CG  1 
ATOM   844  C  CD  . ARG A 1 114 ? 8.466   -1.369  -12.802 1.00 18.98 ? 113 ARG A CD  1 
ATOM   845  N  NE  . ARG A 1 114 ? 8.977   -0.437  -13.796 1.00 15.46 ? 113 ARG A NE  1 
ATOM   846  C  CZ  . ARG A 1 114 ? 9.448   -0.778  -15.003 1.00 10.85 ? 113 ARG A CZ  1 
ATOM   847  N  NH1 . ARG A 1 114 ? 9.484   -2.038  -15.408 1.00 13.40 ? 113 ARG A NH1 1 
ATOM   848  N  NH2 . ARG A 1 114 ? 9.898   0.163   -15.811 1.00 15.03 ? 113 ARG A NH2 1 
ATOM   849  N  N   . LEU A 1 115 ? 6.265   -3.747  -8.563  1.00 16.13 ? 114 LEU A N   1 
ATOM   850  C  CA  . LEU A 1 115 ? 6.478   -4.663  -7.422  1.00 16.06 ? 114 LEU A CA  1 
ATOM   851  C  C   . LEU A 1 115 ? 6.294   -6.101  -7.848  1.00 14.74 ? 114 LEU A C   1 
ATOM   852  O  O   . LEU A 1 115 ? 6.995   -7.010  -7.372  1.00 16.04 ? 114 LEU A O   1 
ATOM   853  C  CB  . LEU A 1 115 ? 5.516   -4.374  -6.273  1.00 15.16 ? 114 LEU A CB  1 
ATOM   854  C  CG  . LEU A 1 115 ? 5.811   -3.208  -5.355  1.00 14.79 ? 114 LEU A CG  1 
ATOM   855  C  CD1 . LEU A 1 115 ? 4.680   -3.076  -4.331  1.00 18.23 ? 114 LEU A CD1 1 
ATOM   856  C  CD2 . LEU A 1 115 ? 7.193   -3.348  -4.673  1.00 17.87 ? 114 LEU A CD2 1 
ATOM   857  N  N   . ARG A 1 116 ? 5.305   -6.322  -8.699  1.00 16.25 ? 115 ARG A N   1 
ATOM   858  C  CA  . ARG A 1 116 ? 5.060   -7.665  -9.219  1.00 15.24 ? 115 ARG A CA  1 
ATOM   859  C  C   . ARG A 1 116 ? 6.254   -8.181  -10.022 1.00 15.40 ? 115 ARG A C   1 
ATOM   860  O  O   . ARG A 1 116 ? 6.648   -9.335  -9.840  1.00 15.50 ? 115 ARG A O   1 
ATOM   861  C  CB  . ARG A 1 116 ? 3.755   -7.727  -10.021 1.00 16.12 ? 115 ARG A CB  1 
ATOM   862  C  CG  . ARG A 1 116 ? 2.525   -7.646  -9.125  1.00 15.38 ? 115 ARG A CG  1 
ATOM   863  C  CD  . ARG A 1 116 ? 1.211   -7.929  -9.834  1.00 16.68 ? 115 ARG A CD  1 
ATOM   864  N  NE  . ARG A 1 116 ? 0.872   -6.951  -10.874 1.00 16.23 ? 115 ARG A NE  1 
ATOM   865  C  CZ  . ARG A 1 116 ? 0.200   -5.816  -10.704 1.00 17.03 ? 115 ARG A CZ  1 
ATOM   866  N  NH1 . ARG A 1 116 ? -0.221  -5.422  -9.507  1.00 13.29 ? 115 ARG A NH1 1 
ATOM   867  N  NH2 . ARG A 1 116 ? -0.030  -5.039  -11.757 1.00 19.23 ? 115 ARG A NH2 1 
ATOM   868  N  N   . GLU A 1 117 ? 6.860   -7.337  -10.859 1.00 14.03 ? 116 GLU A N   1 
ATOM   869  C  CA  . GLU A 1 117 ? 8.029   -7.742  -11.672 1.00 13.87 ? 116 GLU A CA  1 
ATOM   870  C  C   . GLU A 1 117 ? 9.181   -8.109  -10.782 1.00 16.16 ? 116 GLU A C   1 
ATOM   871  O  O   . GLU A 1 117 ? 9.847   -9.137  -10.979 1.00 15.71 ? 116 GLU A O   1 
ATOM   872  C  CB  . GLU A 1 117 ? 8.523   -6.616  -12.569 1.00 15.19 ? 116 GLU A CB  1 
ATOM   873  C  CG  . GLU A 1 117 ? 7.686   -6.393  -13.778 1.00 16.47 ? 116 GLU A CG  1 
ATOM   874  C  CD  . GLU A 1 117 ? 8.014   -5.097  -14.499 1.00 18.92 ? 116 GLU A CD  1 
ATOM   875  O  OE1 . GLU A 1 117 ? 9.061   -4.450  -14.241 1.00 13.19 ? 116 GLU A OE1 1 
ATOM   876  O  OE2 . GLU A 1 117 ? 7.191   -4.699  -15.336 1.00 22.74 ? 116 GLU A OE2 1 
HETATM 877  N  N   . MSE A 1 118 ? 9.406   -7.247  -9.798  1.00 17.40 ? 117 MSE A N   1 
HETATM 878  C  CA  . MSE A 1 118 ? 10.532  -7.365  -8.896  1.00 19.59 ? 117 MSE A CA  1 
HETATM 879  C  C   . MSE A 1 118 ? 10.365  -8.593  -8.039  1.00 20.41 ? 117 MSE A C   1 
HETATM 880  O  O   . MSE A 1 118 ? 11.328  -9.301  -7.787  1.00 19.89 ? 117 MSE A O   1 
HETATM 881  C  CB  . MSE A 1 118 ? 10.647  -6.108  -8.018  1.00 19.84 ? 117 MSE A CB  1 
HETATM 882  C  CG  . MSE A 1 118 ? 10.944  -4.846  -8.832  1.00 20.75 ? 117 MSE A CG  1 
HETATM 883  SE SE  . MSE A 1 118 ? 10.459  -3.180  -7.937  0.75 19.29 ? 117 MSE A SE  1 
HETATM 884  C  CE  . MSE A 1 118 ? 11.641  -3.325  -6.460  1.00 15.38 ? 117 MSE A CE  1 
ATOM   885  N  N   . SER A 1 119 ? 9.133   -8.852  -7.606  1.00 21.89 ? 118 SER A N   1 
ATOM   886  C  CA  . SER A 1 119 ? 8.818   -10.071 -6.869  1.00 22.27 ? 118 SER A CA  1 
ATOM   887  C  C   . SER A 1 119 ? 9.120   -11.318 -7.663  1.00 22.01 ? 118 SER A C   1 
ATOM   888  O  O   . SER A 1 119 ? 9.620   -12.283 -7.110  1.00 23.19 ? 118 SER A O   1 
ATOM   889  C  CB  . SER A 1 119 ? 7.353   -10.080 -6.435  1.00 21.12 ? 118 SER A CB  1 
ATOM   890  O  OG  . SER A 1 119 ? 7.153   -9.047  -5.505  1.00 22.15 ? 118 SER A OG  1 
ATOM   891  N  N   . GLU A 1 120 ? 8.837   -11.283 -8.964  1.00 23.13 ? 119 GLU A N   1 
ATOM   892  C  CA  . GLU A 1 120 ? 9.085   -12.414 -9.850  1.00 22.31 ? 119 GLU A CA  1 
ATOM   893  C  C   . GLU A 1 120 ? 10.568  -12.628 -10.114 1.00 22.00 ? 119 GLU A C   1 
ATOM   894  O  O   . GLU A 1 120 ? 11.019  -13.771 -10.196 1.00 22.89 ? 119 GLU A O   1 
ATOM   895  C  CB  . GLU A 1 120 ? 8.376   -12.215 -11.206 1.00 24.38 ? 119 GLU A CB  1 
ATOM   896  C  CG  . GLU A 1 120 ? 6.961   -12.798 -11.283 1.00 29.56 ? 119 GLU A CG  1 
ATOM   897  N  N   . ASN A 1 121 ? 11.317  -11.545 -10.292 1.00 19.24 ? 120 ASN A N   1 
ATOM   898  C  CA  . ASN A 1 121 ? 12.716  -11.639 -10.693 1.00 20.17 ? 120 ASN A CA  1 
ATOM   899  C  C   . ASN A 1 121 ? 13.681  -11.714 -9.511  1.00 21.33 ? 120 ASN A C   1 
ATOM   900  O  O   . ASN A 1 121 ? 14.822  -12.163 -9.652  1.00 17.65 ? 120 ASN A O   1 
ATOM   901  C  CB  . ASN A 1 121 ? 13.081  -10.470 -11.604 1.00 18.33 ? 120 ASN A CB  1 
ATOM   902  C  CG  . ASN A 1 121 ? 12.432  -10.581 -12.973 1.00 22.85 ? 120 ASN A CG  1 
ATOM   903  O  OD1 . ASN A 1 121 ? 12.398  -11.653 -13.559 1.00 19.92 ? 120 ASN A OD1 1 
ATOM   904  N  ND2 . ASN A 1 121 ? 11.931  -9.473  -13.490 1.00 23.71 ? 120 ASN A ND2 1 
ATOM   905  N  N   . ASN A 1 122 ? 13.215  -11.263 -8.354  1.00 23.76 ? 121 ASN A N   1 
ATOM   906  C  CA  . ASN A 1 122 ? 13.999  -11.264 -7.137  1.00 25.33 ? 121 ASN A CA  1 
ATOM   907  C  C   . ASN A 1 122 ? 13.234  -12.056 -6.068  1.00 25.96 ? 121 ASN A C   1 
ATOM   908  O  O   . ASN A 1 122 ? 12.388  -11.506 -5.361  1.00 24.25 ? 121 ASN A O   1 
ATOM   909  C  CB  . ASN A 1 122 ? 14.276  -9.812  -6.707  1.00 25.77 ? 121 ASN A CB  1 
ATOM   910  C  CG  . ASN A 1 122 ? 15.230  -9.712  -5.513  1.00 31.58 ? 121 ASN A CG  1 
ATOM   911  O  OD1 . ASN A 1 122 ? 15.526  -10.709 -4.849  1.00 36.27 ? 121 ASN A OD1 1 
ATOM   912  N  ND2 . ASN A 1 122 ? 15.698  -8.496  -5.230  1.00 32.46 ? 121 ASN A ND2 1 
ATOM   913  N  N   . GLN A 1 123 ? 13.523  -13.350 -5.978  1.00 28.81 ? 122 GLN A N   1 
ATOM   914  C  CA  . GLN A 1 123 ? 12.884  -14.247 -4.995  1.00 30.98 ? 122 GLN A CA  1 
ATOM   915  C  C   . GLN A 1 123 ? 12.941  -13.690 -3.559  1.00 30.51 ? 122 GLN A C   1 
ATOM   916  O  O   . GLN A 1 123 ? 11.998  -13.862 -2.790  1.00 28.80 ? 122 GLN A O   1 
ATOM   917  C  CB  . GLN A 1 123 ? 13.518  -15.653 -5.040  1.00 32.13 ? 122 GLN A CB  1 
ATOM   918  C  CG  . GLN A 1 123 ? 12.972  -16.657 -3.975  1.00 38.27 ? 122 GLN A CG  1 
ATOM   919  C  CD  . GLN A 1 123 ? 13.591  -18.079 -4.056  1.00 42.71 ? 122 GLN A CD  1 
ATOM   920  O  OE1 . GLN A 1 123 ? 14.624  -18.294 -4.692  1.00 45.65 ? 122 GLN A OE1 1 
ATOM   921  N  NE2 . GLN A 1 123 ? 12.943  -19.048 -3.400  1.00 46.61 ? 122 GLN A NE2 1 
ATOM   922  N  N   . ALA A 1 124 ? 14.044  -13.036 -3.205  1.00 29.18 ? 123 ALA A N   1 
ATOM   923  C  CA  . ALA A 1 124 ? 14.220  -12.531 -1.850  1.00 28.50 ? 123 ALA A CA  1 
ATOM   924  C  C   . ALA A 1 124 ? 13.223  -11.407 -1.571  1.00 27.49 ? 123 ALA A C   1 
ATOM   925  O  O   . ALA A 1 124 ? 12.539  -11.439 -0.559  1.00 27.91 ? 123 ALA A O   1 
ATOM   926  C  CB  . ALA A 1 124 ? 15.660  -12.057 -1.623  1.00 28.31 ? 123 ALA A CB  1 
ATOM   927  N  N   . LEU A 1 125 ? 13.138  -10.424 -2.465  1.00 23.82 ? 124 LEU A N   1 
ATOM   928  C  CA  . LEU A 1 125 ? 12.156  -9.370  -2.312  1.00 25.21 ? 124 LEU A CA  1 
ATOM   929  C  C   . LEU A 1 125 ? 10.718  -9.928  -2.384  1.00 24.85 ? 124 LEU A C   1 
ATOM   930  O  O   . LEU A 1 125 ? 9.888   -9.557  -1.568  1.00 26.94 ? 124 LEU A O   1 
ATOM   931  C  CB  . LEU A 1 125 ? 12.381  -8.237  -3.316  1.00 26.01 ? 124 LEU A CB  1 
ATOM   932  C  CG  . LEU A 1 125 ? 11.509  -6.995  -3.111  1.00 29.67 ? 124 LEU A CG  1 
ATOM   933  C  CD1 . LEU A 1 125 ? 11.738  -6.363  -1.740  1.00 30.67 ? 124 LEU A CD1 1 
ATOM   934  C  CD2 . LEU A 1 125 ? 11.757  -5.982  -4.223  1.00 33.77 ? 124 LEU A CD2 1 
ATOM   935  N  N   . GLY A 1 126 ? 10.433  -10.827 -3.324  1.00 23.57 ? 125 GLY A N   1 
ATOM   936  C  CA  . GLY A 1 126 ? 9.106   -11.470 -3.425  1.00 22.44 ? 125 GLY A CA  1 
ATOM   937  C  C   . GLY A 1 126 ? 8.626   -12.120 -2.132  1.00 21.55 ? 125 GLY A C   1 
ATOM   938  O  O   . GLY A 1 126 ? 7.499   -11.896 -1.679  1.00 20.33 ? 125 GLY A O   1 
ATOM   939  N  N   . GLN A 1 127 ? 9.498   -12.898 -1.513  1.00 21.02 ? 126 GLN A N   1 
ATOM   940  C  CA  . GLN A 1 127 ? 9.193   -13.532 -0.229  1.00 21.44 ? 126 GLN A CA  1 
ATOM   941  C  C   . GLN A 1 127 ? 8.870   -12.508 0.886   1.00 18.72 ? 126 GLN A C   1 
ATOM   942  O  O   . GLN A 1 127 ? 7.906   -12.684 1.631   1.00 19.58 ? 126 GLN A O   1 
ATOM   943  C  CB  . GLN A 1 127 ? 10.365  -14.421 0.222   1.00 20.71 ? 126 GLN A CB  1 
ATOM   944  C  CG  . GLN A 1 127 ? 10.431  -15.790 -0.462  1.00 27.71 ? 126 GLN A CG  1 
ATOM   945  N  N   . VAL A 1 128 ? 9.678   -11.461 1.018   1.00 17.49 ? 127 VAL A N   1 
ATOM   946  C  CA  . VAL A 1 128 ? 9.480   -10.518 2.114   1.00 17.25 ? 127 VAL A CA  1 
ATOM   947  C  C   . VAL A 1 128 ? 8.224   -9.706  1.885   1.00 16.55 ? 127 VAL A C   1 
ATOM   948  O  O   . VAL A 1 128 ? 7.477   -9.470  2.828   1.00 13.64 ? 127 VAL A O   1 
ATOM   949  C  CB  . VAL A 1 128 ? 10.690  -9.568  2.337   1.00 18.95 ? 127 VAL A CB  1 
ATOM   950  C  CG1 . VAL A 1 128 ? 10.969  -8.733  1.091   1.00 23.06 ? 127 VAL A CG1 1 
ATOM   951  C  CG2 . VAL A 1 128 ? 10.435  -8.665  3.528   1.00 18.31 ? 127 VAL A CG2 1 
ATOM   952  N  N   . LEU A 1 129 ? 8.008   -9.256  0.640   1.00 15.05 ? 128 LEU A N   1 
ATOM   953  C  CA  . LEU A 1 129 ? 6.819   -8.500  0.304   1.00 15.49 ? 128 LEU A CA  1 
ATOM   954  C  C   . LEU A 1 129 ? 5.539   -9.290  0.582   1.00 12.97 ? 128 LEU A C   1 
ATOM   955  O  O   . LEU A 1 129 ? 4.586   -8.750  1.137   1.00 13.63 ? 128 LEU A O   1 
ATOM   956  C  CB  . LEU A 1 129 ? 6.841   -8.051  -1.151  1.00 14.17 ? 128 LEU A CB  1 
ATOM   957  C  CG  . LEU A 1 129 ? 7.910   -6.992  -1.507  1.00 19.28 ? 128 LEU A CG  1 
ATOM   958  C  CD1 . LEU A 1 129 ? 7.846   -6.719  -3.000  1.00 17.87 ? 128 LEU A CD1 1 
ATOM   959  C  CD2 . LEU A 1 129 ? 7.754   -5.704  -0.719  1.00 17.42 ? 128 LEU A CD2 1 
HETATM 960  N  N   . MSE A 1 130 ? 5.513   -10.557 0.202   1.00 14.17 ? 129 MSE A N   1 
HETATM 961  C  CA  . MSE A 1 130 ? 4.305   -11.376 0.429   1.00 15.24 ? 129 MSE A CA  1 
HETATM 962  C  C   . MSE A 1 130 ? 4.085   -11.635 1.903   1.00 13.07 ? 129 MSE A C   1 
HETATM 963  O  O   . MSE A 1 130 ? 2.952   -11.578 2.373   1.00 14.97 ? 129 MSE A O   1 
HETATM 964  C  CB  . MSE A 1 130 ? 4.385   -12.721 -0.286  1.00 16.12 ? 129 MSE A CB  1 
HETATM 965  C  CG  . MSE A 1 130 ? 4.359   -12.640 -1.773  1.00 19.97 ? 129 MSE A CG  1 
HETATM 966  SE SE  . MSE A 1 130 ? 2.812   -11.654 -2.441  0.75 22.97 ? 129 MSE A SE  1 
HETATM 967  C  CE  . MSE A 1 130 ? 1.395   -12.489 -1.595  1.00 9.76  ? 129 MSE A CE  1 
ATOM   968  N  N   . ASN A 1 131 ? 5.156   -11.961 2.625   1.00 12.99 ? 130 ASN A N   1 
ATOM   969  C  CA  . ASN A 1 131 ? 5.066   -12.095 4.088   1.00 13.33 ? 130 ASN A CA  1 
ATOM   970  C  C   . ASN A 1 131 ? 4.462   -10.855 4.717   1.00 11.90 ? 130 ASN A C   1 
ATOM   971  O  O   . ASN A 1 131 ? 3.519   -10.912 5.512   1.00 12.14 ? 130 ASN A O   1 
ATOM   972  C  CB  . ASN A 1 131 ? 6.447   -12.365 4.704   1.00 12.85 ? 130 ASN A CB  1 
ATOM   973  C  CG  . ASN A 1 131 ? 6.368   -12.640 6.180   1.00 12.78 ? 130 ASN A CG  1 
ATOM   974  O  OD1 . ASN A 1 131 ? 6.485   -11.740 7.011   1.00 21.01 ? 130 ASN A OD1 1 
ATOM   975  N  ND2 . ASN A 1 131 ? 6.086   -13.848 6.503   1.00 12.08 ? 130 ASN A ND2 1 
ATOM   976  N  N   . ASN A 1 132 ? 5.022   -9.710  4.349   1.00 10.77 ? 131 ASN A N   1 
ATOM   977  C  CA  . ASN A 1 132 ? 4.607   -8.433  4.923   1.00 12.42 ? 131 ASN A CA  1 
ATOM   978  C  C   . ASN A 1 132 ? 3.195   -8.010  4.552   1.00 11.39 ? 131 ASN A C   1 
ATOM   979  O  O   . ASN A 1 132 ? 2.489   -7.412  5.384   1.00 10.96 ? 131 ASN A O   1 
ATOM   980  C  CB  . ASN A 1 132 ? 5.675   -7.372  4.621   1.00 10.94 ? 131 ASN A CB  1 
ATOM   981  C  CG  . ASN A 1 132 ? 7.002   -7.665  5.369   1.00 17.30 ? 131 ASN A CG  1 
ATOM   982  O  OD1 . ASN A 1 132 ? 7.171   -8.730  6.005   1.00 15.89 ? 131 ASN A OD1 1 
ATOM   983  N  ND2 . ASN A 1 132 ? 7.940   -6.741  5.283   1.00 16.80 ? 131 ASN A ND2 1 
ATOM   984  N  N   A VAL A 1 133 ? 2.774   -8.323  3.331   0.50 11.26 ? 132 VAL A N   1 
ATOM   985  N  N   B VAL A 1 133 ? 2.747   -8.342  3.343   0.50 10.78 ? 132 VAL A N   1 
ATOM   986  C  CA  A VAL A 1 133 ? 1.385   -8.107  2.927   0.50 10.98 ? 132 VAL A CA  1 
ATOM   987  C  CA  B VAL A 1 133 ? 1.353   -8.066  2.971   0.50 10.07 ? 132 VAL A CA  1 
ATOM   988  C  C   A VAL A 1 133 ? 0.466   -8.952  3.806   0.50 10.98 ? 132 VAL A C   1 
ATOM   989  C  C   B VAL A 1 133 ? 0.393   -8.982  3.733   0.50 10.51 ? 132 VAL A C   1 
ATOM   990  O  O   A VAL A 1 133 ? -0.472  -8.426  4.422   0.50 10.21 ? 132 VAL A O   1 
ATOM   991  O  O   B VAL A 1 133 ? -0.667  -8.537  4.185   0.50 10.37 ? 132 VAL A O   1 
ATOM   992  C  CB  A VAL A 1 133 ? 1.171   -8.449  1.458   0.50 10.89 ? 132 VAL A CB  1 
ATOM   993  C  CB  B VAL A 1 133 ? 1.103   -8.123  1.454   0.50 9.06  ? 132 VAL A CB  1 
ATOM   994  C  CG1 A VAL A 1 133 ? -0.315  -8.723  1.175   0.50 10.17 ? 132 VAL A CG1 1 
ATOM   995  C  CG1 B VAL A 1 133 ? 1.228   -9.543  0.893   0.50 7.21  ? 132 VAL A CG1 1 
ATOM   996  C  CG2 A VAL A 1 133 ? 1.716   -7.334  0.573   0.50 12.42 ? 132 VAL A CG2 1 
ATOM   997  C  CG2 B VAL A 1 133 ? -0.279  -7.566  1.144   0.50 9.69  ? 132 VAL A CG2 1 
ATOM   998  N  N   . ALA A 1 134 ? 0.771   -10.247 3.903   1.00 10.29 ? 133 ALA A N   1 
ATOM   999  C  CA  . ALA A 1 134 ? 0.005   -11.174 4.756   1.00 11.11 ? 133 ALA A CA  1 
ATOM   1000 C  C   . ALA A 1 134 ? -0.072  -10.675 6.220   1.00 11.92 ? 133 ALA A C   1 
ATOM   1001 O  O   . ALA A 1 134 ? -1.156  -10.612 6.820   1.00 11.09 ? 133 ALA A O   1 
ATOM   1002 C  CB  . ALA A 1 134 ? 0.582   -12.600 4.689   1.00 10.63 ? 133 ALA A CB  1 
ATOM   1003 N  N   . ALA A 1 135 ? 1.064   -10.273 6.782   1.00 12.73 ? 134 ALA A N   1 
ATOM   1004 C  CA  . ALA A 1 135 ? 1.070   -9.704  8.136   1.00 10.78 ? 134 ALA A CA  1 
ATOM   1005 C  C   . ALA A 1 135 ? 0.200   -8.451  8.253   1.00 11.49 ? 134 ALA A C   1 
ATOM   1006 O  O   . ALA A 1 135 ? -0.498  -8.264  9.259   1.00 10.85 ? 134 ALA A O   1 
ATOM   1007 C  CB  . ALA A 1 135 ? 2.516   -9.407  8.612   1.00 8.53  ? 134 ALA A CB  1 
ATOM   1008 N  N   . ALA A 1 136 ? 0.270   -7.582  7.243   1.00 12.16 ? 135 ALA A N   1 
ATOM   1009 C  CA  . ALA A 1 136 ? -0.512  -6.351  7.231   1.00 12.73 ? 135 ALA A CA  1 
ATOM   1010 C  C   . ALA A 1 136 ? -2.019  -6.628  7.261   1.00 12.15 ? 135 ALA A C   1 
ATOM   1011 O  O   . ALA A 1 136 ? -2.768  -5.979  8.023   1.00 10.24 ? 135 ALA A O   1 
ATOM   1012 C  CB  . ALA A 1 136 ? -0.168  -5.519  6.003   1.00 10.79 ? 135 ALA A CB  1 
ATOM   1013 N  N   A VAL A 1 137 ? -2.469  -7.568  6.436   0.50 11.61 ? 136 VAL A N   1 
ATOM   1014 N  N   B VAL A 1 137 ? -2.474  -7.566  6.430   0.50 11.10 ? 136 VAL A N   1 
ATOM   1015 C  CA  A VAL A 1 137 ? -3.896  -7.876  6.373   0.50 11.88 ? 136 VAL A CA  1 
ATOM   1016 C  CA  B VAL A 1 137 ? -3.904  -7.885  6.377   0.50 10.94 ? 136 VAL A CA  1 
ATOM   1017 C  C   A VAL A 1 137 ? -4.345  -8.608  7.633   0.50 12.16 ? 136 VAL A C   1 
ATOM   1018 C  C   B VAL A 1 137 ? -4.346  -8.608  7.641   0.50 11.61 ? 136 VAL A C   1 
ATOM   1019 O  O   A VAL A 1 137 ? -5.463  -8.383  8.135   0.50 12.61 ? 136 VAL A O   1 
ATOM   1020 O  O   B VAL A 1 137 ? -5.460  -8.378  8.151   0.50 11.86 ? 136 VAL A O   1 
ATOM   1021 C  CB  A VAL A 1 137 ? -4.267  -8.658  5.090   0.50 12.10 ? 136 VAL A CB  1 
ATOM   1022 C  CB  B VAL A 1 137 ? -4.305  -8.676  5.096   0.50 10.87 ? 136 VAL A CB  1 
ATOM   1023 C  CG1 A VAL A 1 137 ? -5.765  -8.851  5.014   0.50 9.85  ? 136 VAL A CG1 1 
ATOM   1024 C  CG1 B VAL A 1 137 ? -4.255  -7.768  3.872   0.50 8.07  ? 136 VAL A CG1 1 
ATOM   1025 C  CG2 A VAL A 1 137 ? -3.798  -7.906  3.850   0.50 12.02 ? 136 VAL A CG2 1 
ATOM   1026 C  CG2 B VAL A 1 137 ? -3.437  -9.903  4.898   0.50 8.65  ? 136 VAL A CG2 1 
ATOM   1027 N  N   . LEU A 1 138 ? -3.478  -9.460  8.172   1.00 12.58 ? 137 LEU A N   1 
ATOM   1028 C  CA  . LEU A 1 138 ? -3.760  -10.123 9.450   1.00 14.32 ? 137 LEU A CA  1 
ATOM   1029 C  C   . LEU A 1 138 ? -3.972  -9.095  10.568  1.00 13.83 ? 137 LEU A C   1 
ATOM   1030 O  O   . LEU A 1 138 ? -4.867  -9.242  11.384  1.00 14.54 ? 137 LEU A O   1 
ATOM   1031 C  CB  . LEU A 1 138 ? -2.625  -11.079 9.830   1.00 14.25 ? 137 LEU A CB  1 
ATOM   1032 C  CG  . LEU A 1 138 ? -2.777  -11.871 11.127  1.00 15.35 ? 137 LEU A CG  1 
ATOM   1033 C  CD1 . LEU A 1 138 ? -4.020  -12.821 11.135  1.00 11.35 ? 137 LEU A CD1 1 
ATOM   1034 C  CD2 . LEU A 1 138 ? -1.505  -12.651 11.368  1.00 11.00 ? 137 LEU A CD2 1 
ATOM   1035 N  N   . ALA A 1 139 ? -3.143  -8.066  10.580  1.00 13.26 ? 138 ALA A N   1 
ATOM   1036 C  CA  . ALA A 1 139 ? -3.167  -7.023  11.616  1.00 16.13 ? 138 ALA A CA  1 
ATOM   1037 C  C   . ALA A 1 139 ? -4.439  -6.184  11.571  1.00 15.64 ? 138 ALA A C   1 
ATOM   1038 O  O   . ALA A 1 139 ? -4.793  -5.557  12.564  1.00 14.68 ? 138 ALA A O   1 
ATOM   1039 C  CB  . ALA A 1 139 ? -1.916  -6.105  11.481  1.00 14.69 ? 138 ALA A CB  1 
ATOM   1040 N  N   . ARG A 1 140 ? -5.159  -6.192  10.446  1.00 15.76 ? 139 ARG A N   1 
ATOM   1041 C  CA  . ARG A 1 140 ? -6.437  -5.454  10.345  1.00 14.04 ? 139 ARG A CA  1 
ATOM   1042 C  C   . ARG A 1 140 ? -7.514  -5.931  11.317  1.00 18.11 ? 139 ARG A C   1 
ATOM   1043 O  O   . ARG A 1 140 ? -8.441  -5.176  11.625  1.00 16.32 ? 139 ARG A O   1 
ATOM   1044 C  CB  . ARG A 1 140 ? -7.001  -5.518  8.925   1.00 12.71 ? 139 ARG A CB  1 
ATOM   1045 C  CG  . ARG A 1 140 ? -6.208  -4.708  7.961   1.00 11.19 ? 139 ARG A CG  1 
ATOM   1046 C  CD  . ARG A 1 140 ? -6.695  -4.897  6.558   1.00 15.23 ? 139 ARG A CD  1 
ATOM   1047 N  NE  . ARG A 1 140 ? -5.992  -4.038  5.613   1.00 14.01 ? 139 ARG A NE  1 
ATOM   1048 C  CZ  . ARG A 1 140 ? -6.263  -3.979  4.315   1.00 15.09 ? 139 ARG A CZ  1 
ATOM   1049 N  NH1 . ARG A 1 140 ? -7.232  -4.731  3.777   1.00 13.35 ? 139 ARG A NH1 1 
ATOM   1050 N  NH2 . ARG A 1 140 ? -5.578  -3.161  3.553   1.00 13.37 ? 139 ARG A NH2 1 
ATOM   1051 N  N   . LEU A 1 141 ? -7.428  -7.185  11.769  1.00 16.70 ? 140 LEU A N   1 
ATOM   1052 C  CA  . LEU A 1 141 ? -8.406  -7.703  12.738  1.00 23.70 ? 140 LEU A CA  1 
ATOM   1053 C  C   . LEU A 1 141 ? -7.901  -7.638  14.199  1.00 25.78 ? 140 LEU A C   1 
ATOM   1054 O  O   . LEU A 1 141 ? -8.597  -8.044  15.125  1.00 25.88 ? 140 LEU A O   1 
ATOM   1055 C  CB  . LEU A 1 141 ? -8.856  -9.123  12.331  1.00 27.03 ? 140 LEU A CB  1 
ATOM   1056 C  CG  . LEU A 1 141 ? -9.856  -9.136  11.148  1.00 33.50 ? 140 LEU A CG  1 
ATOM   1057 C  CD1 . LEU A 1 141 ? -10.295 -10.550 10.764  1.00 38.41 ? 140 LEU A CD1 1 
ATOM   1058 C  CD2 . LEU A 1 141 ? -11.118 -8.275  11.464  1.00 37.11 ? 140 LEU A CD2 1 
ATOM   1059 N  N   . HIS A 1 142 ? -6.714  -7.072  14.399  1.00 29.72 ? 141 HIS A N   1 
ATOM   1060 C  CA  . HIS A 1 142 ? -6.115  -6.930  15.730  1.00 33.56 ? 141 HIS A CA  1 
ATOM   1061 C  C   . HIS A 1 142 ? -6.105  -5.449  16.154  1.00 37.02 ? 141 HIS A C   1 
ATOM   1062 O  O   . HIS A 1 142 ? -6.604  -4.533  15.482  1.00 37.83 ? 141 HIS A O   1 
ATOM   1063 C  CB  . HIS A 1 142 ? -4.671  -7.466  15.731  1.00 33.43 ? 141 HIS A CB  1 
ATOM   1064 C  CG  . HIS A 1 142 ? -4.544  -8.924  15.377  1.00 36.80 ? 141 HIS A CG  1 
ATOM   1065 N  ND1 . HIS A 1 142 ? -3.504  -9.412  14.612  1.00 33.66 ? 141 HIS A ND1 1 
ATOM   1066 C  CD2 . HIS A 1 142 ? -5.316  -10.000 15.684  1.00 41.30 ? 141 HIS A CD2 1 
ATOM   1067 C  CE1 . HIS A 1 142 ? -3.639  -10.722 14.467  1.00 34.27 ? 141 HIS A CE1 1 
ATOM   1068 N  NE2 . HIS A 1 142 ? -4.734  -11.103 15.100  1.00 32.35 ? 141 HIS A NE2 1 
ATOM   1069 O  OXT . HIS A 1 142 ? -5.555  -5.117  17.203  1.00 39.57 ? 141 HIS A OXT 1 
HETATM 1070 C  C1  . SIN B 2 .   ? -7.322  -3.304  0.468   1.00 23.38 ? 142 SIN A C1  1 
HETATM 1071 O  O1  . SIN B 2 .   ? -6.185  -2.905  0.863   1.00 17.11 ? 142 SIN A O1  1 
HETATM 1072 O  O2  . SIN B 2 .   ? -7.892  -4.268  1.046   1.00 18.62 ? 142 SIN A O2  1 
HETATM 1073 C  C2  . SIN B 2 .   ? -7.995  -2.652  -0.728  1.00 20.29 ? 142 SIN A C2  1 
HETATM 1074 C  C3  . SIN B 2 .   ? -8.642  -3.661  -1.657  1.00 19.28 ? 142 SIN A C3  1 
HETATM 1075 C  C4  . SIN B 2 .   ? -7.644  -4.644  -2.197  1.00 19.08 ? 142 SIN A C4  1 
HETATM 1076 O  O3  . SIN B 2 .   ? -6.434  -4.343  -2.215  1.00 16.02 ? 142 SIN A O3  1 
HETATM 1077 O  O4  . SIN B 2 .   ? -8.035  -5.781  -2.648  1.00 22.89 ? 142 SIN A O4  1 
HETATM 1078 C  C1  . EDO C 3 .   ? 2.608   4.800   -8.699  1.00 41.56 ? 143 EDO A C1  1 
HETATM 1079 O  O1  . EDO C 3 .   ? 2.881   4.329   -10.031 1.00 39.10 ? 143 EDO A O1  1 
HETATM 1080 C  C2  . EDO C 3 .   ? 3.534   5.949   -8.338  1.00 39.05 ? 143 EDO A C2  1 
HETATM 1081 O  O2  . EDO C 3 .   ? 4.749   5.388   -7.872  1.00 37.23 ? 143 EDO A O2  1 
HETATM 1082 O  O   . HOH D 4 .   ? -6.678  -10.067 -4.446  1.00 11.47 ? 144 HOH A O   1 
HETATM 1083 O  O   . HOH D 4 .   ? 15.409  5.054   9.096   1.00 14.91 ? 145 HOH A O   1 
HETATM 1084 O  O   . HOH D 4 .   ? -11.378 -1.146  10.439  1.00 27.69 ? 146 HOH A O   1 
HETATM 1085 O  O   . HOH D 4 .   ? -3.338  11.846  10.398  1.00 20.21 ? 147 HOH A O   1 
HETATM 1086 O  O   . HOH D 4 .   ? 18.202  -6.050  -3.416  1.00 32.18 ? 148 HOH A O   1 
HETATM 1087 O  O   . HOH D 4 .   ? 3.614   -5.773  7.211   1.00 15.23 ? 149 HOH A O   1 
HETATM 1088 O  O   . HOH D 4 .   ? 3.139   -0.730  7.531   1.00 11.45 ? 150 HOH A O   1 
HETATM 1089 O  O   . HOH D 4 .   ? 0.297   -9.135  11.682  1.00 15.33 ? 151 HOH A O   1 
HETATM 1090 O  O   A HOH D 4 .   ? 5.331   12.012  6.853   0.50 17.08 ? 152 HOH A O   1 
HETATM 1091 O  O   B HOH D 4 .   ? 4.462   12.400  8.305   0.50 23.18 ? 152 HOH A O   1 
HETATM 1092 O  O   . HOH D 4 .   ? 2.013   -6.740  11.688  1.00 23.16 ? 153 HOH A O   1 
HETATM 1093 O  O   . HOH D 4 .   ? -1.754  5.737   13.303  1.00 19.25 ? 154 HOH A O   1 
HETATM 1094 O  O   . HOH D 4 .   ? -9.331  2.529   -9.506  1.00 14.58 ? 155 HOH A O   1 
HETATM 1095 O  O   . HOH D 4 .   ? -5.434  14.961  7.475   1.00 17.39 ? 156 HOH A O   1 
HETATM 1096 O  O   . HOH D 4 .   ? -8.751  -1.656  -14.316 1.00 24.13 ? 157 HOH A O   1 
HETATM 1097 O  O   . HOH D 4 .   ? 15.889  5.341   -4.498  1.00 18.21 ? 158 HOH A O   1 
HETATM 1098 O  O   . HOH D 4 .   ? 9.491   8.331   8.546   1.00 36.57 ? 159 HOH A O   1 
HETATM 1099 O  O   . HOH D 4 .   ? 3.779   1.026   10.584  1.00 14.24 ? 160 HOH A O   1 
HETATM 1100 O  O   . HOH D 4 .   ? -10.520 -4.810  1.108   1.00 19.07 ? 161 HOH A O   1 
HETATM 1101 O  O   . HOH D 4 .   ? -9.040  5.933   9.396   1.00 18.29 ? 162 HOH A O   1 
HETATM 1102 O  O   A HOH D 4 .   ? -11.740 7.556   -8.625  0.50 13.39 ? 163 HOH A O   1 
HETATM 1103 O  O   B HOH D 4 .   ? -10.723 6.229   -8.282  0.50 20.66 ? 163 HOH A O   1 
HETATM 1104 O  O   . HOH D 4 .   ? -14.682 -8.053  -2.904  1.00 28.43 ? 164 HOH A O   1 
HETATM 1105 O  O   . HOH D 4 .   ? -0.413  14.724  -4.896  1.00 25.83 ? 165 HOH A O   1 
HETATM 1106 O  O   . HOH D 4 .   ? -7.340  0.892   11.706  1.00 34.40 ? 166 HOH A O   1 
HETATM 1107 O  O   . HOH D 4 .   ? 2.870   8.536   9.346   1.00 15.99 ? 167 HOH A O   1 
HETATM 1108 O  O   . HOH D 4 .   ? -13.698 -0.589  -11.361 1.00 28.97 ? 168 HOH A O   1 
HETATM 1109 O  O   . HOH D 4 .   ? 3.713   -6.489  -13.628 1.00 26.91 ? 169 HOH A O   1 
HETATM 1110 O  O   . HOH D 4 .   ? 10.326  -0.172  -18.620 1.00 12.89 ? 170 HOH A O   1 
HETATM 1111 O  O   . HOH D 4 .   ? 5.072   0.392   -14.562 1.00 38.09 ? 171 HOH A O   1 
HETATM 1112 O  O   . HOH D 4 .   ? -0.693  1.949   11.647  1.00 23.57 ? 172 HOH A O   1 
HETATM 1113 O  O   . HOH D 4 .   ? -6.396  0.514   -11.905 1.00 25.61 ? 173 HOH A O   1 
HETATM 1114 O  O   . HOH D 4 .   ? 16.599  -9.821  -9.245  1.00 15.36 ? 174 HOH A O   1 
HETATM 1115 O  O   . HOH D 4 .   ? -8.062  -12.157 -3.168  1.00 20.89 ? 175 HOH A O   1 
HETATM 1116 O  O   A HOH D 4 .   ? 1.488   -0.910  11.572  0.50 30.65 ? 176 HOH A O   1 
HETATM 1117 O  O   B HOH D 4 .   ? 0.066   -2.710  11.790  0.50 23.43 ? 176 HOH A O   1 
HETATM 1118 O  O   . HOH D 4 .   ? 15.335  -14.679 -7.674  1.00 22.10 ? 177 HOH A O   1 
HETATM 1119 O  O   . HOH D 4 .   ? -1.306  -3.867  -14.727 1.00 27.32 ? 178 HOH A O   1 
HETATM 1120 O  O   . HOH D 4 .   ? -15.244 10.032  2.467   1.00 17.86 ? 179 HOH A O   1 
HETATM 1121 O  O   . HOH D 4 .   ? 5.071   -11.348 -8.973  1.00 26.54 ? 180 HOH A O   1 
HETATM 1122 O  O   . HOH D 4 .   ? 0.088   11.442  10.328  1.00 33.78 ? 181 HOH A O   1 
HETATM 1123 O  O   . HOH D 4 .   ? 14.476  -8.145  3.358   1.00 31.49 ? 182 HOH A O   1 
HETATM 1124 O  O   . HOH D 4 .   ? -15.325 12.056  6.295   1.00 24.17 ? 183 HOH A O   1 
HETATM 1125 O  O   . HOH D 4 .   ? -2.140  3.330   -11.685 1.00 35.71 ? 184 HOH A O   1 
HETATM 1126 O  O   . HOH D 4 .   ? 2.910   -10.673 -6.369  1.00 48.58 ? 185 HOH A O   1 
HETATM 1127 O  O   . HOH D 4 .   ? -16.180 2.743   -6.095  1.00 27.32 ? 186 HOH A O   1 
HETATM 1128 O  O   . HOH D 4 .   ? -13.552 5.547   8.847   1.00 21.87 ? 187 HOH A O   1 
HETATM 1129 O  O   . HOH D 4 .   ? 2.015   7.146   11.506  1.00 32.31 ? 188 HOH A O   1 
HETATM 1130 O  O   . HOH D 4 .   ? -2.648  6.819   -7.427  1.00 38.85 ? 189 HOH A O   1 
HETATM 1131 O  O   . HOH D 4 .   ? 5.577   -7.245  8.852   1.00 33.01 ? 190 HOH A O   1 
HETATM 1132 O  O   . HOH D 4 .   ? 4.355   -9.177  -13.852 1.00 37.16 ? 191 HOH A O   1 
HETATM 1133 O  O   . HOH D 4 .   ? -16.821 -0.810  -4.322  1.00 26.23 ? 192 HOH A O   1 
HETATM 1134 O  O   . HOH D 4 .   ? 7.082   -16.236 5.649   1.00 35.84 ? 193 HOH A O   1 
HETATM 1135 O  O   . HOH D 4 .   ? 6.028   -2.132  -15.399 1.00 28.20 ? 194 HOH A O   1 
HETATM 1136 O  O   . HOH D 4 .   ? 7.025   6.786   -9.524  1.00 57.54 ? 195 HOH A O   1 
HETATM 1137 O  O   . HOH D 4 .   ? 10.641  -11.186 -15.876 1.00 25.66 ? 196 HOH A O   1 
HETATM 1138 O  O   . HOH D 4 .   ? -5.147  -10.595 -13.222 1.00 30.73 ? 197 HOH A O   1 
HETATM 1139 O  O   . HOH D 4 .   ? 9.395   -9.757  7.656   1.00 25.17 ? 198 HOH A O   1 
HETATM 1140 O  O   . HOH D 4 .   ? 1.387   2.390   -11.020 1.00 30.84 ? 199 HOH A O   1 
HETATM 1141 O  O   A HOH D 4 .   ? 1.343   -8.690  -12.885 0.50 20.52 ? 200 HOH A O   1 
HETATM 1142 O  O   B HOH D 4 .   ? -0.645  -8.427  -13.837 0.50 19.85 ? 200 HOH A O   1 
HETATM 1143 O  O   . HOH D 4 .   ? 6.789   9.903   6.864   1.00 34.39 ? 201 HOH A O   1 
HETATM 1144 O  O   . HOH D 4 .   ? -4.041  1.350   -13.116 1.00 41.19 ? 202 HOH A O   1 
HETATM 1145 O  O   . HOH D 4 .   ? -12.229 -7.679  -7.294  1.00 25.50 ? 203 HOH A O   1 
HETATM 1146 O  O   . HOH D 4 .   ? -6.820  2.380   -10.185 1.00 24.54 ? 204 HOH A O   1 
HETATM 1147 O  O   . HOH D 4 .   ? 4.647   -7.403  11.168  1.00 36.63 ? 205 HOH A O   1 
HETATM 1148 O  O   . HOH D 4 .   ? -3.776  -1.652  -15.620 1.00 28.53 ? 206 HOH A O   1 
HETATM 1149 O  O   . HOH D 4 .   ? 1.154   -6.032  -14.026 1.00 28.83 ? 207 HOH A O   1 
HETATM 1150 O  O   . HOH D 4 .   ? -12.022 -4.466  10.749  1.00 48.90 ? 208 HOH A O   1 
HETATM 1151 O  O   . HOH D 4 .   ? -11.286 6.674   8.090   1.00 30.98 ? 209 HOH A O   1 
HETATM 1152 O  O   . HOH D 4 .   ? 14.402  -6.188  -6.004  1.00 26.89 ? 210 HOH A O   1 
HETATM 1153 O  O   . HOH D 4 .   ? 7.064   3.926   -11.231 1.00 27.79 ? 211 HOH A O   1 
HETATM 1154 O  O   . HOH D 4 .   ? 6.458   14.264  6.043   1.00 31.87 ? 212 HOH A O   1 
HETATM 1155 O  O   . HOH D 4 .   ? 6.135   -10.257 9.373   1.00 32.87 ? 213 HOH A O   1 
HETATM 1156 O  O   . HOH D 4 .   ? -9.965  4.946   11.925  1.00 26.22 ? 214 HOH A O   1 
HETATM 1157 O  O   . HOH D 4 .   ? 21.378  -3.913  0.782   1.00 20.69 ? 215 HOH A O   1 
HETATM 1158 O  O   . HOH D 4 .   ? -7.911  -8.726  6.950   0.50 8.92  ? 216 HOH A O   1 
HETATM 1159 O  O   . HOH D 4 .   ? -10.713 -10.045 -7.279  1.00 28.03 ? 217 HOH A O   1 
HETATM 1160 O  O   . HOH D 4 .   ? 17.405  -13.012 -8.199  1.00 27.90 ? 218 HOH A O   1 
HETATM 1161 O  O   . HOH D 4 .   ? 15.941  -13.321 -12.018 1.00 26.45 ? 219 HOH A O   1 
HETATM 1162 O  O   A HOH D 4 .   ? 3.049   4.686   12.114  0.50 16.58 ? 220 HOH A O   1 
HETATM 1163 O  O   B HOH D 4 .   ? 4.676   3.517   12.317  0.50 27.19 ? 220 HOH A O   1 
HETATM 1164 O  O   . HOH D 4 .   ? 18.021  -11.653 -12.510 1.00 18.82 ? 221 HOH A O   1 
HETATM 1165 O  O   . HOH D 4 .   ? 2.105   -3.266  8.095   1.00 17.10 ? 222 HOH A O   1 
HETATM 1166 O  O   . HOH D 4 .   ? -0.270  -2.229  7.370   1.00 12.26 ? 223 HOH A O   1 
HETATM 1167 O  O   . HOH D 4 .   ? -2.572  -3.355  8.558   1.00 14.08 ? 224 HOH A O   1 
HETATM 1168 O  O   . HOH D 4 .   ? -4.005  -2.283  6.571   1.00 10.82 ? 225 HOH A O   1 
HETATM 1169 O  O   . HOH D 4 .   ? -3.186  -2.450  11.011  1.00 20.15 ? 226 HOH A O   1 
HETATM 1170 O  O   . HOH D 4 .   ? -2.997  0.453   11.568  1.00 25.22 ? 227 HOH A O   1 
HETATM 1171 O  O   . HOH D 4 .   ? -5.066  0.920   9.929   1.00 16.91 ? 228 HOH A O   1 
HETATM 1172 O  O   . HOH D 4 .   ? -5.564  -0.820  8.280   1.00 20.29 ? 229 HOH A O   1 
HETATM 1173 O  O   . HOH D 4 .   ? -8.160  -9.502  -6.676  1.00 11.87 ? 230 HOH A O   1 
HETATM 1174 O  O   . HOH D 4 .   ? -1.129  -8.531  14.031  1.00 27.30 ? 231 HOH A O   1 
HETATM 1175 O  O   . HOH D 4 .   ? -0.800  -5.778  14.881  1.00 33.69 ? 232 HOH A O   1 
HETATM 1176 O  O   . HOH D 4 .   ? 15.983  -4.862  -4.254  1.00 25.05 ? 233 HOH A O   1 
HETATM 1177 O  O   . HOH D 4 .   ? -4.867  10.353  12.105  1.00 41.81 ? 234 HOH A O   1 
HETATM 1178 O  O   . HOH D 4 .   ? -8.071  -1.686  8.853   1.00 33.57 ? 235 HOH A O   1 
HETATM 1179 O  O   . HOH D 4 .   ? -9.052  -2.880  10.742  1.00 36.48 ? 236 HOH A O   1 
HETATM 1180 O  O   . HOH D 4 .   ? -7.125  -1.956  12.070  1.00 39.25 ? 237 HOH A O   1 
HETATM 1181 O  O   . HOH D 4 .   ? -4.856  -2.844  12.887  1.00 35.10 ? 238 HOH A O   1 
HETATM 1182 O  O   . HOH D 4 .   ? 15.213  -10.228 1.856   1.00 30.17 ? 239 HOH A O   1 
HETATM 1183 O  O   . HOH D 4 .   ? 16.393  -8.578  -2.627  1.00 21.04 ? 240 HOH A O   1 
HETATM 1184 O  O   . HOH D 4 .   ? 18.035  -9.560  -0.884  1.00 37.52 ? 241 HOH A O   1 
HETATM 1185 O  O   . HOH D 4 .   ? 8.779   -10.015 10.371  1.00 20.15 ? 242 HOH A O   1 
HETATM 1186 O  O   . HOH D 4 .   ? -5.499  14.929  -5.279  1.00 25.92 ? 243 HOH A O   1 
HETATM 1187 O  O   . HOH D 4 .   ? -7.285  8.209   10.652  1.00 31.41 ? 244 HOH A O   1 
HETATM 1188 O  O   . HOH D 4 .   ? -8.963  -6.949  5.021   1.00 25.59 ? 245 HOH A O   1 
HETATM 1189 O  O   . HOH D 4 .   ? 22.876  -1.604  -4.034  1.00 20.53 ? 246 HOH A O   1 
HETATM 1190 O  O   A HOH D 4 .   ? 10.200  -11.389 5.877   0.50 27.98 ? 247 HOH A O   1 
HETATM 1191 O  O   B HOH D 4 .   ? 10.023  -12.860 4.648   0.50 18.73 ? 247 HOH A O   1 
HETATM 1192 O  O   . HOH D 4 .   ? 18.949  -6.525  -0.685  1.00 26.55 ? 248 HOH A O   1 
HETATM 1193 O  O   . HOH D 4 .   ? -4.037  17.043  -6.224  1.00 42.18 ? 249 HOH A O   1 
HETATM 1194 O  O   . HOH D 4 .   ? 23.484  -5.460  -6.004  1.00 33.99 ? 250 HOH A O   1 
HETATM 1195 O  O   . HOH D 4 .   ? -4.878  2.645   -7.986  1.00 41.29 ? 251 HOH A O   1 
HETATM 1196 O  O   . HOH D 4 .   ? 8.914   -10.211 -14.351 1.00 31.15 ? 252 HOH A O   1 
HETATM 1197 O  O   . HOH D 4 .   ? 9.709   9.058   2.215   1.00 36.77 ? 253 HOH A O   1 
HETATM 1198 O  O   . HOH D 4 .   ? 7.448   10.725  4.389   1.00 45.49 ? 254 HOH A O   1 
HETATM 1199 O  O   . HOH D 4 .   ? 10.925  0.645   12.752  1.00 28.01 ? 255 HOH A O   1 
HETATM 1200 O  O   . HOH D 4 .   ? 14.227  7.357   -5.111  1.00 30.38 ? 256 HOH A O   1 
HETATM 1201 O  O   . HOH D 4 .   ? 9.791   2.053   -12.936 1.00 32.18 ? 257 HOH A O   1 
HETATM 1202 O  O   . HOH D 4 .   ? -3.440  12.779  -6.099  1.00 46.99 ? 258 HOH A O   1 
HETATM 1203 O  O   . HOH D 4 .   ? 21.575  -6.277  -0.333  1.00 28.42 ? 259 HOH A O   1 
HETATM 1204 O  O   . HOH D 4 .   ? 23.143  -6.757  -2.467  1.00 29.03 ? 260 HOH A O   1 
HETATM 1205 O  O   . HOH D 4 .   ? 21.018  -7.327  -6.335  1.00 22.30 ? 261 HOH A O   1 
HETATM 1206 O  O   . HOH D 4 .   ? -0.159  3.079   -12.687 1.00 54.87 ? 262 HOH A O   1 
HETATM 1207 O  O   . HOH D 4 .   ? 1.337   0.458   -14.011 1.00 58.14 ? 263 HOH A O   1 
HETATM 1208 O  O   . HOH D 4 .   ? -18.715 -6.156  -3.486  1.00 42.12 ? 264 HOH A O   1 
HETATM 1209 O  O   . HOH D 4 .   ? -9.186  2.293   12.617  1.00 32.69 ? 265 HOH A O   1 
HETATM 1210 O  O   . HOH D 4 .   ? 16.446  -13.272 -4.575  1.00 38.04 ? 266 HOH A O   1 
HETATM 1211 O  O   . HOH D 4 .   ? -15.260 -5.957  7.241   1.00 36.31 ? 267 HOH A O   1 
HETATM 1212 O  O   . HOH D 4 .   ? 1.099   -4.386  10.268  1.00 34.80 ? 268 HOH A O   1 
HETATM 1213 O  O   . HOH D 4 .   ? -1.122  6.200   -10.352 1.00 43.48 ? 269 HOH A O   1 
HETATM 1214 O  O   . HOH D 4 .   ? 12.987  12.389  -1.305  1.00 55.55 ? 270 HOH A O   1 
# 
